data_7Z79
#
_entry.id   7Z79
#
_cell.length_a   164.299
_cell.length_b   164.299
_cell.length_c   190.419
_cell.angle_alpha   90.000
_cell.angle_beta   90.000
_cell.angle_gamma   120.000
#
_symmetry.space_group_name_H-M   'P 32 2 1'
#
loop_
_entity.id
_entity.type
_entity.pdbx_description
1 polymer 'Aminotransferase, class 4'
2 non-polymer GLYCEROL
3 non-polymer "PYRIDOXAL-5'-PHOSPHATE"
4 non-polymer 'PHOSPHATE ION'
5 non-polymer DI(HYDROXYETHYL)ETHER
6 water water
#
_entity_poly.entity_id   1
_entity_poly.type   'polypeptide(L)'
_entity_poly.pdbx_seq_one_letter_code
;MHADSAPSTTSSQAYAPDARNDAVLVYVNGQFVPRHQAVVSVFDAGYVCGDGVWEGVRLVDGRIVSFDAHIDRMYEGAKS
IALDIGMTRAQTKQVVVDTFLRNGMRDGAHARLMVTRGVKKTPNQDPRFIIGGATVVCVAEHKVVTPEAKRNGLKLFTST
LRCSGPDVFDLRLNSHSRLNLIQALIQAIQAGADEALMLDPNGFVSSCNSTNFFAVRNGALWTSSGRYCFNGITRATVVR
LAREAGIPVHEGDFTLAEVYAADEAFVTGTLAGLTPVSSVDGRALVPLGPLTQRLDALYRAYIASANEAHGALPAAA
;
_entity_poly.pdbx_strand_id   A,B,C,D,E,F
#
loop_
_chem_comp.id
_chem_comp.type
_chem_comp.name
_chem_comp.formula
GOL non-polymer GLYCEROL 'C3 H8 O3'
PEG non-polymer DI(HYDROXYETHYL)ETHER 'C4 H10 O3'
PLP non-polymer PYRIDOXAL-5'-PHOSPHATE 'C8 H10 N O6 P'
PO4 non-polymer 'PHOSPHATE ION' 'O4 P -3'
#
# COMPACT_ATOMS: atom_id res chain seq x y z
N TYR A 15 33.56 -12.19 15.71
CA TYR A 15 34.51 -11.86 16.80
C TYR A 15 35.48 -13.01 17.06
N ALA A 16 36.78 -12.72 17.17
CA ALA A 16 37.79 -13.74 17.48
C ALA A 16 37.57 -14.32 18.90
N PRO A 17 37.43 -15.67 19.11
CA PRO A 17 37.49 -16.27 20.46
C PRO A 17 38.54 -15.65 21.41
N ASP A 18 38.08 -15.32 22.67
CA ASP A 18 38.87 -14.57 23.65
C ASP A 18 38.45 -14.94 25.08
N ALA A 19 39.33 -15.71 25.73
CA ALA A 19 39.19 -16.27 27.07
C ALA A 19 38.82 -15.20 28.10
N ARG A 20 39.29 -13.93 27.88
CA ARG A 20 39.09 -12.82 28.81
C ARG A 20 37.61 -12.45 28.92
N ASN A 21 36.80 -12.81 27.88
CA ASN A 21 35.40 -12.47 27.83
C ASN A 21 34.57 -13.24 28.84
N ASP A 22 35.07 -14.43 29.22
CA ASP A 22 34.42 -15.23 30.25
C ASP A 22 34.38 -14.51 31.61
N ALA A 23 35.32 -13.61 31.90
CA ALA A 23 35.52 -13.01 33.22
C ALA A 23 35.10 -11.53 33.25
N VAL A 24 34.54 -10.98 32.15
CA VAL A 24 34.28 -9.53 32.16
C VAL A 24 33.19 -9.22 33.20
N LEU A 25 33.28 -8.00 33.72
CA LEU A 25 32.25 -7.45 34.60
C LEU A 25 31.25 -6.65 33.75
N VAL A 26 29.96 -6.89 34.02
CA VAL A 26 28.85 -6.25 33.31
C VAL A 26 28.28 -5.23 34.26
N TYR A 27 28.03 -4.04 33.74
CA TYR A 27 27.32 -3.01 34.50
C TYR A 27 25.84 -3.36 34.50
N VAL A 28 25.28 -3.42 35.69
CA VAL A 28 23.84 -3.59 35.89
C VAL A 28 23.41 -2.63 37.02
N ASN A 29 22.76 -1.54 36.63
CA ASN A 29 22.14 -0.65 37.58
C ASN A 29 23.15 -0.16 38.61
N GLY A 30 24.36 0.15 38.11
CA GLY A 30 25.36 0.83 38.94
C GLY A 30 26.37 -0.15 39.55
N GLN A 31 26.10 -1.46 39.48
CA GLN A 31 26.97 -2.48 40.00
C GLN A 31 27.73 -3.10 38.85
N PHE A 32 28.98 -3.50 39.15
CA PHE A 32 29.78 -4.34 38.26
C PHE A 32 29.65 -5.78 38.71
N VAL A 33 29.11 -6.59 37.82
CA VAL A 33 28.67 -7.93 38.19
C VAL A 33 29.42 -8.87 37.25
N PRO A 34 30.06 -9.95 37.77
CA PRO A 34 30.65 -10.98 36.88
C PRO A 34 29.57 -11.47 35.92
N ARG A 35 30.02 -11.69 34.70
CA ARG A 35 29.29 -12.16 33.53
C ARG A 35 28.16 -13.14 33.90
N HIS A 36 28.49 -14.23 34.63
CA HIS A 36 27.57 -15.34 34.85
C HIS A 36 26.51 -14.96 35.86
N GLN A 37 26.67 -13.81 36.53
CA GLN A 37 25.74 -13.39 37.54
C GLN A 37 25.00 -12.13 37.11
N ALA A 38 25.31 -11.57 35.92
CA ALA A 38 24.74 -10.32 35.46
C ALA A 38 23.32 -10.63 35.00
N VAL A 39 22.35 -10.14 35.76
CA VAL A 39 20.96 -10.58 35.62
C VAL A 39 20.04 -9.38 35.73
N VAL A 40 18.81 -9.59 35.28
CA VAL A 40 17.78 -8.55 35.35
C VAL A 40 16.49 -9.26 35.82
N SER A 41 15.61 -8.54 36.52
CA SER A 41 14.31 -9.06 36.97
C SER A 41 13.52 -9.63 35.77
N VAL A 42 12.83 -10.77 36.01
CA VAL A 42 11.91 -11.30 35.01
C VAL A 42 10.73 -10.33 34.78
N PHE A 43 10.63 -9.31 35.58
CA PHE A 43 9.55 -8.32 35.51
C PHE A 43 10.06 -7.09 34.76
N ASP A 44 11.29 -7.14 34.30
CA ASP A 44 11.84 -5.96 33.61
C ASP A 44 11.11 -5.78 32.26
N ALA A 45 10.80 -4.52 31.94
CA ALA A 45 10.16 -4.19 30.68
C ALA A 45 10.92 -4.72 29.46
N GLY A 46 12.29 -4.74 29.56
CA GLY A 46 13.15 -5.24 28.51
C GLY A 46 12.85 -6.71 28.23
N TYR A 47 12.80 -7.50 29.30
CA TYR A 47 12.58 -8.95 29.12
C TYR A 47 11.13 -9.23 28.79
N VAL A 48 10.18 -8.49 29.37
CA VAL A 48 8.80 -8.92 29.18
C VAL A 48 8.29 -8.53 27.79
N CYS A 49 8.79 -7.39 27.26
CA CYS A 49 8.13 -6.62 26.25
C CYS A 49 9.10 -6.11 25.19
N GLY A 50 10.41 -6.36 25.35
CA GLY A 50 11.38 -5.80 24.43
C GLY A 50 11.34 -4.27 24.49
N ASP A 51 11.08 -3.75 25.71
CA ASP A 51 10.77 -2.34 25.86
C ASP A 51 12.01 -1.59 26.34
N GLY A 52 12.81 -1.10 25.39
CA GLY A 52 14.06 -0.43 25.71
C GLY A 52 14.81 0.00 24.45
N VAL A 53 15.90 0.81 24.60
CA VAL A 53 16.72 1.20 23.47
C VAL A 53 18.15 0.88 23.86
N TRP A 54 19.00 0.67 22.84
CA TRP A 54 20.39 0.27 23.07
C TRP A 54 21.30 0.91 22.04
N GLU A 55 22.61 0.85 22.32
CA GLU A 55 23.61 1.34 21.40
C GLU A 55 24.78 0.41 21.55
N GLY A 56 25.43 0.11 20.43
CA GLY A 56 26.73 -0.58 20.48
C GLY A 56 27.81 0.45 20.13
N VAL A 57 28.88 0.46 20.91
CA VAL A 57 30.00 1.33 20.60
C VAL A 57 31.28 0.50 20.55
N ARG A 58 32.21 1.01 19.75
CA ARG A 58 33.52 0.35 19.58
C ARG A 58 34.59 1.25 20.18
N LEU A 59 35.48 0.65 20.92
CA LEU A 59 36.62 1.30 21.55
C LEU A 59 37.86 1.01 20.69
N VAL A 60 38.48 2.07 20.17
CA VAL A 60 39.68 1.96 19.33
C VAL A 60 40.73 2.94 19.85
N ASP A 61 41.92 2.41 20.21
CA ASP A 61 43.10 3.17 20.66
C ASP A 61 42.70 4.22 21.72
N GLY A 62 41.99 3.79 22.78
CA GLY A 62 41.52 4.63 23.88
C GLY A 62 40.41 5.65 23.53
N ARG A 63 39.71 5.41 22.41
CA ARG A 63 38.66 6.36 21.97
C ARG A 63 37.38 5.61 21.65
N ILE A 64 36.26 6.01 22.25
CA ILE A 64 34.97 5.42 21.93
C ILE A 64 34.50 6.07 20.64
N VAL A 65 34.41 5.25 19.57
CA VAL A 65 34.16 5.74 18.21
C VAL A 65 32.75 6.35 18.10
N SER A 66 32.71 7.63 17.68
CA SER A 66 31.47 8.32 17.35
C SER A 66 30.53 8.30 18.56
N PHE A 67 31.05 8.56 19.76
CA PHE A 67 30.32 8.26 20.99
C PHE A 67 29.07 9.14 21.10
N ASP A 68 29.21 10.47 20.95
CA ASP A 68 28.11 11.39 20.97
C ASP A 68 27.02 11.02 19.96
N ALA A 69 27.42 10.64 18.74
CA ALA A 69 26.44 10.26 17.74
C ALA A 69 25.60 9.08 18.28
N HIS A 70 26.24 8.12 18.96
CA HIS A 70 25.50 7.00 19.51
C HIS A 70 24.55 7.46 20.61
N ILE A 71 25.00 8.38 21.47
CA ILE A 71 24.22 8.80 22.61
C ILE A 71 23.03 9.61 22.15
N ASP A 72 23.23 10.39 21.09
CA ASP A 72 22.20 11.21 20.47
C ASP A 72 21.10 10.30 19.98
N ARG A 73 21.50 9.18 19.33
CA ARG A 73 20.50 8.27 18.81
C ARG A 73 19.72 7.65 19.96
N MET A 74 20.43 7.29 21.04
CA MET A 74 19.78 6.68 22.18
C MET A 74 18.74 7.65 22.77
N TYR A 75 19.10 8.94 22.89
CA TYR A 75 18.24 9.93 23.53
C TYR A 75 16.99 10.15 22.66
N GLU A 76 17.18 10.17 21.35
CA GLU A 76 16.04 10.35 20.41
C GLU A 76 15.17 9.09 20.45
N GLY A 77 15.79 7.92 20.45
CA GLY A 77 14.97 6.72 20.41
C GLY A 77 14.18 6.56 21.71
N ALA A 78 14.85 6.85 22.85
CA ALA A 78 14.17 6.77 24.15
C ALA A 78 13.01 7.76 24.15
N LYS A 79 13.23 9.02 23.68
CA LYS A 79 12.19 10.03 23.65
C LYS A 79 11.03 9.49 22.81
N SER A 80 11.30 8.80 21.67
CA SER A 80 10.21 8.39 20.82
C SER A 80 9.24 7.46 21.54
N ILE A 81 9.78 6.64 22.49
CA ILE A 81 8.89 5.70 23.19
C ILE A 81 8.64 6.14 24.62
N ALA A 82 8.81 7.46 24.88
CA ALA A 82 8.47 8.10 26.16
C ALA A 82 9.25 7.39 27.25
N LEU A 83 10.46 6.91 26.94
CA LEU A 83 11.24 6.21 27.95
C LEU A 83 12.19 7.23 28.56
N ASP A 84 12.11 7.42 29.89
CA ASP A 84 13.03 8.36 30.53
C ASP A 84 14.33 7.60 30.84
N ILE A 85 15.46 7.94 30.21
CA ILE A 85 16.68 7.17 30.54
C ILE A 85 17.12 7.45 32.00
N GLY A 86 16.72 8.59 32.58
CA GLY A 86 16.91 8.87 33.99
C GLY A 86 18.35 9.25 34.32
N MET A 87 19.14 9.66 33.30
CA MET A 87 20.55 10.06 33.39
C MET A 87 20.76 11.24 32.43
N THR A 88 21.67 12.13 32.76
CA THR A 88 22.14 13.10 31.79
C THR A 88 23.03 12.37 30.77
N ARG A 89 23.28 13.00 29.64
CA ARG A 89 24.12 12.39 28.58
C ARG A 89 25.52 12.14 29.13
N ALA A 90 26.07 13.09 29.90
CA ALA A 90 27.37 12.89 30.51
C ALA A 90 27.39 11.62 31.38
N GLN A 91 26.36 11.45 32.22
CA GLN A 91 26.24 10.29 33.07
C GLN A 91 26.15 8.99 32.26
N THR A 92 25.39 9.03 31.16
CA THR A 92 25.21 7.86 30.32
C THR A 92 26.58 7.46 29.75
N LYS A 93 27.31 8.48 29.30
CA LYS A 93 28.63 8.28 28.70
C LYS A 93 29.51 7.61 29.75
N GLN A 94 29.39 8.10 31.01
CA GLN A 94 30.22 7.67 32.12
C GLN A 94 29.97 6.17 32.42
N VAL A 95 28.74 5.69 32.23
CA VAL A 95 28.45 4.27 32.36
C VAL A 95 29.37 3.46 31.43
N VAL A 96 29.47 3.91 30.18
CA VAL A 96 30.21 3.18 29.17
C VAL A 96 31.72 3.20 29.48
N VAL A 97 32.20 4.42 29.77
CA VAL A 97 33.56 4.68 30.19
C VAL A 97 33.91 3.78 31.35
N ASP A 98 33.07 3.78 32.40
CA ASP A 98 33.35 2.99 33.60
C ASP A 98 33.39 1.50 33.28
N THR A 99 32.51 1.04 32.39
CA THR A 99 32.46 -0.37 32.04
C THR A 99 33.75 -0.74 31.29
N PHE A 100 34.25 0.12 30.38
CA PHE A 100 35.51 -0.22 29.75
C PHE A 100 36.68 -0.22 30.76
N LEU A 101 36.75 0.82 31.60
CA LEU A 101 37.81 1.00 32.59
C LEU A 101 37.82 -0.13 33.60
N ARG A 102 36.65 -0.56 34.07
CA ARG A 102 36.57 -1.62 35.05
C ARG A 102 37.12 -2.93 34.48
N ASN A 103 37.08 -3.10 33.15
CA ASN A 103 37.49 -4.33 32.51
C ASN A 103 38.90 -4.19 31.93
N GLY A 104 39.56 -3.06 32.20
CA GLY A 104 40.89 -2.72 31.68
C GLY A 104 40.94 -2.68 30.16
N MET A 105 39.84 -2.31 29.48
CA MET A 105 39.84 -2.26 28.04
C MET A 105 40.25 -0.87 27.55
N ARG A 106 41.20 -0.83 26.60
CA ARG A 106 41.66 0.41 25.96
C ARG A 106 41.53 0.34 24.43
N ASP A 107 41.48 -0.89 23.90
CA ASP A 107 41.48 -1.13 22.47
C ASP A 107 40.76 -2.46 22.14
N GLY A 108 40.24 -2.63 20.93
CA GLY A 108 39.81 -3.99 20.53
C GLY A 108 38.61 -4.48 21.34
N ALA A 109 37.74 -3.52 21.71
CA ALA A 109 36.58 -3.85 22.50
C ALA A 109 35.36 -3.11 21.99
N HIS A 110 34.21 -3.62 22.41
CA HIS A 110 32.91 -3.22 21.94
C HIS A 110 32.01 -3.24 23.20
N ALA A 111 31.03 -2.32 23.28
CA ALA A 111 30.11 -2.41 24.39
C ALA A 111 28.71 -2.25 23.85
N ARG A 112 27.78 -2.99 24.50
CA ARG A 112 26.38 -2.81 24.25
C ARG A 112 25.76 -2.15 25.50
N LEU A 113 25.28 -0.92 25.32
CA LEU A 113 24.59 -0.19 26.37
C LEU A 113 23.09 -0.35 26.14
N MET A 114 22.44 -1.00 27.11
CA MET A 114 21.03 -1.33 27.03
C MET A 114 20.26 -0.62 28.15
N VAL A 115 19.21 0.11 27.79
CA VAL A 115 18.40 0.89 28.70
C VAL A 115 16.94 0.48 28.44
N THR A 116 16.34 -0.17 29.42
CA THR A 116 14.98 -0.71 29.32
C THR A 116 14.10 0.06 30.31
N ARG A 117 12.77 0.00 30.13
CA ARG A 117 11.92 0.99 30.80
C ARG A 117 11.96 0.80 32.32
N GLY A 118 12.17 -0.45 32.78
CA GLY A 118 12.41 -0.69 34.20
C GLY A 118 11.63 -1.91 34.68
N VAL A 119 11.64 -2.13 35.99
CA VAL A 119 10.92 -3.22 36.60
C VAL A 119 9.41 -2.93 36.69
N LYS A 120 8.61 -3.86 36.23
CA LYS A 120 7.17 -3.64 36.24
C LYS A 120 6.54 -4.23 37.51
N LYS A 121 5.39 -3.64 37.93
CA LYS A 121 4.59 -4.10 39.05
C LYS A 121 4.06 -5.48 38.72
N THR A 122 3.77 -5.72 37.43
CA THR A 122 3.22 -6.97 36.93
C THR A 122 3.67 -7.08 35.48
N PRO A 123 3.94 -8.28 34.91
CA PRO A 123 4.38 -8.37 33.54
C PRO A 123 3.20 -8.11 32.58
N ASN A 124 3.27 -6.97 31.88
CA ASN A 124 2.34 -6.60 30.83
C ASN A 124 2.99 -5.49 29.99
N GLN A 125 2.32 -5.02 28.95
CA GLN A 125 2.91 -4.08 28.01
C GLN A 125 2.79 -2.63 28.51
N ASP A 126 1.95 -2.38 29.54
CA ASP A 126 1.54 -1.02 29.81
C ASP A 126 2.72 -0.25 30.38
N PRO A 127 3.20 0.86 29.77
CA PRO A 127 4.41 1.54 30.28
C PRO A 127 4.26 2.30 31.60
N ARG A 128 3.04 2.35 32.13
CA ARG A 128 2.79 3.14 33.32
C ARG A 128 3.14 2.35 34.56
N PHE A 129 3.16 1.04 34.49
CA PHE A 129 3.29 0.23 35.68
C PHE A 129 4.77 0.03 36.12
N ILE A 130 5.64 1.09 36.23
CA ILE A 130 7.07 0.97 36.45
C ILE A 130 7.42 1.29 37.90
N ILE A 131 7.97 0.36 38.67
CA ILE A 131 8.63 0.64 39.94
C ILE A 131 10.02 1.21 39.60
N GLY A 132 10.31 2.41 40.07
CA GLY A 132 11.71 2.85 40.07
C GLY A 132 12.05 3.40 38.69
N GLY A 133 13.38 3.43 38.38
CA GLY A 133 13.85 4.05 37.14
C GLY A 133 14.17 2.99 36.06
N ALA A 134 14.59 3.48 34.91
CA ALA A 134 15.11 2.69 33.82
C ALA A 134 16.21 1.73 34.34
N THR A 135 16.19 0.49 33.80
CA THR A 135 17.27 -0.49 33.94
C THR A 135 18.37 -0.15 32.90
N VAL A 136 19.61 -0.13 33.40
CA VAL A 136 20.78 0.23 32.63
C VAL A 136 21.78 -0.92 32.71
N VAL A 137 22.10 -1.53 31.58
CA VAL A 137 23.06 -2.61 31.46
C VAL A 137 24.08 -2.26 30.40
N CYS A 138 25.33 -2.56 30.71
CA CYS A 138 26.43 -2.34 29.78
C CYS A 138 27.32 -3.57 29.74
N VAL A 139 27.34 -4.23 28.59
CA VAL A 139 28.14 -5.43 28.36
C VAL A 139 29.30 -5.03 27.47
N ALA A 140 30.51 -5.01 28.05
CA ALA A 140 31.72 -4.75 27.27
C ALA A 140 32.45 -6.07 27.08
N GLU A 141 32.93 -6.28 25.86
CA GLU A 141 33.63 -7.55 25.50
C GLU A 141 34.76 -7.27 24.52
N HIS A 142 35.87 -8.00 24.63
CA HIS A 142 36.98 -7.96 23.67
C HIS A 142 36.45 -8.53 22.36
N LYS A 143 36.49 -7.77 21.28
CA LYS A 143 35.86 -8.26 20.03
C LYS A 143 36.67 -7.86 18.80
N VAL A 144 37.92 -8.33 18.65
CA VAL A 144 38.57 -8.02 17.37
C VAL A 144 37.96 -8.93 16.29
N VAL A 145 37.37 -8.32 15.25
CA VAL A 145 36.88 -9.02 14.06
C VAL A 145 38.03 -8.96 13.05
N THR A 146 38.80 -10.07 12.88
CA THR A 146 40.06 -10.03 12.12
C THR A 146 39.73 -9.82 10.64
N PRO A 147 40.53 -9.05 9.80
CA PRO A 147 40.35 -9.02 8.32
C PRO A 147 40.34 -10.38 7.59
N GLU A 148 41.10 -11.37 8.12
CA GLU A 148 41.07 -12.82 7.85
C GLU A 148 39.63 -13.35 7.80
N ALA A 149 38.90 -13.08 8.89
CA ALA A 149 37.55 -13.55 9.17
C ALA A 149 36.52 -12.89 8.23
N LYS A 150 36.75 -11.61 7.83
CA LYS A 150 35.78 -10.65 7.31
C LYS A 150 35.83 -10.59 5.78
N ARG A 151 37.10 -10.61 5.27
CA ARG A 151 37.47 -10.25 3.92
C ARG A 151 36.73 -11.08 2.87
N ASN A 152 36.35 -12.34 3.20
CA ASN A 152 35.74 -13.23 2.21
C ASN A 152 34.27 -12.91 1.95
N GLY A 153 33.63 -12.24 2.90
CA GLY A 153 32.38 -11.63 2.59
C GLY A 153 31.16 -12.49 2.90
N LEU A 154 30.09 -11.72 3.18
CA LEU A 154 28.82 -12.27 3.59
C LEU A 154 28.00 -12.67 2.37
N LYS A 155 27.30 -13.80 2.52
CA LYS A 155 26.22 -14.12 1.66
C LYS A 155 24.93 -13.51 2.21
N LEU A 156 24.21 -12.79 1.33
CA LEU A 156 22.95 -12.16 1.67
C LEU A 156 21.82 -12.90 0.96
N PHE A 157 20.66 -13.06 1.63
CA PHE A 157 19.43 -13.46 0.94
C PHE A 157 18.38 -12.39 1.18
N THR A 158 17.68 -11.98 0.12
CA THR A 158 16.63 -10.98 0.29
C THR A 158 15.41 -11.70 0.86
N SER A 159 15.16 -11.44 2.15
CA SER A 159 14.05 -12.08 2.84
C SER A 159 12.74 -11.63 2.22
N THR A 160 11.74 -12.50 2.34
CA THR A 160 10.37 -12.12 1.98
C THR A 160 9.79 -11.12 3.00
N LEU A 161 10.38 -11.01 4.21
CA LEU A 161 9.86 -10.16 5.26
C LEU A 161 10.40 -8.75 5.06
N ARG A 162 9.52 -7.78 5.17
CA ARG A 162 9.89 -6.42 4.76
C ARG A 162 10.09 -5.42 5.87
N CYS A 163 10.97 -4.47 5.62
CA CYS A 163 11.02 -3.30 6.46
C CYS A 163 9.66 -2.61 6.57
N SER A 164 9.29 -2.17 7.80
CA SER A 164 8.01 -1.51 8.01
C SER A 164 8.15 -0.01 7.72
N GLY A 165 7.02 0.61 7.35
CA GLY A 165 6.96 2.07 7.42
C GLY A 165 6.84 2.55 8.87
N PRO A 166 7.10 3.85 9.14
CA PRO A 166 7.13 4.35 10.53
C PRO A 166 5.75 4.41 11.20
N ASP A 167 4.66 4.31 10.43
CA ASP A 167 3.39 4.18 11.14
C ASP A 167 3.12 2.75 11.63
N VAL A 168 3.97 1.78 11.27
CA VAL A 168 3.85 0.45 11.84
C VAL A 168 4.94 0.25 12.90
N PHE A 169 6.19 0.49 12.50
CA PHE A 169 7.29 0.42 13.43
C PHE A 169 8.43 1.13 12.75
N ASP A 170 8.94 2.18 13.42
CA ASP A 170 9.96 3.06 12.85
C ASP A 170 11.30 2.38 13.04
N LEU A 171 11.91 1.91 11.92
CA LEU A 171 13.15 1.18 12.05
C LEU A 171 14.36 2.06 12.36
N ARG A 172 14.18 3.39 12.46
CA ARG A 172 15.25 4.24 13.02
C ARG A 172 15.41 3.92 14.52
N LEU A 173 14.37 3.36 15.18
CA LEU A 173 14.45 3.01 16.58
C LEU A 173 15.40 1.84 16.78
N ASN A 174 16.41 2.03 17.66
CA ASN A 174 17.33 0.94 18.01
C ASN A 174 16.86 0.29 19.31
N SER A 175 15.90 -0.65 19.22
CA SER A 175 15.13 -1.07 20.38
C SER A 175 15.39 -2.53 20.72
N HIS A 176 14.81 -2.93 21.88
CA HIS A 176 14.86 -4.29 22.36
C HIS A 176 13.76 -5.14 21.73
N SER A 177 12.97 -4.59 20.79
CA SER A 177 11.92 -5.37 20.15
C SER A 177 12.43 -5.76 18.76
N ARG A 178 13.09 -6.92 18.62
CA ARG A 178 13.95 -7.15 17.44
C ARG A 178 13.46 -8.35 16.64
N LEU A 179 12.32 -8.96 17.00
CA LEU A 179 11.77 -10.07 16.24
C LEU A 179 11.47 -9.62 14.79
N ASN A 180 11.17 -8.33 14.54
CA ASN A 180 10.89 -7.96 13.15
C ASN A 180 12.17 -8.17 12.31
N LEU A 181 13.39 -7.95 12.89
CA LEU A 181 14.64 -8.21 12.19
C LEU A 181 15.03 -9.70 12.18
N ILE A 182 14.86 -10.36 13.31
CA ILE A 182 15.31 -11.74 13.50
C ILE A 182 14.57 -12.65 12.52
N GLN A 183 13.29 -12.38 12.32
CA GLN A 183 12.50 -13.20 11.42
C GLN A 183 13.06 -13.22 10.00
N ALA A 184 13.50 -12.04 9.51
CA ALA A 184 14.11 -11.93 8.20
C ALA A 184 15.40 -12.78 8.17
N LEU A 185 16.22 -12.66 9.23
CA LEU A 185 17.47 -13.35 9.35
C LEU A 185 17.21 -14.84 9.31
N ILE A 186 16.19 -15.32 10.04
CA ILE A 186 15.93 -16.78 10.11
C ILE A 186 15.71 -17.29 8.69
N GLN A 187 14.89 -16.57 7.89
CA GLN A 187 14.64 -17.01 6.52
C GLN A 187 15.96 -17.00 5.73
N ALA A 188 16.78 -15.94 5.85
CA ALA A 188 18.03 -15.90 5.16
C ALA A 188 18.93 -17.07 5.58
N ILE A 189 18.99 -17.40 6.87
CA ILE A 189 19.84 -18.48 7.32
C ILE A 189 19.41 -19.76 6.62
N GLN A 190 18.10 -19.99 6.51
CA GLN A 190 17.68 -21.24 5.91
C GLN A 190 17.93 -21.26 4.41
N ALA A 191 18.18 -20.12 3.79
CA ALA A 191 18.50 -20.10 2.36
C ALA A 191 20.02 -20.31 2.21
N GLY A 192 20.76 -20.52 3.31
CA GLY A 192 22.21 -20.71 3.19
C GLY A 192 22.92 -19.37 3.21
N ALA A 193 22.26 -18.28 3.64
CA ALA A 193 22.92 -16.98 3.69
C ALA A 193 23.38 -16.62 5.11
N ASP A 194 24.20 -15.57 5.25
CA ASP A 194 24.72 -15.16 6.54
C ASP A 194 23.86 -14.06 7.19
N GLU A 195 23.17 -13.28 6.34
CA GLU A 195 22.49 -12.05 6.69
C GLU A 195 21.31 -11.90 5.74
N ALA A 196 20.18 -11.34 6.22
CA ALA A 196 19.06 -11.00 5.36
C ALA A 196 19.26 -9.63 4.79
N LEU A 197 19.01 -9.51 3.49
CA LEU A 197 18.75 -8.18 2.95
C LEU A 197 17.20 -7.99 3.01
N MET A 198 16.75 -6.75 3.19
CA MET A 198 15.33 -6.47 3.39
C MET A 198 14.91 -5.33 2.46
N LEU A 199 13.78 -5.55 1.76
CA LEU A 199 13.20 -4.51 0.96
C LEU A 199 12.28 -3.64 1.84
N ASP A 200 12.06 -2.40 1.36
CA ASP A 200 11.13 -1.52 2.04
C ASP A 200 9.72 -1.82 1.55
N PRO A 201 8.63 -1.20 2.06
CA PRO A 201 7.27 -1.61 1.64
C PRO A 201 7.03 -1.41 0.15
N ASN A 202 7.89 -0.64 -0.55
CA ASN A 202 7.64 -0.39 -1.96
C ASN A 202 8.42 -1.36 -2.85
N GLY A 203 9.31 -2.19 -2.24
CA GLY A 203 10.12 -3.16 -2.95
C GLY A 203 11.54 -2.72 -3.23
N PHE A 204 11.94 -1.50 -2.78
CA PHE A 204 13.30 -1.02 -3.00
C PHE A 204 14.20 -1.55 -1.91
N VAL A 205 15.51 -1.59 -2.23
CA VAL A 205 16.45 -2.14 -1.27
C VAL A 205 16.53 -1.25 -0.01
N SER A 206 16.47 -1.84 1.19
CA SER A 206 16.45 -0.97 2.38
C SER A 206 17.73 -1.18 3.19
N SER A 207 17.91 -2.41 3.75
CA SER A 207 19.04 -2.60 4.63
C SER A 207 19.19 -4.09 4.89
N CYS A 208 20.27 -4.48 5.59
CA CYS A 208 20.28 -5.83 6.11
C CYS A 208 19.56 -5.88 7.48
N ASN A 209 19.42 -7.09 8.05
CA ASN A 209 18.70 -7.23 9.31
C ASN A 209 19.49 -6.60 10.47
N SER A 210 20.81 -6.49 10.38
CA SER A 210 21.58 -5.98 11.50
C SER A 210 22.67 -5.06 11.02
N THR A 211 22.82 -4.86 9.70
CA THR A 211 23.86 -3.96 9.18
C THR A 211 23.22 -3.12 8.09
N ASN A 212 23.79 -1.95 7.80
CA ASN A 212 23.32 -1.16 6.65
C ASN A 212 23.95 -1.69 5.37
N PHE A 213 23.23 -1.53 4.22
CA PHE A 213 23.69 -2.16 2.98
C PHE A 213 24.13 -1.10 2.00
N PHE A 214 25.28 -1.37 1.35
CA PHE A 214 25.75 -0.45 0.31
C PHE A 214 26.09 -1.25 -0.97
N ALA A 215 25.90 -0.61 -2.15
CA ALA A 215 26.41 -1.16 -3.38
C ALA A 215 27.32 -0.17 -4.10
N VAL A 216 28.20 -0.71 -4.94
CA VAL A 216 29.12 0.07 -5.78
C VAL A 216 28.81 -0.29 -7.22
N ARG A 217 28.50 0.74 -7.98
CA ARG A 217 28.15 0.65 -9.39
C ARG A 217 28.90 1.79 -10.05
N ASN A 218 29.82 1.35 -10.90
CA ASN A 218 30.56 2.23 -11.75
C ASN A 218 31.27 3.31 -10.94
N GLY A 219 32.00 2.96 -9.88
CA GLY A 219 32.74 4.00 -9.16
C GLY A 219 31.83 4.80 -8.22
N ALA A 220 30.51 4.55 -8.18
CA ALA A 220 29.63 5.29 -7.28
C ALA A 220 29.13 4.39 -6.14
N LEU A 221 28.98 5.02 -4.97
CA LEU A 221 28.38 4.39 -3.81
C LEU A 221 26.86 4.62 -3.76
N TRP A 222 26.10 3.51 -3.65
CA TRP A 222 24.68 3.50 -3.57
C TRP A 222 24.30 2.93 -2.19
N THR A 223 23.34 3.58 -1.54
CA THR A 223 22.70 3.05 -0.35
C THR A 223 21.26 3.56 -0.33
N SER A 224 20.38 2.91 0.43
CA SER A 224 18.99 3.40 0.52
C SER A 224 18.95 4.80 1.19
N SER A 225 17.79 5.42 1.09
CA SER A 225 17.56 6.75 1.72
C SER A 225 17.54 6.62 3.24
N GLY A 226 17.42 5.38 3.74
CA GLY A 226 17.28 5.20 5.17
C GLY A 226 15.87 5.55 5.73
N ARG A 227 14.88 5.80 4.87
CA ARG A 227 13.54 6.09 5.35
C ARG A 227 12.99 4.83 6.03
N TYR A 228 13.53 3.64 5.73
CA TYR A 228 12.94 2.40 6.22
C TYR A 228 13.93 1.46 6.88
N CYS A 229 14.96 2.05 7.53
CA CYS A 229 15.89 1.16 8.25
C CYS A 229 16.63 1.97 9.31
N PHE A 230 17.36 1.26 10.18
CA PHE A 230 18.25 1.91 11.14
C PHE A 230 19.19 2.81 10.37
N ASN A 231 19.38 4.03 10.87
CA ASN A 231 20.32 4.98 10.23
C ASN A 231 21.65 4.84 10.93
N GLY A 232 22.43 3.82 10.56
CA GLY A 232 23.61 3.46 11.37
C GLY A 232 24.62 4.59 11.40
N ILE A 233 25.40 4.60 12.46
CA ILE A 233 26.43 5.60 12.60
C ILE A 233 27.49 5.31 11.54
N THR A 234 27.81 3.99 11.42
CA THR A 234 28.84 3.61 10.47
C THR A 234 28.39 3.98 9.04
N ARG A 235 27.10 3.71 8.70
CA ARG A 235 26.54 4.12 7.44
C ARG A 235 26.82 5.60 7.18
N ALA A 236 26.50 6.44 8.18
CA ALA A 236 26.59 7.87 8.00
C ALA A 236 28.07 8.24 7.81
N THR A 237 28.96 7.62 8.58
CA THR A 237 30.38 7.88 8.47
C THR A 237 30.89 7.53 7.07
N VAL A 238 30.43 6.40 6.52
CA VAL A 238 30.93 5.95 5.23
C VAL A 238 30.48 6.89 4.11
N VAL A 239 29.20 7.31 4.18
CA VAL A 239 28.65 8.30 3.24
C VAL A 239 29.52 9.56 3.28
N ARG A 240 29.81 10.07 4.48
CA ARG A 240 30.59 11.33 4.62
C ARG A 240 32.02 11.14 4.11
N LEU A 241 32.66 10.03 4.43
CA LEU A 241 34.00 9.81 3.92
C LEU A 241 34.00 9.72 2.38
N ALA A 242 32.98 9.10 1.82
CA ALA A 242 32.83 8.99 0.38
C ALA A 242 32.78 10.40 -0.26
N ARG A 243 31.91 11.24 0.25
CA ARG A 243 31.76 12.62 -0.29
C ARG A 243 33.05 13.42 -0.09
N GLU A 244 33.73 13.26 1.05
CA GLU A 244 34.96 13.99 1.31
C GLU A 244 36.09 13.55 0.36
N ALA A 245 36.04 12.30 -0.11
CA ALA A 245 36.97 11.71 -1.07
C ALA A 245 36.50 12.00 -2.51
N GLY A 246 35.40 12.72 -2.71
CA GLY A 246 34.86 12.96 -4.05
C GLY A 246 34.30 11.70 -4.73
N ILE A 247 34.02 10.62 -3.95
CA ILE A 247 33.28 9.48 -4.50
C ILE A 247 31.81 9.87 -4.60
N PRO A 248 31.13 9.76 -5.78
CA PRO A 248 29.69 10.04 -5.85
C PRO A 248 28.89 9.06 -4.96
N VAL A 249 27.84 9.62 -4.34
CA VAL A 249 26.94 8.87 -3.48
C VAL A 249 25.50 9.02 -3.98
N HIS A 250 24.92 7.87 -4.37
CA HIS A 250 23.47 7.80 -4.72
CA HIS A 250 23.47 7.77 -4.74
C HIS A 250 22.60 7.17 -3.57
N GLU A 251 22.08 8.09 -2.77
CA GLU A 251 21.33 7.71 -1.59
C GLU A 251 19.87 7.86 -1.98
N GLY A 252 19.14 6.78 -2.15
CA GLY A 252 17.95 6.82 -2.97
C GLY A 252 17.39 5.42 -3.20
N ASP A 253 16.35 5.36 -4.04
CA ASP A 253 15.66 4.09 -4.30
C ASP A 253 16.44 3.30 -5.34
N PHE A 254 16.81 2.08 -4.97
CA PHE A 254 17.42 1.21 -5.96
C PHE A 254 16.89 -0.20 -5.77
N THR A 255 17.14 -1.06 -6.78
CA THR A 255 16.42 -2.34 -6.88
C THR A 255 17.39 -3.50 -6.69
N LEU A 256 16.83 -4.68 -6.43
CA LEU A 256 17.64 -5.91 -6.52
C LEU A 256 18.39 -6.00 -7.88
N ALA A 257 17.76 -5.61 -9.04
CA ALA A 257 18.47 -5.66 -10.31
C ALA A 257 19.76 -4.87 -10.22
N GLU A 258 19.69 -3.70 -9.60
CA GLU A 258 20.89 -2.83 -9.48
C GLU A 258 21.90 -3.46 -8.53
N VAL A 259 21.44 -4.27 -7.58
CA VAL A 259 22.38 -4.97 -6.74
C VAL A 259 23.06 -6.10 -7.51
N TYR A 260 22.26 -6.91 -8.20
CA TYR A 260 22.80 -8.10 -8.86
C TYR A 260 23.82 -7.70 -9.94
N ALA A 261 23.68 -6.47 -10.50
CA ALA A 261 24.59 -6.01 -11.56
C ALA A 261 25.64 -5.07 -10.92
N ALA A 262 25.72 -4.97 -9.58
CA ALA A 262 26.69 -4.04 -8.98
C ALA A 262 28.11 -4.56 -9.20
N ASP A 263 29.11 -3.65 -9.09
CA ASP A 263 30.52 -4.04 -9.10
C ASP A 263 30.95 -4.61 -7.76
N GLU A 264 30.45 -3.99 -6.67
CA GLU A 264 30.81 -4.42 -5.30
C GLU A 264 29.61 -4.17 -4.39
N ALA A 265 29.59 -4.88 -3.25
CA ALA A 265 28.64 -4.50 -2.22
C ALA A 265 29.33 -4.71 -0.87
N PHE A 266 28.80 -4.03 0.16
CA PHE A 266 29.32 -4.26 1.51
C PHE A 266 28.26 -3.79 2.48
N VAL A 267 28.41 -4.22 3.75
CA VAL A 267 27.51 -3.81 4.79
C VAL A 267 28.35 -3.08 5.85
N THR A 268 27.66 -2.27 6.65
CA THR A 268 28.31 -1.48 7.70
C THR A 268 27.61 -1.69 9.02
N GLY A 269 28.41 -1.58 10.09
CA GLY A 269 27.87 -1.50 11.44
C GLY A 269 29.03 -1.33 12.42
N THR A 270 28.68 -1.05 13.69
CA THR A 270 29.72 -0.76 14.67
C THR A 270 30.63 -1.96 14.87
N LEU A 271 30.03 -3.12 14.87
CA LEU A 271 30.73 -4.30 15.34
C LEU A 271 31.83 -4.66 14.35
N ALA A 272 31.50 -4.72 13.04
CA ALA A 272 32.46 -5.23 12.10
C ALA A 272 33.05 -4.16 11.13
N GLY A 273 32.59 -2.89 11.20
CA GLY A 273 33.05 -1.90 10.24
C GLY A 273 32.41 -2.09 8.87
N LEU A 274 33.24 -2.15 7.81
CA LEU A 274 32.81 -2.53 6.47
C LEU A 274 33.06 -4.02 6.28
N THR A 275 32.01 -4.79 6.05
CA THR A 275 32.15 -6.19 5.68
C THR A 275 31.73 -6.35 4.21
N PRO A 276 32.61 -6.88 3.35
CA PRO A 276 32.28 -7.12 1.95
C PRO A 276 31.13 -8.13 1.79
N VAL A 277 30.42 -8.00 0.66
CA VAL A 277 29.35 -8.92 0.36
C VAL A 277 29.83 -9.79 -0.78
N SER A 278 29.70 -11.14 -0.66
CA SER A 278 30.15 -11.98 -1.76
C SER A 278 29.01 -12.46 -2.66
N SER A 279 27.77 -12.33 -2.22
CA SER A 279 26.63 -12.63 -3.06
C SER A 279 25.35 -12.15 -2.42
N VAL A 280 24.35 -11.98 -3.28
CA VAL A 280 23.01 -11.59 -2.87
C VAL A 280 22.09 -12.50 -3.65
N ASP A 281 21.25 -13.23 -2.95
CA ASP A 281 20.32 -14.15 -3.58
C ASP A 281 21.07 -15.13 -4.48
N GLY A 282 22.30 -15.52 -4.07
CA GLY A 282 23.15 -16.39 -4.87
C GLY A 282 23.76 -15.73 -6.11
N ARG A 283 23.60 -14.43 -6.27
CA ARG A 283 24.25 -13.70 -7.40
C ARG A 283 25.62 -13.24 -6.94
N ALA A 284 26.68 -13.77 -7.55
CA ALA A 284 28.05 -13.55 -7.08
C ALA A 284 28.45 -12.08 -7.25
N LEU A 285 29.13 -11.56 -6.23
CA LEU A 285 29.83 -10.29 -6.33
C LEU A 285 31.26 -10.49 -5.85
N VAL A 286 32.24 -9.88 -6.52
CA VAL A 286 33.60 -10.09 -6.09
C VAL A 286 33.75 -9.36 -4.74
N PRO A 287 34.13 -10.07 -3.66
CA PRO A 287 34.25 -9.43 -2.34
C PRO A 287 35.47 -8.52 -2.33
N LEU A 288 35.44 -7.41 -1.59
CA LEU A 288 36.59 -6.55 -1.33
C LEU A 288 37.06 -5.88 -2.62
N GLY A 289 36.13 -5.34 -3.41
CA GLY A 289 36.48 -4.62 -4.60
C GLY A 289 37.23 -3.33 -4.27
N PRO A 290 37.70 -2.62 -5.31
CA PRO A 290 38.60 -1.47 -5.09
C PRO A 290 37.96 -0.36 -4.24
N LEU A 291 36.67 -0.06 -4.47
CA LEU A 291 36.05 1.06 -3.74
C LEU A 291 35.71 0.65 -2.30
N THR A 292 35.36 -0.63 -2.06
CA THR A 292 35.22 -1.13 -0.70
C THR A 292 36.56 -0.95 0.03
N GLN A 293 37.69 -1.27 -0.64
CA GLN A 293 39.00 -1.23 0.02
C GLN A 293 39.37 0.20 0.33
N ARG A 294 39.05 1.12 -0.57
CA ARG A 294 39.36 2.56 -0.37
C ARG A 294 38.57 3.09 0.83
N LEU A 295 37.28 2.76 0.91
CA LEU A 295 36.40 3.31 1.94
C LEU A 295 36.74 2.68 3.28
N ASP A 296 37.07 1.38 3.23
CA ASP A 296 37.55 0.69 4.42
C ASP A 296 38.81 1.33 5.00
N ALA A 297 39.76 1.69 4.14
CA ALA A 297 41.02 2.32 4.55
C ALA A 297 40.68 3.69 5.19
N LEU A 298 39.80 4.45 4.51
CA LEU A 298 39.36 5.74 5.05
C LEU A 298 38.65 5.55 6.41
N TYR A 299 37.84 4.50 6.54
CA TYR A 299 37.11 4.29 7.78
C TYR A 299 38.08 3.88 8.90
N ARG A 300 39.01 2.97 8.63
CA ARG A 300 39.95 2.50 9.68
C ARG A 300 40.79 3.68 10.14
N ALA A 301 41.23 4.54 9.22
CA ALA A 301 41.97 5.76 9.53
C ALA A 301 41.14 6.62 10.48
N TYR A 302 39.89 6.86 10.10
CA TYR A 302 39.01 7.76 10.81
C TYR A 302 38.75 7.29 12.24
N ILE A 303 38.53 5.99 12.42
CA ILE A 303 38.15 5.55 13.76
C ILE A 303 39.39 5.49 14.65
N ALA A 304 40.57 5.41 14.05
CA ALA A 304 41.85 5.37 14.78
C ALA A 304 42.41 6.80 15.03
N SER A 305 41.75 7.86 14.52
CA SER A 305 42.27 9.22 14.60
C SER A 305 41.78 9.88 15.90
N ALA A 306 42.39 11.01 16.24
CA ALA A 306 42.01 11.84 17.35
C ALA A 306 40.87 12.82 16.95
N ASN A 307 40.01 12.44 16.02
CA ASN A 307 38.79 13.19 15.70
C ASN A 307 37.93 13.51 16.92
N GLU A 308 37.30 14.69 16.88
CA GLU A 308 36.52 15.17 18.01
C GLU A 308 35.19 14.41 18.14
N ALA A 309 34.74 13.69 17.08
CA ALA A 309 33.56 12.80 17.17
C ALA A 309 33.78 11.63 18.13
N HIS A 310 35.05 11.28 18.46
CA HIS A 310 35.36 10.14 19.33
C HIS A 310 35.71 10.61 20.74
N GLY A 311 35.10 9.97 21.72
CA GLY A 311 35.26 10.26 23.14
C GLY A 311 36.47 9.52 23.67
N ALA A 312 37.55 10.28 23.97
CA ALA A 312 38.76 9.76 24.60
C ALA A 312 38.39 9.29 26.02
N LEU A 313 38.78 8.05 26.33
CA LEU A 313 38.83 7.47 27.65
C LEU A 313 39.80 8.31 28.49
N PRO A 314 39.55 8.56 29.82
CA PRO A 314 40.39 9.47 30.61
C PRO A 314 41.89 9.18 30.86
N THR B 9 -5.35 7.23 33.53
CA THR B 9 -4.68 6.44 34.60
C THR B 9 -5.34 5.06 34.68
N THR B 10 -6.19 4.74 33.71
CA THR B 10 -6.92 3.46 33.72
C THR B 10 -6.21 2.48 32.74
N SER B 11 -5.90 1.25 33.20
CA SER B 11 -5.67 0.13 32.29
C SER B 11 -6.82 -0.90 32.34
N SER B 12 -6.85 -1.69 31.24
CA SER B 12 -7.66 -2.88 30.89
C SER B 12 -6.97 -4.17 31.36
N GLN B 13 -5.96 -3.90 32.24
CA GLN B 13 -4.80 -4.66 32.68
C GLN B 13 -4.70 -4.59 34.22
N ALA B 14 -5.51 -3.68 34.80
CA ALA B 14 -5.70 -3.49 36.23
C ALA B 14 -6.63 -4.58 36.75
N TYR B 15 -6.47 -4.71 38.08
CA TYR B 15 -7.16 -5.75 38.87
C TYR B 15 -7.03 -5.34 40.35
N ALA B 16 -7.87 -5.85 41.26
CA ALA B 16 -7.83 -5.68 42.72
C ALA B 16 -6.39 -5.83 43.27
N PRO B 17 -5.80 -4.79 43.95
CA PRO B 17 -4.47 -4.93 44.57
C PRO B 17 -4.54 -6.12 45.56
N ASP B 18 -3.44 -6.91 45.58
CA ASP B 18 -3.41 -8.16 46.35
C ASP B 18 -2.05 -8.36 47.01
N ALA B 19 -1.96 -8.14 48.33
CA ALA B 19 -0.76 -8.15 49.12
C ALA B 19 0.01 -9.46 48.96
N ARG B 20 -0.72 -10.58 48.67
CA ARG B 20 -0.14 -11.93 48.55
C ARG B 20 0.83 -11.99 47.37
N ASN B 21 0.68 -11.04 46.42
CA ASN B 21 1.48 -11.01 45.18
C ASN B 21 2.92 -10.66 45.45
N ASP B 22 3.20 -9.93 46.55
CA ASP B 22 4.57 -9.65 46.96
C ASP B 22 5.39 -10.95 47.18
N ALA B 23 4.77 -12.05 47.59
CA ALA B 23 5.46 -13.21 48.15
C ALA B 23 5.35 -14.39 47.18
N VAL B 24 4.79 -14.21 45.98
CA VAL B 24 4.66 -15.36 45.09
C VAL B 24 6.05 -15.89 44.70
N LEU B 25 6.08 -17.21 44.48
CA LEU B 25 7.24 -17.87 43.90
C LEU B 25 7.06 -17.98 42.39
N VAL B 26 8.13 -17.63 41.66
CA VAL B 26 8.14 -17.58 40.20
C VAL B 26 8.96 -18.77 39.75
N TYR B 27 8.42 -19.47 38.76
CA TYR B 27 9.17 -20.51 38.09
C TYR B 27 10.19 -19.84 37.15
N VAL B 28 11.45 -20.25 37.32
CA VAL B 28 12.56 -19.88 36.42
C VAL B 28 13.42 -21.12 36.18
N ASN B 29 13.33 -21.65 34.95
CA ASN B 29 14.17 -22.76 34.52
C ASN B 29 14.13 -23.92 35.51
N GLY B 30 12.96 -24.22 36.08
CA GLY B 30 12.78 -25.43 36.87
C GLY B 30 12.87 -25.19 38.35
N GLN B 31 13.30 -23.97 38.77
CA GLN B 31 13.36 -23.58 40.16
C GLN B 31 12.15 -22.70 40.45
N PHE B 32 11.63 -22.74 41.70
CA PHE B 32 10.75 -21.73 42.25
C PHE B 32 11.55 -20.71 43.01
N VAL B 33 11.46 -19.44 42.52
CA VAL B 33 12.29 -18.38 43.05
C VAL B 33 11.37 -17.30 43.65
N PRO B 34 11.66 -16.80 44.88
CA PRO B 34 10.94 -15.62 45.41
C PRO B 34 10.95 -14.49 44.41
N ARG B 35 9.79 -13.84 44.31
CA ARG B 35 9.47 -12.73 43.41
C ARG B 35 10.66 -11.77 43.20
N HIS B 36 11.21 -11.24 44.31
CA HIS B 36 12.22 -10.20 44.26
C HIS B 36 13.56 -10.74 43.78
N GLN B 37 13.68 -12.08 43.68
CA GLN B 37 14.95 -12.68 43.29
C GLN B 37 14.80 -13.37 41.93
N ALA B 38 13.59 -13.38 41.34
CA ALA B 38 13.31 -14.11 40.11
C ALA B 38 13.96 -13.33 38.96
N VAL B 39 15.02 -13.91 38.36
CA VAL B 39 15.89 -13.14 37.49
C VAL B 39 16.26 -13.96 36.25
N VAL B 40 16.75 -13.26 35.26
CA VAL B 40 17.14 -13.80 33.97
C VAL B 40 18.45 -13.10 33.60
N SER B 41 19.34 -13.82 32.91
CA SER B 41 20.59 -13.27 32.41
C SER B 41 20.37 -12.05 31.53
N VAL B 42 21.27 -11.03 31.64
CA VAL B 42 21.19 -9.89 30.72
C VAL B 42 21.58 -10.36 29.30
N PHE B 43 22.04 -11.62 29.14
CA PHE B 43 22.39 -12.16 27.84
C PHE B 43 21.22 -12.95 27.27
N ASP B 44 20.09 -12.98 28.00
CA ASP B 44 18.97 -13.74 27.50
C ASP B 44 18.37 -13.10 26.26
N ALA B 45 17.98 -13.95 25.30
CA ALA B 45 17.40 -13.45 24.05
C ALA B 45 16.14 -12.58 24.29
N GLY B 46 15.39 -12.94 25.36
CA GLY B 46 14.18 -12.21 25.70
C GLY B 46 14.50 -10.78 26.11
N TYR B 47 15.50 -10.61 26.96
CA TYR B 47 15.91 -9.26 27.38
C TYR B 47 16.60 -8.52 26.25
N VAL B 48 17.48 -9.18 25.49
CA VAL B 48 18.28 -8.43 24.54
C VAL B 48 17.46 -7.96 23.35
N CYS B 49 16.48 -8.79 22.93
CA CYS B 49 15.94 -8.76 21.56
C CYS B 49 14.41 -8.90 21.59
N GLY B 50 13.79 -9.11 22.75
CA GLY B 50 12.37 -9.40 22.73
C GLY B 50 12.08 -10.71 22.01
N ASP B 51 13.02 -11.67 22.14
CA ASP B 51 13.00 -12.87 21.32
C ASP B 51 12.41 -14.01 22.14
N GLY B 52 11.08 -14.14 22.11
CA GLY B 52 10.38 -15.21 22.81
C GLY B 52 8.89 -15.14 22.55
N VAL B 53 8.14 -16.15 23.04
CA VAL B 53 6.68 -16.12 22.93
C VAL B 53 6.15 -16.35 24.34
N TRP B 54 4.91 -15.88 24.59
CA TRP B 54 4.30 -16.00 25.91
C TRP B 54 2.81 -16.28 25.77
N GLU B 55 2.22 -16.71 26.88
CA GLU B 55 0.79 -16.94 27.01
C GLU B 55 0.36 -16.48 28.38
N GLY B 56 -0.79 -15.82 28.46
CA GLY B 56 -1.39 -15.54 29.75
C GLY B 56 -2.61 -16.42 29.93
N VAL B 57 -2.70 -17.09 31.08
CA VAL B 57 -3.86 -17.95 31.32
C VAL B 57 -4.47 -17.59 32.66
N ARG B 58 -5.78 -17.83 32.73
CA ARG B 58 -6.57 -17.54 33.92
C ARG B 58 -7.05 -18.83 34.56
N LEU B 59 -6.92 -18.91 35.86
CA LEU B 59 -7.31 -20.03 36.71
C LEU B 59 -8.63 -19.65 37.37
N VAL B 60 -9.68 -20.42 37.04
CA VAL B 60 -11.03 -20.24 37.58
C VAL B 60 -11.52 -21.57 38.15
N ASP B 61 -11.85 -21.58 39.46
CA ASP B 61 -12.45 -22.72 40.19
C ASP B 61 -11.65 -24.01 39.91
N GLY B 62 -10.32 -23.95 40.07
CA GLY B 62 -9.41 -25.07 39.85
C GLY B 62 -9.22 -25.56 38.37
N ARG B 63 -9.58 -24.70 37.42
CA ARG B 63 -9.47 -25.05 35.99
C ARG B 63 -8.76 -23.91 35.23
N ILE B 64 -7.70 -24.22 34.50
CA ILE B 64 -6.99 -23.24 33.72
C ILE B 64 -7.82 -23.07 32.45
N VAL B 65 -8.37 -21.85 32.26
CA VAL B 65 -9.29 -21.54 31.19
C VAL B 65 -8.63 -21.70 29.81
N SER B 66 -9.22 -22.56 28.97
CA SER B 66 -8.85 -22.72 27.59
C SER B 66 -7.36 -23.07 27.48
N PHE B 67 -6.87 -23.95 28.34
CA PHE B 67 -5.44 -24.15 28.53
C PHE B 67 -4.78 -24.65 27.24
N ASP B 68 -5.30 -25.74 26.66
CA ASP B 68 -4.81 -26.30 25.40
C ASP B 68 -4.74 -25.28 24.29
N ALA B 69 -5.77 -24.44 24.16
CA ALA B 69 -5.79 -23.40 23.13
C ALA B 69 -4.60 -22.44 23.35
N HIS B 70 -4.30 -22.13 24.61
CA HIS B 70 -3.17 -21.24 24.88
C HIS B 70 -1.90 -21.91 24.44
N ILE B 71 -1.76 -23.21 24.81
CA ILE B 71 -0.54 -23.95 24.55
C ILE B 71 -0.32 -24.10 23.05
N ASP B 72 -1.40 -24.36 22.33
CA ASP B 72 -1.35 -24.51 20.86
C ASP B 72 -0.84 -23.20 20.25
N ARG B 73 -1.32 -22.05 20.73
CA ARG B 73 -0.87 -20.82 20.16
C ARG B 73 0.64 -20.65 20.43
N MET B 74 1.07 -21.04 21.65
CA MET B 74 2.47 -20.87 21.99
C MET B 74 3.33 -21.74 21.08
N TYR B 75 2.90 -22.97 20.83
CA TYR B 75 3.68 -23.92 20.06
C TYR B 75 3.76 -23.45 18.62
N GLU B 76 2.64 -22.89 18.12
CA GLU B 76 2.61 -22.41 16.76
C GLU B 76 3.49 -21.17 16.65
N GLY B 77 3.40 -20.27 17.66
CA GLY B 77 4.17 -19.06 17.59
C GLY B 77 5.68 -19.38 17.70
N ALA B 78 6.04 -20.28 18.62
CA ALA B 78 7.44 -20.69 18.78
C ALA B 78 7.96 -21.27 17.45
N LYS B 79 7.16 -22.15 16.81
CA LYS B 79 7.53 -22.74 15.53
C LYS B 79 7.75 -21.61 14.51
N SER B 80 6.89 -20.58 14.50
CA SER B 80 7.00 -19.55 13.48
C SER B 80 8.36 -18.84 13.57
N ILE B 81 8.93 -18.72 14.77
CA ILE B 81 10.23 -18.04 14.90
C ILE B 81 11.34 -19.06 15.20
N ALA B 82 11.13 -20.35 14.82
CA ALA B 82 12.14 -21.42 14.90
C ALA B 82 12.67 -21.50 16.32
N LEU B 83 11.81 -21.23 17.30
CA LEU B 83 12.25 -21.26 18.69
C LEU B 83 11.90 -22.64 19.25
N ASP B 84 12.91 -23.38 19.69
CA ASP B 84 12.63 -24.70 20.26
C ASP B 84 12.25 -24.51 21.72
N ILE B 85 11.00 -24.83 22.10
CA ILE B 85 10.65 -24.59 23.49
C ILE B 85 11.43 -25.58 24.41
N GLY B 86 11.87 -26.74 23.88
CA GLY B 86 12.69 -27.66 24.64
C GLY B 86 11.84 -28.48 25.66
N MET B 87 10.49 -28.47 25.56
CA MET B 87 9.54 -29.17 26.43
C MET B 87 8.39 -29.65 25.56
N THR B 88 7.79 -30.79 25.89
CA THR B 88 6.57 -31.23 25.23
C THR B 88 5.45 -30.33 25.78
N ARG B 89 4.31 -30.37 25.10
CA ARG B 89 3.13 -29.59 25.55
C ARG B 89 2.74 -30.00 26.97
N ALA B 90 2.75 -31.29 27.27
CA ALA B 90 2.41 -31.71 28.62
C ALA B 90 3.39 -31.12 29.67
N GLN B 91 4.69 -31.14 29.35
CA GLN B 91 5.69 -30.56 30.24
C GLN B 91 5.43 -29.05 30.49
N THR B 92 5.10 -28.35 29.40
CA THR B 92 4.89 -26.92 29.47
C THR B 92 3.68 -26.66 30.33
N LYS B 93 2.62 -27.44 30.11
CA LYS B 93 1.39 -27.33 30.90
C LYS B 93 1.72 -27.48 32.38
N GLN B 94 2.58 -28.46 32.64
CA GLN B 94 2.95 -28.83 33.99
C GLN B 94 3.66 -27.67 34.71
N VAL B 95 4.45 -26.89 33.98
CA VAL B 95 5.13 -25.72 34.51
C VAL B 95 4.08 -24.74 35.07
N VAL B 96 3.02 -24.50 34.32
CA VAL B 96 2.02 -23.53 34.73
C VAL B 96 1.23 -24.09 35.92
N VAL B 97 0.78 -25.36 35.80
CA VAL B 97 0.10 -26.09 36.87
C VAL B 97 0.92 -25.99 38.16
N ASP B 98 2.20 -26.34 38.07
CA ASP B 98 3.08 -26.36 39.22
C ASP B 98 3.23 -24.97 39.81
N THR B 99 3.28 -23.94 38.99
CA THR B 99 3.39 -22.54 39.44
C THR B 99 2.12 -22.15 40.19
N PHE B 100 0.94 -22.53 39.69
CA PHE B 100 -0.24 -22.24 40.48
C PHE B 100 -0.27 -23.01 41.82
N LEU B 101 0.05 -24.35 41.78
CA LEU B 101 0.07 -25.23 42.94
C LEU B 101 1.08 -24.72 43.98
N ARG B 102 2.27 -24.31 43.58
CA ARG B 102 3.31 -23.89 44.50
C ARG B 102 2.88 -22.63 45.23
N ASN B 103 1.95 -21.84 44.65
CA ASN B 103 1.54 -20.57 45.25
C ASN B 103 0.20 -20.74 45.95
N GLY B 104 -0.29 -21.98 46.05
CA GLY B 104 -1.58 -22.32 46.60
C GLY B 104 -2.75 -21.65 45.87
N MET B 105 -2.63 -21.42 44.54
CA MET B 105 -3.72 -20.79 43.83
C MET B 105 -4.67 -21.89 43.31
N ARG B 106 -5.97 -21.59 43.42
CA ARG B 106 -7.03 -22.47 42.87
C ARG B 106 -8.07 -21.59 42.18
N ASP B 107 -8.05 -20.26 42.41
CA ASP B 107 -9.08 -19.41 41.87
C ASP B 107 -8.59 -17.97 41.82
N GLY B 108 -9.12 -17.14 40.93
CA GLY B 108 -8.84 -15.70 40.98
C GLY B 108 -7.35 -15.40 40.73
N ALA B 109 -6.73 -16.21 39.84
CA ALA B 109 -5.33 -16.04 39.51
C ALA B 109 -5.13 -16.14 38.02
N HIS B 110 -3.98 -15.58 37.63
CA HIS B 110 -3.58 -15.45 36.23
C HIS B 110 -2.09 -15.80 36.20
N ALA B 111 -1.66 -16.45 35.13
CA ALA B 111 -0.22 -16.68 35.02
C ALA B 111 0.22 -16.20 33.65
N ARG B 112 1.42 -15.66 33.59
CA ARG B 112 2.09 -15.38 32.34
C ARG B 112 3.24 -16.36 32.16
N LEU B 113 3.13 -17.21 31.12
CA LEU B 113 4.20 -18.14 30.79
C LEU B 113 5.04 -17.55 29.68
N MET B 114 6.32 -17.37 29.96
CA MET B 114 7.25 -16.71 29.05
C MET B 114 8.39 -17.65 28.68
N VAL B 115 8.57 -17.83 27.37
CA VAL B 115 9.59 -18.74 26.84
C VAL B 115 10.41 -17.91 25.85
N THR B 116 11.67 -17.67 26.20
CA THR B 116 12.55 -16.89 25.36
C THR B 116 13.64 -17.80 24.82
N ARG B 117 14.35 -17.37 23.78
CA ARG B 117 15.15 -18.32 23.01
C ARG B 117 16.26 -18.91 23.88
N GLY B 118 16.76 -18.13 24.86
CA GLY B 118 17.81 -18.65 25.72
C GLY B 118 18.94 -17.67 25.92
N VAL B 119 19.95 -18.13 26.64
CA VAL B 119 21.14 -17.34 26.93
C VAL B 119 22.08 -17.27 25.72
N LYS B 120 22.47 -16.04 25.38
CA LYS B 120 23.35 -15.86 24.22
C LYS B 120 24.82 -15.80 24.64
N LYS B 121 25.73 -16.24 23.78
CA LYS B 121 27.18 -16.13 24.03
C LYS B 121 27.58 -14.65 24.00
N THR B 122 26.85 -13.85 23.22
CA THR B 122 27.11 -12.43 23.06
C THR B 122 25.77 -11.76 22.78
N PRO B 123 25.47 -10.53 23.30
CA PRO B 123 24.15 -9.93 23.07
C PRO B 123 24.08 -9.37 21.63
N ASN B 124 23.25 -10.00 20.80
CA ASN B 124 22.97 -9.56 19.42
C ASN B 124 21.68 -10.29 19.00
N GLN B 125 21.21 -10.05 17.76
CA GLN B 125 19.92 -10.59 17.34
C GLN B 125 20.06 -12.03 16.85
N ASP B 126 21.29 -12.51 16.57
CA ASP B 126 21.42 -13.70 15.76
C ASP B 126 20.95 -14.91 16.58
N PRO B 127 19.95 -15.70 16.14
CA PRO B 127 19.44 -16.81 16.97
C PRO B 127 20.34 -18.04 17.06
N ARG B 128 21.49 -18.00 16.38
CA ARG B 128 22.36 -19.18 16.33
C ARG B 128 23.22 -19.32 17.56
N PHE B 129 23.47 -18.19 18.23
CA PHE B 129 24.46 -18.08 19.29
C PHE B 129 23.92 -18.49 20.69
N ILE B 130 23.21 -19.66 20.85
CA ILE B 130 22.46 -19.93 22.07
C ILE B 130 23.21 -21.01 22.86
N ILE B 131 23.66 -20.70 24.08
CA ILE B 131 24.13 -21.69 25.03
C ILE B 131 22.89 -22.34 25.65
N GLY B 132 22.77 -23.66 25.56
CA GLY B 132 21.72 -24.39 26.27
C GLY B 132 20.35 -24.23 25.56
N GLY B 133 19.27 -24.42 26.32
CA GLY B 133 17.92 -24.39 25.79
C GLY B 133 17.18 -23.06 26.10
N ALA B 134 15.88 -23.06 25.76
CA ALA B 134 14.99 -21.95 26.00
C ALA B 134 14.98 -21.63 27.50
N THR B 135 14.91 -20.32 27.83
CA THR B 135 14.55 -19.80 29.15
C THR B 135 13.03 -19.87 29.29
N VAL B 136 12.60 -20.42 30.44
CA VAL B 136 11.21 -20.64 30.79
C VAL B 136 10.92 -19.97 32.12
N VAL B 137 9.99 -19.01 32.09
CA VAL B 137 9.58 -18.27 33.28
C VAL B 137 8.06 -18.30 33.35
N CYS B 138 7.52 -18.48 34.55
CA CYS B 138 6.09 -18.44 34.78
C CYS B 138 5.80 -17.60 36.02
N VAL B 139 5.09 -16.47 35.78
CA VAL B 139 4.71 -15.56 36.84
C VAL B 139 3.22 -15.72 37.10
N ALA B 140 2.87 -16.32 38.27
CA ALA B 140 1.47 -16.44 38.65
C ALA B 140 1.15 -15.41 39.73
N GLU B 141 0.00 -14.73 39.60
CA GLU B 141 -0.42 -13.66 40.49
C GLU B 141 -1.93 -13.78 40.75
N HIS B 142 -2.36 -13.36 41.96
CA HIS B 142 -3.78 -13.17 42.28
C HIS B 142 -4.27 -11.91 41.54
N LYS B 143 -5.27 -12.02 40.66
CA LYS B 143 -5.68 -10.89 39.83
C LYS B 143 -7.18 -10.96 39.68
N VAL B 144 -7.93 -10.45 40.67
CA VAL B 144 -9.38 -10.40 40.51
C VAL B 144 -9.72 -9.11 39.72
N VAL B 145 -10.39 -9.21 38.59
CA VAL B 145 -10.91 -7.99 37.96
C VAL B 145 -12.41 -7.98 38.29
N THR B 146 -12.86 -7.11 39.24
CA THR B 146 -14.29 -7.15 39.63
C THR B 146 -15.15 -6.61 38.47
N PRO B 147 -16.43 -7.08 38.23
CA PRO B 147 -17.43 -6.31 37.44
C PRO B 147 -17.66 -4.84 37.84
N GLU B 148 -17.52 -4.53 39.15
CA GLU B 148 -17.52 -3.17 39.74
C GLU B 148 -16.42 -2.33 39.09
N ALA B 149 -15.19 -2.89 39.00
CA ALA B 149 -13.97 -2.24 38.50
C ALA B 149 -14.08 -1.94 36.98
N LYS B 150 -14.98 -2.68 36.27
CA LYS B 150 -15.15 -2.72 34.84
C LYS B 150 -16.32 -1.86 34.37
N ARG B 151 -17.35 -1.67 35.21
CA ARG B 151 -18.63 -1.06 34.87
C ARG B 151 -18.47 0.35 34.27
N ASN B 152 -17.35 1.04 34.60
CA ASN B 152 -17.14 2.40 34.07
C ASN B 152 -16.84 2.39 32.57
N GLY B 153 -16.11 1.33 32.16
CA GLY B 153 -15.80 1.14 30.76
C GLY B 153 -14.57 1.89 30.32
N LEU B 154 -13.86 1.32 29.35
CA LEU B 154 -12.60 1.88 28.85
C LEU B 154 -12.89 2.94 27.80
N LYS B 155 -12.08 3.96 27.82
CA LYS B 155 -11.95 4.94 26.74
C LYS B 155 -10.91 4.44 25.76
N LEU B 156 -11.31 4.35 24.49
CA LEU B 156 -10.43 3.98 23.41
C LEU B 156 -10.08 5.23 22.60
N PHE B 157 -8.81 5.29 22.14
CA PHE B 157 -8.48 6.25 21.08
C PHE B 157 -7.88 5.45 19.92
N THR B 158 -8.32 5.77 18.69
CA THR B 158 -7.77 5.09 17.52
C THR B 158 -6.41 5.70 17.22
N SER B 159 -5.36 4.93 17.51
CA SER B 159 -4.01 5.43 17.34
C SER B 159 -3.74 5.63 15.84
N THR B 160 -2.81 6.50 15.53
CA THR B 160 -2.26 6.64 14.20
C THR B 160 -1.36 5.46 13.83
N LEU B 161 -0.88 4.69 14.84
CA LEU B 161 0.02 3.57 14.56
C LEU B 161 -0.82 2.34 14.22
N ARG B 162 -0.40 1.67 13.16
CA ARG B 162 -1.24 0.62 12.61
C ARG B 162 -0.77 -0.80 12.81
N CYS B 163 -1.72 -1.71 12.85
CA CYS B 163 -1.43 -3.13 12.73
C CYS B 163 -0.73 -3.43 11.41
N SER B 164 0.26 -4.31 11.48
CA SER B 164 1.09 -4.66 10.34
C SER B 164 0.46 -5.85 9.63
N GLY B 165 0.76 -5.99 8.34
CA GLY B 165 0.53 -7.24 7.63
C GLY B 165 1.58 -8.27 8.00
N PRO B 166 1.32 -9.59 7.72
CA PRO B 166 2.20 -10.66 8.20
C PRO B 166 3.58 -10.71 7.54
N ASP B 167 3.75 -10.01 6.40
CA ASP B 167 5.08 -9.99 5.83
C ASP B 167 5.93 -8.90 6.47
N VAL B 168 5.35 -8.07 7.37
CA VAL B 168 6.13 -7.09 8.13
C VAL B 168 6.29 -7.61 9.57
N PHE B 169 5.15 -7.92 10.20
CA PHE B 169 5.17 -8.50 11.52
C PHE B 169 3.78 -9.11 11.72
N ASP B 170 3.75 -10.43 11.92
CA ASP B 170 2.51 -11.19 12.01
C ASP B 170 1.95 -11.02 13.45
N LEU B 171 0.88 -10.26 13.56
CA LEU B 171 0.33 -9.97 14.88
C LEU B 171 -0.38 -11.15 15.53
N ARG B 172 -0.43 -12.30 14.88
CA ARG B 172 -0.94 -13.51 15.54
C ARG B 172 0.15 -14.00 16.51
N LEU B 173 1.40 -13.59 16.30
CA LEU B 173 2.48 -13.99 17.19
C LEU B 173 2.34 -13.24 18.52
N ASN B 174 2.36 -13.99 19.61
CA ASN B 174 2.27 -13.44 20.95
C ASN B 174 3.69 -13.45 21.51
N SER B 175 4.44 -12.38 21.22
CA SER B 175 5.90 -12.39 21.38
C SER B 175 6.31 -11.38 22.43
N HIS B 176 7.62 -11.45 22.76
CA HIS B 176 8.29 -10.53 23.65
C HIS B 176 8.70 -9.25 22.94
N SER B 177 8.37 -9.11 21.63
CA SER B 177 8.68 -7.91 20.88
C SER B 177 7.40 -7.05 20.82
N ARG B 178 7.20 -6.16 21.81
CA ARG B 178 5.88 -5.57 22.00
C ARG B 178 5.93 -4.05 21.81
N LEU B 179 7.09 -3.44 21.40
CA LEU B 179 7.04 -1.99 21.20
C LEU B 179 6.07 -1.60 20.09
N ASN B 180 5.75 -2.52 19.15
CA ASN B 180 4.80 -2.16 18.11
C ASN B 180 3.44 -1.87 18.75
N LEU B 181 3.05 -2.58 19.83
CA LEU B 181 1.77 -2.38 20.50
C LEU B 181 1.85 -1.25 21.50
N ILE B 182 2.97 -1.19 22.25
CA ILE B 182 3.14 -0.18 23.30
C ILE B 182 3.07 1.20 22.71
N GLN B 183 3.63 1.38 21.51
CA GLN B 183 3.64 2.71 20.89
C GLN B 183 2.25 3.23 20.65
N ALA B 184 1.32 2.37 20.20
CA ALA B 184 -0.07 2.78 19.96
C ALA B 184 -0.68 3.16 21.32
N LEU B 185 -0.40 2.33 22.36
CA LEU B 185 -0.92 2.61 23.68
C LEU B 185 -0.43 3.98 24.17
N ILE B 186 0.86 4.28 23.96
CA ILE B 186 1.41 5.55 24.44
C ILE B 186 0.60 6.71 23.84
N GLN B 187 0.34 6.65 22.53
CA GLN B 187 -0.40 7.70 21.87
C GLN B 187 -1.82 7.79 22.47
N ALA B 188 -2.48 6.62 22.66
CA ALA B 188 -3.82 6.66 23.25
C ALA B 188 -3.78 7.24 24.66
N ILE B 189 -2.74 6.90 25.47
CA ILE B 189 -2.68 7.43 26.82
C ILE B 189 -2.65 8.94 26.73
N GLN B 190 -1.83 9.50 25.80
CA GLN B 190 -1.76 10.95 25.82
C GLN B 190 -3.03 11.62 25.30
N ALA B 191 -3.92 10.88 24.65
CA ALA B 191 -5.20 11.42 24.20
C ALA B 191 -6.22 11.35 25.33
N GLY B 192 -5.81 10.85 26.52
CA GLY B 192 -6.77 10.78 27.62
C GLY B 192 -7.50 9.43 27.62
N ALA B 193 -7.06 8.45 26.81
CA ALA B 193 -7.79 7.19 26.70
C ALA B 193 -7.07 6.11 27.51
N ASP B 194 -7.72 4.94 27.67
CA ASP B 194 -7.16 3.85 28.48
C ASP B 194 -6.40 2.84 27.62
N GLU B 195 -6.82 2.75 26.36
CA GLU B 195 -6.31 1.70 25.45
C GLU B 195 -6.38 2.24 24.02
N ALA B 196 -5.49 1.78 23.15
CA ALA B 196 -5.47 2.17 21.76
C ALA B 196 -6.33 1.17 20.98
N LEU B 197 -7.19 1.69 20.13
CA LEU B 197 -7.74 0.92 19.04
C LEU B 197 -6.81 1.14 17.86
N MET B 198 -6.67 0.11 17.01
CA MET B 198 -5.72 0.12 15.91
C MET B 198 -6.45 -0.31 14.64
N LEU B 199 -6.16 0.42 13.55
CA LEU B 199 -6.61 0.02 12.24
C LEU B 199 -5.59 -0.93 11.59
N ASP B 200 -6.11 -1.70 10.61
CA ASP B 200 -5.25 -2.56 9.82
C ASP B 200 -4.65 -1.76 8.68
N PRO B 201 -3.77 -2.32 7.81
CA PRO B 201 -3.12 -1.50 6.77
C PRO B 201 -4.13 -0.90 5.78
N ASN B 202 -5.35 -1.44 5.74
CA ASN B 202 -6.32 -0.91 4.78
C ASN B 202 -7.20 0.15 5.41
N GLY B 203 -7.10 0.37 6.74
CA GLY B 203 -7.89 1.37 7.46
C GLY B 203 -9.14 0.82 8.14
N PHE B 204 -9.34 -0.52 8.09
CA PHE B 204 -10.47 -1.13 8.82
C PHE B 204 -10.08 -1.38 10.25
N VAL B 205 -11.10 -1.47 11.10
CA VAL B 205 -10.85 -1.68 12.52
C VAL B 205 -10.18 -3.07 12.72
N SER B 206 -9.09 -3.12 13.50
CA SER B 206 -8.42 -4.38 13.71
C SER B 206 -8.61 -4.88 15.16
N SER B 207 -8.02 -4.15 16.12
CA SER B 207 -7.91 -4.67 17.47
C SER B 207 -7.46 -3.56 18.41
N CYS B 208 -7.57 -3.82 19.73
CA CYS B 208 -6.89 -2.92 20.63
C CYS B 208 -5.42 -3.32 20.81
N ASN B 209 -4.63 -2.53 21.56
CA ASN B 209 -3.21 -2.82 21.68
C ASN B 209 -2.96 -4.06 22.54
N SER B 210 -3.90 -4.41 23.44
CA SER B 210 -3.64 -5.57 24.30
C SER B 210 -4.90 -6.42 24.45
N THR B 211 -6.01 -6.05 23.81
CA THR B 211 -7.23 -6.85 23.91
C THR B 211 -7.84 -6.85 22.51
N ASN B 212 -8.75 -7.80 22.23
CA ASN B 212 -9.49 -7.80 20.98
C ASN B 212 -10.70 -6.88 21.08
N PHE B 213 -11.18 -6.33 19.93
CA PHE B 213 -12.24 -5.33 19.99
C PHE B 213 -13.53 -5.86 19.35
N PHE B 214 -14.67 -5.58 20.01
CA PHE B 214 -15.97 -5.96 19.48
C PHE B 214 -16.90 -4.74 19.46
N ALA B 215 -17.79 -4.69 18.46
CA ALA B 215 -18.91 -3.75 18.51
C ALA B 215 -20.23 -4.48 18.39
N VAL B 216 -21.27 -3.81 18.92
CA VAL B 216 -22.64 -4.28 18.81
C VAL B 216 -23.44 -3.27 18.04
N ARG B 217 -24.05 -3.73 16.95
CA ARG B 217 -24.90 -2.90 16.09
C ARG B 217 -26.13 -3.73 15.81
N ASN B 218 -27.25 -3.18 16.30
CA ASN B 218 -28.56 -3.71 15.95
C ASN B 218 -28.69 -5.18 16.33
N GLY B 219 -28.31 -5.55 17.56
CA GLY B 219 -28.40 -6.94 18.03
C GLY B 219 -27.35 -7.87 17.43
N ALA B 220 -26.42 -7.34 16.61
CA ALA B 220 -25.40 -8.19 16.01
C ALA B 220 -24.02 -7.85 16.59
N LEU B 221 -23.21 -8.88 16.73
CA LEU B 221 -21.82 -8.75 17.16
C LEU B 221 -20.87 -8.60 15.95
N TRP B 222 -20.05 -7.55 15.98
CA TRP B 222 -19.08 -7.25 14.93
C TRP B 222 -17.68 -7.27 15.53
N THR B 223 -16.74 -7.92 14.82
CA THR B 223 -15.34 -7.90 15.18
C THR B 223 -14.54 -8.05 13.89
N SER B 224 -13.27 -7.59 13.88
CA SER B 224 -12.46 -7.78 12.67
C SER B 224 -12.27 -9.28 12.32
N SER B 225 -11.85 -9.53 11.07
CA SER B 225 -11.51 -10.86 10.53
C SER B 225 -10.39 -11.49 11.37
N GLY B 226 -9.59 -10.68 12.09
CA GLY B 226 -8.40 -11.14 12.78
C GLY B 226 -7.22 -11.42 11.84
N ARG B 227 -7.30 -10.98 10.59
CA ARG B 227 -6.14 -11.13 9.67
C ARG B 227 -5.00 -10.26 10.16
N TYR B 228 -5.28 -9.23 10.96
CA TYR B 228 -4.23 -8.30 11.31
C TYR B 228 -4.15 -8.02 12.81
N CYS B 229 -4.42 -9.07 13.63
CA CYS B 229 -4.21 -8.82 15.07
C CYS B 229 -4.06 -10.17 15.77
N PHE B 230 -3.66 -10.11 17.06
CA PHE B 230 -3.69 -11.30 17.88
C PHE B 230 -5.09 -11.94 17.78
N ASN B 231 -5.12 -13.26 17.60
CA ASN B 231 -6.36 -13.99 17.50
C ASN B 231 -6.68 -14.53 18.87
N GLY B 232 -7.24 -13.67 19.74
CA GLY B 232 -7.25 -14.01 21.16
C GLY B 232 -8.15 -15.21 21.44
N ILE B 233 -7.83 -15.93 22.52
CA ILE B 233 -8.62 -17.07 22.90
C ILE B 233 -10.01 -16.54 23.32
N THR B 234 -9.99 -15.42 24.08
CA THR B 234 -11.21 -14.84 24.56
C THR B 234 -12.09 -14.43 23.40
N ARG B 235 -11.49 -13.74 22.41
CA ARG B 235 -12.20 -13.36 21.19
C ARG B 235 -12.91 -14.59 20.59
N ALA B 236 -12.14 -15.71 20.41
CA ALA B 236 -12.65 -16.89 19.74
C ALA B 236 -13.79 -17.44 20.57
N THR B 237 -13.64 -17.46 21.92
CA THR B 237 -14.68 -17.98 22.79
C THR B 237 -15.97 -17.17 22.64
N VAL B 238 -15.83 -15.85 22.56
CA VAL B 238 -16.99 -14.96 22.56
C VAL B 238 -17.73 -15.13 21.25
N VAL B 239 -16.98 -15.23 20.12
CA VAL B 239 -17.58 -15.49 18.82
C VAL B 239 -18.47 -16.75 18.92
N ARG B 240 -17.88 -17.84 19.42
CA ARG B 240 -18.59 -19.14 19.49
C ARG B 240 -19.79 -19.06 20.44
N LEU B 241 -19.64 -18.39 21.58
CA LEU B 241 -20.77 -18.30 22.49
C LEU B 241 -21.91 -17.53 21.82
N ALA B 242 -21.56 -16.46 21.08
CA ALA B 242 -22.55 -15.65 20.39
C ALA B 242 -23.34 -16.52 19.39
N ARG B 243 -22.61 -17.26 18.54
CA ARG B 243 -23.20 -18.14 17.53
C ARG B 243 -24.08 -19.19 18.18
N GLU B 244 -23.59 -19.79 19.29
CA GLU B 244 -24.32 -20.85 19.97
C GLU B 244 -25.63 -20.34 20.55
N ALA B 245 -25.66 -19.05 20.95
CA ALA B 245 -26.84 -18.40 21.48
C ALA B 245 -27.69 -17.74 20.36
N GLY B 246 -27.34 -17.99 19.08
CA GLY B 246 -28.06 -17.43 17.94
C GLY B 246 -27.90 -15.92 17.76
N ILE B 247 -26.93 -15.27 18.42
CA ILE B 247 -26.62 -13.86 18.14
C ILE B 247 -25.86 -13.83 16.81
N PRO B 248 -26.28 -13.03 15.81
CA PRO B 248 -25.52 -12.95 14.55
C PRO B 248 -24.15 -12.32 14.82
N VAL B 249 -23.16 -12.86 14.09
CA VAL B 249 -21.79 -12.40 14.17
C VAL B 249 -21.32 -11.99 12.79
N HIS B 250 -20.84 -10.74 12.66
CA HIS B 250 -20.25 -10.15 11.46
C HIS B 250 -18.75 -10.07 11.76
N GLU B 251 -18.00 -11.04 11.27
CA GLU B 251 -16.55 -11.08 11.42
C GLU B 251 -15.95 -10.70 10.07
N GLY B 252 -15.37 -9.53 9.95
CA GLY B 252 -15.07 -8.95 8.66
C GLY B 252 -14.74 -7.45 8.78
N ASP B 253 -14.63 -6.78 7.66
CA ASP B 253 -14.11 -5.43 7.62
C ASP B 253 -15.18 -4.46 8.03
N PHE B 254 -14.88 -3.67 9.06
CA PHE B 254 -15.78 -2.63 9.45
C PHE B 254 -14.97 -1.39 9.81
N THR B 255 -15.67 -0.23 9.88
CA THR B 255 -15.00 1.06 9.90
C THR B 255 -15.20 1.77 11.25
N LEU B 256 -14.40 2.78 11.52
CA LEU B 256 -14.68 3.75 12.58
C LEU B 256 -16.12 4.30 12.52
N ALA B 257 -16.67 4.61 11.33
CA ALA B 257 -18.07 5.08 11.25
C ALA B 257 -19.00 4.05 11.89
N GLU B 258 -18.72 2.75 11.63
CA GLU B 258 -19.55 1.68 12.15
C GLU B 258 -19.40 1.57 13.66
N VAL B 259 -18.22 1.92 14.17
CA VAL B 259 -18.00 1.90 15.60
C VAL B 259 -18.75 3.10 16.24
N TYR B 260 -18.57 4.31 15.65
CA TYR B 260 -19.12 5.50 16.28
C TYR B 260 -20.64 5.42 16.36
N ALA B 261 -21.27 4.65 15.45
CA ALA B 261 -22.73 4.50 15.42
C ALA B 261 -23.12 3.18 16.09
N ALA B 262 -22.19 2.49 16.76
CA ALA B 262 -22.54 1.23 17.38
C ALA B 262 -23.50 1.46 18.57
N ASP B 263 -24.23 0.40 18.99
CA ASP B 263 -25.03 0.44 20.20
C ASP B 263 -24.14 0.21 21.41
N GLU B 264 -23.14 -0.70 21.27
CA GLU B 264 -22.27 -1.05 22.40
C GLU B 264 -20.90 -1.37 21.80
N ALA B 265 -19.86 -1.34 22.63
CA ALA B 265 -18.61 -1.98 22.27
C ALA B 265 -18.00 -2.58 23.52
N PHE B 266 -17.11 -3.55 23.33
CA PHE B 266 -16.35 -4.09 24.45
C PHE B 266 -15.07 -4.72 23.90
N VAL B 267 -14.14 -4.99 24.80
CA VAL B 267 -12.87 -5.60 24.45
C VAL B 267 -12.77 -6.92 25.23
N THR B 268 -11.95 -7.83 24.72
CA THR B 268 -11.79 -9.15 25.33
C THR B 268 -10.32 -9.45 25.51
N GLY B 269 -10.03 -10.15 26.59
CA GLY B 269 -8.73 -10.73 26.83
C GLY B 269 -8.79 -11.65 28.05
N THR B 270 -7.74 -12.44 28.25
CA THR B 270 -7.73 -13.41 29.33
C THR B 270 -7.80 -12.68 30.67
N LEU B 271 -7.12 -11.52 30.74
CA LEU B 271 -6.96 -10.93 32.05
C LEU B 271 -8.30 -10.44 32.59
N ALA B 272 -9.08 -9.72 31.75
CA ALA B 272 -10.28 -9.05 32.26
C ALA B 272 -11.59 -9.65 31.75
N GLY B 273 -11.56 -10.66 30.85
CA GLY B 273 -12.78 -11.13 30.22
C GLY B 273 -13.29 -10.11 29.19
N LEU B 274 -14.55 -9.73 29.32
CA LEU B 274 -15.23 -8.70 28.57
C LEU B 274 -15.15 -7.41 29.38
N THR B 275 -14.48 -6.40 28.80
CA THR B 275 -14.50 -5.06 29.37
C THR B 275 -15.34 -4.15 28.50
N PRO B 276 -16.43 -3.55 29.01
CA PRO B 276 -17.22 -2.58 28.21
C PRO B 276 -16.38 -1.36 27.81
N VAL B 277 -16.75 -0.77 26.68
CA VAL B 277 -16.07 0.39 26.19
C VAL B 277 -17.05 1.54 26.39
N SER B 278 -16.58 2.67 26.91
CA SER B 278 -17.48 3.81 27.07
C SER B 278 -17.32 4.86 25.99
N SER B 279 -16.17 4.88 25.31
CA SER B 279 -16.06 5.80 24.18
C SER B 279 -14.93 5.35 23.25
N VAL B 280 -15.06 5.79 22.00
CA VAL B 280 -14.01 5.59 21.02
C VAL B 280 -13.82 6.94 20.35
N ASP B 281 -12.60 7.46 20.45
CA ASP B 281 -12.26 8.76 19.89
C ASP B 281 -13.20 9.82 20.46
N GLY B 282 -13.62 9.70 21.73
CA GLY B 282 -14.52 10.71 22.31
C GLY B 282 -15.99 10.50 21.91
N ARG B 283 -16.28 9.52 21.08
CA ARG B 283 -17.69 9.22 20.74
C ARG B 283 -18.27 8.30 21.82
N ALA B 284 -19.28 8.76 22.57
CA ALA B 284 -19.82 8.03 23.70
C ALA B 284 -20.55 6.79 23.22
N LEU B 285 -20.33 5.70 23.99
CA LEU B 285 -21.17 4.50 23.91
C LEU B 285 -21.62 4.17 25.32
N VAL B 286 -22.87 3.69 25.48
CA VAL B 286 -23.33 3.33 26.82
C VAL B 286 -22.53 2.10 27.25
N PRO B 287 -21.76 2.14 28.37
CA PRO B 287 -21.03 0.95 28.83
C PRO B 287 -22.02 -0.14 29.30
N LEU B 288 -21.73 -1.41 29.07
CA LEU B 288 -22.49 -2.56 29.52
C LEU B 288 -23.87 -2.60 28.92
N GLY B 289 -23.99 -2.48 27.63
CA GLY B 289 -25.29 -2.63 26.96
C GLY B 289 -25.81 -4.06 27.07
N PRO B 290 -27.05 -4.31 26.61
CA PRO B 290 -27.70 -5.61 26.89
C PRO B 290 -26.95 -6.81 26.28
N LEU B 291 -26.37 -6.63 25.06
CA LEU B 291 -25.69 -7.76 24.42
C LEU B 291 -24.32 -8.00 25.02
N THR B 292 -23.64 -6.93 25.46
CA THR B 292 -22.42 -7.12 26.24
C THR B 292 -22.76 -7.93 27.50
N GLN B 293 -23.87 -7.60 28.18
CA GLN B 293 -24.24 -8.22 29.46
C GLN B 293 -24.55 -9.70 29.22
N ARG B 294 -25.18 -10.02 28.10
CA ARG B 294 -25.56 -11.42 27.82
C ARG B 294 -24.31 -12.24 27.53
N LEU B 295 -23.37 -11.67 26.78
CA LEU B 295 -22.18 -12.38 26.38
C LEU B 295 -21.27 -12.52 27.59
N ASP B 296 -21.22 -11.50 28.44
CA ASP B 296 -20.50 -11.55 29.69
C ASP B 296 -20.98 -12.68 30.57
N ALA B 297 -22.33 -12.83 30.67
CA ALA B 297 -22.88 -13.88 31.51
C ALA B 297 -22.54 -15.23 30.90
N LEU B 298 -22.63 -15.34 29.54
CA LEU B 298 -22.26 -16.58 28.85
C LEU B 298 -20.79 -16.91 29.06
N TYR B 299 -19.94 -15.87 29.03
CA TYR B 299 -18.51 -16.11 29.22
C TYR B 299 -18.22 -16.54 30.66
N ARG B 300 -18.86 -15.93 31.64
CA ARG B 300 -18.56 -16.25 33.06
C ARG B 300 -19.02 -17.68 33.33
N ALA B 301 -20.16 -18.07 32.78
CA ALA B 301 -20.69 -19.44 32.89
C ALA B 301 -19.66 -20.42 32.28
N TYR B 302 -19.17 -20.07 31.09
CA TYR B 302 -18.29 -20.92 30.35
C TYR B 302 -16.97 -21.13 31.09
N ILE B 303 -16.40 -20.08 31.66
CA ILE B 303 -15.06 -20.26 32.22
C ILE B 303 -15.17 -20.99 33.57
N ALA B 304 -16.38 -20.99 34.18
CA ALA B 304 -16.60 -21.66 35.44
C ALA B 304 -17.12 -23.11 35.25
N SER B 305 -17.29 -23.59 34.00
CA SER B 305 -17.85 -24.91 33.72
C SER B 305 -16.71 -25.92 33.57
N ALA B 306 -17.03 -27.23 33.55
CA ALA B 306 -16.06 -28.28 33.33
C ALA B 306 -15.91 -28.57 31.83
N ASN B 307 -15.99 -27.55 30.98
CA ASN B 307 -15.75 -27.68 29.53
C ASN B 307 -14.44 -28.40 29.23
N GLU B 308 -14.41 -29.15 28.09
CA GLU B 308 -13.21 -29.88 27.72
C GLU B 308 -12.01 -28.97 27.36
N ALA B 309 -12.30 -27.71 27.04
CA ALA B 309 -11.31 -26.67 26.79
C ALA B 309 -10.48 -26.34 28.02
N HIS B 310 -10.96 -26.59 29.26
CA HIS B 310 -10.23 -26.15 30.46
C HIS B 310 -9.40 -27.30 31.05
N GLY B 311 -8.17 -26.99 31.42
CA GLY B 311 -7.21 -27.82 32.06
C GLY B 311 -7.50 -27.87 33.57
N ALA B 312 -7.90 -29.05 34.04
CA ALA B 312 -8.15 -29.34 35.45
C ALA B 312 -6.81 -29.32 36.16
N LEU B 313 -6.74 -28.60 37.27
CA LEU B 313 -5.62 -28.77 38.22
C LEU B 313 -5.64 -30.17 38.83
N PRO B 314 -4.49 -30.85 39.09
CA PRO B 314 -4.50 -32.16 39.75
C PRO B 314 -5.18 -32.16 41.13
N ASP C 18 7.82 1.44 -46.40
CA ASP C 18 9.12 1.25 -47.14
C ASP C 18 9.21 -0.19 -47.64
N ALA C 19 9.02 -0.33 -48.97
CA ALA C 19 8.97 -1.59 -49.71
C ALA C 19 10.20 -2.45 -49.43
N ARG C 20 11.37 -1.78 -49.14
CA ARG C 20 12.65 -2.47 -48.90
C ARG C 20 12.59 -3.41 -47.69
N ASN C 21 11.63 -3.11 -46.76
CA ASN C 21 11.46 -3.86 -45.53
C ASN C 21 11.01 -5.29 -45.75
N ASP C 22 10.32 -5.54 -46.87
CA ASP C 22 9.88 -6.87 -47.25
C ASP C 22 11.05 -7.84 -47.42
N ALA C 23 12.22 -7.34 -47.84
CA ALA C 23 13.33 -8.17 -48.30
C ALA C 23 14.50 -8.15 -47.31
N VAL C 24 14.35 -7.55 -46.12
CA VAL C 24 15.49 -7.50 -45.21
C VAL C 24 15.85 -8.91 -44.72
N LEU C 25 17.14 -9.07 -44.40
CA LEU C 25 17.63 -10.27 -43.74
C LEU C 25 17.69 -10.02 -42.24
N VAL C 26 17.20 -11.01 -41.49
CA VAL C 26 17.13 -10.96 -40.03
C VAL C 26 18.24 -11.87 -39.51
N TYR C 27 18.97 -11.38 -38.52
CA TYR C 27 19.90 -12.23 -37.80
C TYR C 27 19.13 -13.18 -36.87
N VAL C 28 19.41 -14.49 -37.01
CA VAL C 28 18.91 -15.52 -36.13
C VAL C 28 20.06 -16.50 -35.84
N ASN C 29 20.59 -16.43 -34.62
CA ASN C 29 21.57 -17.37 -34.13
C ASN C 29 22.76 -17.50 -35.09
N GLY C 30 23.19 -16.38 -35.66
CA GLY C 30 24.42 -16.34 -36.45
C GLY C 30 24.14 -16.42 -37.95
N GLN C 31 22.92 -16.78 -38.37
CA GLN C 31 22.49 -16.83 -39.75
C GLN C 31 21.75 -15.55 -40.09
N PHE C 32 21.88 -15.12 -41.35
CA PHE C 32 21.06 -14.11 -41.97
C PHE C 32 19.93 -14.79 -42.73
N VAL C 33 18.72 -14.51 -42.32
CA VAL C 33 17.56 -15.27 -42.77
C VAL C 33 16.59 -14.27 -43.39
N PRO C 34 16.09 -14.52 -44.62
CA PRO C 34 15.06 -13.66 -45.19
C PRO C 34 13.90 -13.52 -44.23
N ARG C 35 13.37 -12.31 -44.12
CA ARG C 35 12.29 -11.96 -43.16
C ARG C 35 11.18 -12.99 -43.06
N HIS C 36 10.63 -13.45 -44.20
CA HIS C 36 9.48 -14.36 -44.12
C HIS C 36 9.91 -15.73 -43.62
N GLN C 37 11.22 -15.99 -43.49
CA GLN C 37 11.65 -17.29 -42.99
C GLN C 37 12.36 -17.16 -41.64
N ALA C 38 12.48 -15.93 -41.11
CA ALA C 38 13.18 -15.69 -39.85
C ALA C 38 12.28 -16.23 -38.73
N VAL C 39 12.72 -17.34 -38.12
CA VAL C 39 11.82 -18.11 -37.24
C VAL C 39 12.58 -18.51 -35.99
N VAL C 40 11.79 -18.81 -34.97
CA VAL C 40 12.32 -19.31 -33.71
C VAL C 40 11.47 -20.53 -33.32
N SER C 41 12.11 -21.51 -32.67
CA SER C 41 11.41 -22.70 -32.17
C SER C 41 10.18 -22.33 -31.32
N VAL C 42 9.10 -23.11 -31.45
CA VAL C 42 7.97 -22.98 -30.55
C VAL C 42 8.37 -23.33 -29.10
N PHE C 43 9.55 -23.88 -28.88
CA PHE C 43 10.03 -24.23 -27.56
C PHE C 43 10.93 -23.12 -27.01
N ASP C 44 11.08 -22.04 -27.75
CA ASP C 44 11.94 -20.96 -27.31
C ASP C 44 11.35 -20.28 -26.08
N ALA C 45 12.22 -19.97 -25.11
CA ALA C 45 11.77 -19.36 -23.87
C ALA C 45 11.07 -18.00 -24.13
N GLY C 46 11.50 -17.29 -25.16
CA GLY C 46 10.90 -16.02 -25.57
C GLY C 46 9.44 -16.21 -25.95
N TYR C 47 9.21 -17.18 -26.84
CA TYR C 47 7.86 -17.48 -27.32
C TYR C 47 7.02 -18.06 -26.16
N VAL C 48 7.57 -19.03 -25.39
CA VAL C 48 6.69 -19.74 -24.44
C VAL C 48 6.32 -18.83 -23.26
N CYS C 49 7.25 -17.94 -22.83
CA CYS C 49 7.27 -17.41 -21.48
C CYS C 49 7.58 -15.91 -21.45
N GLY C 50 7.81 -15.28 -22.62
CA GLY C 50 8.21 -13.88 -22.64
C GLY C 50 9.55 -13.71 -21.94
N ASP C 51 10.42 -14.76 -22.03
CA ASP C 51 11.60 -14.85 -21.18
C ASP C 51 12.83 -14.39 -21.96
N GLY C 52 13.10 -13.07 -21.92
CA GLY C 52 14.24 -12.52 -22.65
C GLY C 52 14.28 -11.01 -22.46
N VAL C 53 15.36 -10.38 -22.94
CA VAL C 53 15.51 -8.93 -22.88
C VAL C 53 15.85 -8.48 -24.29
N TRP C 54 15.55 -7.21 -24.59
CA TRP C 54 15.73 -6.67 -25.94
C TRP C 54 16.17 -5.20 -25.85
N GLU C 55 16.67 -4.70 -26.97
CA GLU C 55 17.01 -3.28 -27.10
C GLU C 55 16.64 -2.87 -28.52
N GLY C 56 16.11 -1.65 -28.64
CA GLY C 56 15.87 -1.02 -29.92
C GLY C 56 16.96 0.03 -30.14
N VAL C 57 17.65 0.01 -31.30
CA VAL C 57 18.65 1.05 -31.57
C VAL C 57 18.35 1.69 -32.90
N ARG C 58 18.74 2.96 -33.03
CA ARG C 58 18.58 3.76 -34.24
C ARG C 58 19.96 4.00 -34.82
N LEU C 59 20.02 3.87 -36.15
CA LEU C 59 21.18 4.15 -36.97
C LEU C 59 20.93 5.51 -37.64
N VAL C 60 21.83 6.45 -37.35
CA VAL C 60 21.79 7.79 -37.91
C VAL C 60 23.19 8.11 -38.45
N ASP C 61 23.29 8.40 -39.78
CA ASP C 61 24.47 8.86 -40.50
C ASP C 61 25.65 7.97 -40.14
N GLY C 62 25.48 6.65 -40.27
CA GLY C 62 26.58 5.71 -40.04
C GLY C 62 26.88 5.43 -38.55
N ARG C 63 26.01 5.89 -37.65
CA ARG C 63 26.29 5.75 -36.20
C ARG C 63 25.09 5.16 -35.46
N ILE C 64 25.33 4.11 -34.67
CA ILE C 64 24.31 3.51 -33.84
C ILE C 64 24.21 4.40 -32.60
N VAL C 65 23.04 5.06 -32.46
CA VAL C 65 22.83 6.07 -31.45
C VAL C 65 22.90 5.46 -30.04
N SER C 66 23.82 5.98 -29.20
CA SER C 66 23.89 5.67 -27.79
C SER C 66 24.01 4.16 -27.60
N PHE C 67 24.88 3.54 -28.40
CA PHE C 67 24.91 2.10 -28.53
C PHE C 67 25.24 1.43 -27.19
N ASP C 68 26.39 1.80 -26.59
CA ASP C 68 26.82 1.35 -25.30
C ASP C 68 25.74 1.46 -24.22
N ALA C 69 25.03 2.61 -24.16
CA ALA C 69 24.00 2.79 -23.17
C ALA C 69 22.95 1.67 -23.35
N HIS C 70 22.56 1.37 -24.61
CA HIS C 70 21.60 0.32 -24.87
C HIS C 70 22.14 -1.06 -24.41
N ILE C 71 23.41 -1.32 -24.67
CA ILE C 71 24.00 -2.60 -24.38
C ILE C 71 24.13 -2.81 -22.86
N ASP C 72 24.44 -1.72 -22.16
CA ASP C 72 24.57 -1.78 -20.69
C ASP C 72 23.20 -2.08 -20.07
N ARG C 73 22.13 -1.50 -20.63
CA ARG C 73 20.78 -1.84 -20.11
C ARG C 73 20.52 -3.31 -20.37
N MET C 74 20.92 -3.81 -21.54
CA MET C 74 20.62 -5.20 -21.87
C MET C 74 21.36 -6.12 -20.90
N TYR C 75 22.66 -5.80 -20.59
CA TYR C 75 23.48 -6.68 -19.77
C TYR C 75 22.93 -6.66 -18.35
N GLU C 76 22.50 -5.49 -17.88
CA GLU C 76 21.90 -5.39 -16.53
C GLU C 76 20.58 -6.15 -16.52
N GLY C 77 19.75 -5.97 -17.55
CA GLY C 77 18.47 -6.63 -17.53
C GLY C 77 18.64 -8.15 -17.56
N ALA C 78 19.54 -8.61 -18.43
CA ALA C 78 19.79 -10.04 -18.54
C ALA C 78 20.27 -10.58 -17.18
N LYS C 79 21.21 -9.87 -16.54
CA LYS C 79 21.73 -10.26 -15.24
C LYS C 79 20.55 -10.37 -14.24
N SER C 80 19.60 -9.43 -14.31
CA SER C 80 18.54 -9.46 -13.31
C SER C 80 17.71 -10.75 -13.39
N ILE C 81 17.56 -11.32 -14.60
CA ILE C 81 16.79 -12.56 -14.73
C ILE C 81 17.70 -13.77 -14.96
N ALA C 82 19.01 -13.65 -14.59
CA ALA C 82 19.97 -14.75 -14.59
C ALA C 82 20.02 -15.32 -15.99
N LEU C 83 19.88 -14.43 -17.01
CA LEU C 83 19.92 -14.90 -18.36
C LEU C 83 21.33 -14.64 -18.86
N ASP C 84 22.02 -15.71 -19.25
CA ASP C 84 23.39 -15.55 -19.77
C ASP C 84 23.30 -15.17 -21.25
N ILE C 85 23.73 -13.96 -21.64
CA ILE C 85 23.60 -13.62 -23.04
C ILE C 85 24.52 -14.52 -23.92
N GLY C 86 25.60 -15.02 -23.32
CA GLY C 86 26.49 -15.96 -23.98
C GLY C 86 27.41 -15.25 -24.98
N MET C 87 27.54 -13.90 -24.90
CA MET C 87 28.36 -13.08 -25.81
C MET C 87 29.00 -11.99 -24.99
N THR C 88 30.19 -11.51 -25.35
CA THR C 88 30.72 -10.29 -24.75
C THR C 88 29.92 -9.10 -25.30
N ARG C 89 30.02 -7.95 -24.63
CA ARG C 89 29.41 -6.70 -25.06
C ARG C 89 29.80 -6.38 -26.50
N ALA C 90 31.13 -6.50 -26.80
CA ALA C 90 31.64 -6.22 -28.14
C ALA C 90 30.97 -7.14 -29.15
N GLN C 91 30.86 -8.42 -28.85
CA GLN C 91 30.26 -9.40 -29.76
C GLN C 91 28.79 -9.07 -30.01
N THR C 92 28.07 -8.66 -28.97
CA THR C 92 26.66 -8.36 -29.08
C THR C 92 26.52 -7.17 -30.01
N LYS C 93 27.38 -6.16 -29.80
CA LYS C 93 27.38 -4.98 -30.64
C LYS C 93 27.57 -5.40 -32.11
N GLN C 94 28.50 -6.35 -32.31
CA GLN C 94 28.87 -6.84 -33.61
C GLN C 94 27.68 -7.50 -34.33
N VAL C 95 26.80 -8.18 -33.58
CA VAL C 95 25.55 -8.69 -34.14
C VAL C 95 24.77 -7.57 -34.83
N VAL C 96 24.63 -6.43 -34.15
CA VAL C 96 23.81 -5.35 -34.66
C VAL C 96 24.48 -4.70 -35.88
N VAL C 97 25.79 -4.44 -35.75
CA VAL C 97 26.64 -3.92 -36.81
C VAL C 97 26.47 -4.80 -38.06
N ASP C 98 26.66 -6.12 -37.89
CA ASP C 98 26.58 -7.07 -38.98
C ASP C 98 25.19 -7.05 -39.62
N THR C 99 24.13 -6.94 -38.79
CA THR C 99 22.76 -6.90 -39.26
C THR C 99 22.55 -5.64 -40.12
N PHE C 100 23.06 -4.48 -39.68
CA PHE C 100 22.89 -3.30 -40.54
C PHE C 100 23.68 -3.47 -41.84
N LEU C 101 24.95 -3.90 -41.76
CA LEU C 101 25.82 -4.03 -42.92
C LEU C 101 25.26 -5.06 -43.94
N ARG C 102 24.73 -6.21 -43.48
CA ARG C 102 24.19 -7.22 -44.36
CA ARG C 102 24.24 -7.19 -44.42
CA ARG C 102 24.19 -7.23 -44.35
C ARG C 102 23.01 -6.65 -45.16
N ASN C 103 22.32 -5.63 -44.60
CA ASN C 103 21.13 -5.10 -45.21
C ASN C 103 21.44 -3.80 -45.96
N GLY C 104 22.73 -3.46 -46.06
CA GLY C 104 23.22 -2.22 -46.65
C GLY C 104 22.62 -0.98 -45.99
N MET C 105 22.38 -1.03 -44.64
CA MET C 105 21.83 0.14 -43.98
C MET C 105 22.95 1.02 -43.44
N ARG C 106 22.93 2.34 -43.75
CA ARG C 106 23.87 3.32 -43.19
C ARG C 106 23.16 4.47 -42.48
N ASP C 107 21.87 4.70 -42.78
CA ASP C 107 21.10 5.80 -42.19
C ASP C 107 19.61 5.42 -42.21
N GLY C 108 18.77 6.06 -41.41
CA GLY C 108 17.33 5.91 -41.62
C GLY C 108 16.87 4.47 -41.29
N ALA C 109 17.53 3.86 -40.28
CA ALA C 109 17.19 2.49 -39.93
C ALA C 109 17.23 2.33 -38.42
N HIS C 110 16.57 1.26 -37.99
CA HIS C 110 16.44 0.92 -36.60
C HIS C 110 16.53 -0.59 -36.49
N ALA C 111 16.99 -1.08 -35.34
CA ALA C 111 17.05 -2.53 -35.18
C ALA C 111 16.52 -2.87 -33.81
N ARG C 112 15.91 -4.05 -33.73
CA ARG C 112 15.50 -4.64 -32.48
C ARG C 112 16.36 -5.88 -32.25
N LEU C 113 17.22 -5.80 -31.21
CA LEU C 113 18.01 -6.95 -30.79
C LEU C 113 17.28 -7.65 -29.66
N MET C 114 16.95 -8.92 -29.89
CA MET C 114 16.14 -9.72 -28.98
C MET C 114 16.92 -10.96 -28.54
N VAL C 115 17.08 -11.12 -27.23
CA VAL C 115 17.88 -12.20 -26.65
C VAL C 115 16.99 -12.89 -25.63
N THR C 116 16.66 -14.14 -25.95
CA THR C 116 15.73 -14.93 -25.14
C THR C 116 16.51 -16.10 -24.58
N ARG C 117 15.96 -16.77 -23.56
CA ARG C 117 16.78 -17.63 -22.73
C ARG C 117 17.29 -18.81 -23.57
N GLY C 118 16.47 -19.25 -24.54
CA GLY C 118 16.93 -20.35 -25.37
C GLY C 118 15.82 -21.38 -25.57
N VAL C 119 16.18 -22.44 -26.26
CA VAL C 119 15.24 -23.51 -26.61
C VAL C 119 15.07 -24.46 -25.41
N LYS C 120 13.82 -24.74 -25.06
CA LYS C 120 13.54 -25.52 -23.86
C LYS C 120 13.33 -26.99 -24.21
N LYS C 121 13.73 -27.89 -23.29
CA LYS C 121 13.53 -29.33 -23.45
C LYS C 121 12.03 -29.63 -23.43
N THR C 122 11.24 -28.80 -22.71
CA THR C 122 9.79 -28.92 -22.64
C THR C 122 9.25 -27.51 -22.45
N PRO C 123 8.10 -27.09 -23.04
CA PRO C 123 7.63 -25.72 -22.86
C PRO C 123 7.04 -25.54 -21.46
N ASN C 124 7.73 -24.79 -20.60
CA ASN C 124 7.28 -24.42 -19.27
C ASN C 124 8.12 -23.22 -18.79
N GLN C 125 7.87 -22.70 -17.58
CA GLN C 125 8.53 -21.47 -17.14
C GLN C 125 9.94 -21.73 -16.58
N ASP C 126 10.29 -23.00 -16.30
CA ASP C 126 11.46 -23.25 -15.48
C ASP C 126 12.72 -22.89 -16.28
N PRO C 127 13.57 -21.94 -15.86
CA PRO C 127 14.68 -21.48 -16.71
C PRO C 127 15.85 -22.46 -16.83
N ARG C 128 15.77 -23.59 -16.13
CA ARG C 128 16.88 -24.55 -16.10
C ARG C 128 16.64 -25.51 -17.27
N PHE C 129 17.62 -26.26 -17.75
CA PHE C 129 17.33 -27.31 -18.77
C PHE C 129 17.05 -26.69 -20.14
N ILE C 130 17.77 -25.64 -20.47
CA ILE C 130 17.82 -25.00 -21.77
C ILE C 130 18.82 -25.83 -22.62
N ILE C 131 18.36 -26.30 -23.80
CA ILE C 131 19.25 -26.90 -24.79
C ILE C 131 20.01 -25.77 -25.49
N GLY C 132 21.35 -25.82 -25.41
CA GLY C 132 22.16 -24.82 -26.07
C GLY C 132 22.18 -23.52 -25.28
N GLY C 133 22.45 -22.41 -25.98
CA GLY C 133 22.57 -21.10 -25.34
C GLY C 133 21.38 -20.21 -25.67
N ALA C 134 21.55 -18.93 -25.34
CA ALA C 134 20.56 -17.90 -25.61
C ALA C 134 20.25 -17.85 -27.10
N THR C 135 18.97 -17.62 -27.46
CA THR C 135 18.53 -17.25 -28.79
C THR C 135 18.73 -15.77 -28.99
N VAL C 136 19.35 -15.43 -30.14
CA VAL C 136 19.73 -14.06 -30.48
C VAL C 136 19.13 -13.74 -31.84
N VAL C 137 18.26 -12.73 -31.86
CA VAL C 137 17.56 -12.32 -33.06
C VAL C 137 17.75 -10.81 -33.20
N CYS C 138 18.04 -10.36 -34.42
CA CYS C 138 18.17 -8.97 -34.72
C CYS C 138 17.38 -8.62 -35.99
N VAL C 139 16.31 -7.85 -35.81
CA VAL C 139 15.49 -7.37 -36.90
C VAL C 139 15.83 -5.90 -37.18
N ALA C 140 16.49 -5.64 -38.32
CA ALA C 140 16.74 -4.29 -38.79
C ALA C 140 15.72 -3.93 -39.87
N GLU C 141 15.26 -2.67 -39.81
CA GLU C 141 14.23 -2.17 -40.76
C GLU C 141 14.45 -0.69 -41.06
N HIS C 142 14.22 -0.27 -42.31
CA HIS C 142 14.22 1.14 -42.72
C HIS C 142 13.04 1.82 -42.04
N LYS C 143 13.23 2.95 -41.37
CA LYS C 143 12.12 3.85 -41.07
C LYS C 143 12.63 5.25 -41.41
N VAL C 144 11.86 6.00 -42.21
CA VAL C 144 11.96 7.46 -42.15
C VAL C 144 11.22 7.93 -40.90
N VAL C 145 11.93 8.66 -40.01
CA VAL C 145 11.40 9.50 -38.94
C VAL C 145 11.04 10.86 -39.57
N THR C 146 9.73 11.16 -39.68
CA THR C 146 9.25 12.39 -40.35
C THR C 146 9.72 13.63 -39.56
N PRO C 147 10.03 14.81 -40.19
CA PRO C 147 10.47 16.04 -39.47
C PRO C 147 9.56 16.48 -38.31
N GLU C 148 10.10 17.29 -37.34
CA GLU C 148 9.44 17.62 -36.06
C GLU C 148 8.06 18.24 -36.30
N ALA C 149 8.02 19.22 -37.24
CA ALA C 149 6.86 20.00 -37.65
C ALA C 149 5.72 19.14 -38.23
N LYS C 150 6.04 17.95 -38.82
CA LYS C 150 5.15 17.05 -39.57
C LYS C 150 4.62 15.86 -38.75
N ARG C 151 4.20 16.03 -37.46
CA ARG C 151 3.28 15.12 -36.71
C ARG C 151 2.51 15.92 -35.66
N ASN C 152 1.18 15.74 -35.53
CA ASN C 152 0.31 16.69 -34.79
C ASN C 152 -0.01 16.17 -33.37
N GLY C 153 0.79 15.22 -32.89
CA GLY C 153 0.86 14.98 -31.46
C GLY C 153 -0.01 13.81 -31.04
N LEU C 154 0.46 13.06 -30.05
CA LEU C 154 -0.26 11.93 -29.50
C LEU C 154 -1.33 12.37 -28.52
N LYS C 155 -2.45 11.66 -28.57
CA LYS C 155 -3.43 11.65 -27.49
C LYS C 155 -3.06 10.59 -26.46
N LEU C 156 -2.96 11.01 -25.20
CA LEU C 156 -2.69 10.10 -24.10
C LEU C 156 -3.95 9.90 -23.26
N PHE C 157 -4.17 8.70 -22.75
CA PHE C 157 -5.18 8.44 -21.71
C PHE C 157 -4.49 7.77 -20.53
N THR C 158 -4.74 8.25 -19.30
CA THR C 158 -4.12 7.67 -18.14
C THR C 158 -4.90 6.41 -17.79
N SER C 159 -4.26 5.27 -18.07
CA SER C 159 -4.90 3.98 -17.87
C SER C 159 -5.16 3.77 -16.38
N THR C 160 -6.16 2.95 -16.10
CA THR C 160 -6.38 2.45 -14.74
C THR C 160 -5.32 1.46 -14.29
N LEU C 161 -4.61 0.85 -15.24
CA LEU C 161 -3.59 -0.16 -14.96
C LEU C 161 -2.28 0.55 -14.64
N ARG C 162 -1.65 0.12 -13.55
CA ARG C 162 -0.54 0.77 -12.88
C ARG C 162 0.80 0.16 -13.29
N CYS C 163 1.83 1.02 -13.23
CA CYS C 163 3.20 0.55 -13.13
C CYS C 163 3.40 -0.17 -11.81
N SER C 164 4.16 -1.28 -11.83
CA SER C 164 4.37 -2.10 -10.66
C SER C 164 5.59 -1.58 -9.90
N GLY C 165 5.66 -1.88 -8.61
CA GLY C 165 6.87 -1.74 -7.83
C GLY C 165 7.83 -2.89 -8.16
N PRO C 166 9.14 -2.72 -7.84
CA PRO C 166 10.14 -3.69 -8.27
C PRO C 166 10.07 -5.04 -7.53
N ASP C 167 9.34 -5.11 -6.41
CA ASP C 167 9.17 -6.43 -5.83
C ASP C 167 8.04 -7.21 -6.52
N VAL C 168 7.30 -6.58 -7.47
CA VAL C 168 6.28 -7.26 -8.21
C VAL C 168 6.78 -7.52 -9.64
N PHE C 169 7.24 -6.47 -10.30
CA PHE C 169 7.90 -6.57 -11.59
C PHE C 169 8.61 -5.22 -11.82
N ASP C 170 9.92 -5.24 -11.95
CA ASP C 170 10.80 -4.09 -12.09
C ASP C 170 10.73 -3.59 -13.52
N LEU C 171 10.13 -2.43 -13.71
CA LEU C 171 9.92 -1.92 -15.07
C LEU C 171 11.18 -1.32 -15.66
N ARG C 172 12.29 -1.30 -14.93
CA ARG C 172 13.60 -1.07 -15.56
C ARG C 172 13.95 -2.19 -16.54
N LEU C 173 13.40 -3.38 -16.32
CA LEU C 173 13.65 -4.50 -17.20
C LEU C 173 13.02 -4.28 -18.59
N ASN C 174 13.85 -4.38 -19.64
CA ASN C 174 13.34 -4.26 -21.00
C ASN C 174 13.15 -5.68 -21.57
N SER C 175 11.98 -6.28 -21.27
CA SER C 175 11.81 -7.71 -21.42
C SER C 175 10.80 -8.06 -22.50
N HIS C 176 10.75 -9.37 -22.81
CA HIS C 176 9.78 -9.96 -23.72
C HIS C 176 8.46 -10.23 -22.99
N SER C 177 8.33 -9.87 -21.69
CA SER C 177 7.06 -10.06 -21.00
C SER C 177 6.33 -8.73 -20.95
N ARG C 178 5.57 -8.39 -22.00
CA ARG C 178 5.04 -7.01 -22.13
C ARG C 178 3.53 -6.88 -21.99
N LEU C 179 2.81 -7.93 -21.59
CA LEU C 179 1.39 -7.76 -21.37
C LEU C 179 1.10 -6.75 -20.27
N ASN C 180 2.00 -6.52 -19.31
CA ASN C 180 1.73 -5.51 -18.29
C ASN C 180 1.62 -4.14 -18.95
N LEU C 181 2.37 -3.84 -20.02
CA LEU C 181 2.28 -2.56 -20.71
C LEU C 181 1.16 -2.56 -21.75
N ILE C 182 1.00 -3.68 -22.49
CA ILE C 182 0.03 -3.76 -23.56
C ILE C 182 -1.38 -3.58 -22.99
N GLN C 183 -1.63 -4.13 -21.79
CA GLN C 183 -2.94 -4.01 -21.17
C GLN C 183 -3.36 -2.56 -20.96
N ALA C 184 -2.41 -1.72 -20.51
CA ALA C 184 -2.68 -0.30 -20.31
C ALA C 184 -2.98 0.35 -21.68
N LEU C 185 -2.17 0.01 -22.70
CA LEU C 185 -2.36 0.54 -24.04
C LEU C 185 -3.75 0.19 -24.58
N ILE C 186 -4.20 -1.07 -24.36
CA ILE C 186 -5.48 -1.48 -24.84
C ILE C 186 -6.57 -0.56 -24.28
N GLN C 187 -6.51 -0.30 -22.97
CA GLN C 187 -7.49 0.57 -22.34
C GLN C 187 -7.42 1.99 -22.97
N ALA C 188 -6.20 2.51 -23.14
CA ALA C 188 -6.08 3.84 -23.73
C ALA C 188 -6.66 3.87 -25.15
N ILE C 189 -6.42 2.78 -25.94
CA ILE C 189 -6.92 2.77 -27.30
C ILE C 189 -8.45 2.89 -27.24
N GLN C 190 -9.09 2.17 -26.30
CA GLN C 190 -10.54 2.22 -26.33
C GLN C 190 -11.08 3.56 -25.86
N ALA C 191 -10.26 4.39 -25.20
CA ALA C 191 -10.68 5.71 -24.77
C ALA C 191 -10.46 6.70 -25.91
N GLY C 192 -9.99 6.23 -27.10
CA GLY C 192 -9.82 7.13 -28.21
C GLY C 192 -8.41 7.73 -28.19
N ALA C 193 -7.49 7.21 -27.39
CA ALA C 193 -6.16 7.78 -27.34
C ALA C 193 -5.15 6.93 -28.16
N ASP C 194 -3.90 7.41 -28.27
CA ASP C 194 -2.88 6.75 -29.06
C ASP C 194 -1.97 5.90 -28.19
N GLU C 195 -1.81 6.35 -26.96
CA GLU C 195 -0.85 5.72 -26.03
C GLU C 195 -1.37 5.89 -24.60
N ALA C 196 -1.02 4.98 -23.71
CA ALA C 196 -1.43 5.04 -22.31
C ALA C 196 -0.38 5.83 -21.54
N LEU C 197 -0.86 6.77 -20.72
CA LEU C 197 -0.02 7.24 -19.62
C LEU C 197 -0.29 6.31 -18.42
N MET C 198 0.73 6.09 -17.57
CA MET C 198 0.60 5.16 -16.46
C MET C 198 1.07 5.84 -15.17
N LEU C 199 0.27 5.67 -14.11
CA LEU C 199 0.70 6.07 -12.77
C LEU C 199 1.50 4.95 -12.09
N ASP C 200 2.31 5.36 -11.13
CA ASP C 200 3.06 4.42 -10.32
C ASP C 200 2.14 3.93 -9.17
N PRO C 201 2.59 3.01 -8.27
CA PRO C 201 1.71 2.48 -7.22
C PRO C 201 1.20 3.58 -6.27
N ASN C 202 1.90 4.73 -6.24
CA ASN C 202 1.45 5.77 -5.34
C ASN C 202 0.45 6.75 -6.00
N GLY C 203 0.26 6.67 -7.31
CA GLY C 203 -0.63 7.58 -8.03
C GLY C 203 0.09 8.75 -8.73
N PHE C 204 1.42 8.81 -8.64
CA PHE C 204 2.19 9.82 -9.36
C PHE C 204 2.43 9.38 -10.80
N VAL C 205 2.65 10.36 -11.67
CA VAL C 205 2.84 10.05 -13.09
C VAL C 205 4.15 9.28 -13.25
N SER C 206 4.14 8.16 -13.99
CA SER C 206 5.32 7.35 -14.17
C SER C 206 5.84 7.48 -15.61
N SER C 207 5.07 6.98 -16.60
CA SER C 207 5.60 6.88 -17.97
C SER C 207 4.42 6.52 -18.91
N CYS C 208 4.66 6.58 -20.22
CA CYS C 208 3.71 5.95 -21.11
C CYS C 208 3.99 4.43 -21.25
N ASN C 209 3.14 3.70 -21.99
CA ASN C 209 3.27 2.25 -22.03
C ASN C 209 4.51 1.85 -22.86
N SER C 210 4.99 2.70 -23.81
CA SER C 210 6.12 2.30 -24.60
C SER C 210 7.08 3.45 -24.78
N THR C 211 6.81 4.62 -24.21
CA THR C 211 7.69 5.78 -24.33
C THR C 211 7.74 6.43 -22.96
N ASN C 212 8.81 7.18 -22.67
CA ASN C 212 8.90 7.93 -21.43
C ASN C 212 8.10 9.23 -21.58
N PHE C 213 7.58 9.79 -20.47
CA PHE C 213 6.72 10.95 -20.54
C PHE C 213 7.41 12.17 -19.94
N PHE C 214 7.24 13.30 -20.63
CA PHE C 214 7.76 14.57 -20.08
C PHE C 214 6.68 15.65 -20.15
N ALA C 215 6.69 16.57 -19.17
CA ALA C 215 5.87 17.75 -19.24
C ALA C 215 6.74 19.00 -19.16
N VAL C 216 6.23 20.08 -19.76
CA VAL C 216 6.85 21.40 -19.59
C VAL C 216 5.86 22.31 -18.84
N ARG C 217 6.40 22.84 -17.74
CA ARG C 217 5.63 23.72 -16.86
C ARG C 217 6.49 24.94 -16.59
N ASN C 218 6.12 26.09 -17.12
CA ASN C 218 6.77 27.35 -16.90
C ASN C 218 8.24 27.28 -17.29
N GLY C 219 8.55 26.82 -18.53
CA GLY C 219 9.95 26.82 -18.94
C GLY C 219 10.78 25.70 -18.29
N ALA C 220 10.17 24.85 -17.45
CA ALA C 220 10.91 23.81 -16.77
C ALA C 220 10.45 22.46 -17.31
N LEU C 221 11.42 21.52 -17.39
CA LEU C 221 11.12 20.17 -17.84
C LEU C 221 10.85 19.25 -16.62
N TRP C 222 9.69 18.55 -16.65
CA TRP C 222 9.28 17.65 -15.58
C TRP C 222 9.15 16.23 -16.12
N THR C 223 9.66 15.27 -15.35
CA THR C 223 9.54 13.87 -15.69
C THR C 223 9.62 13.06 -14.40
N SER C 224 9.08 11.82 -14.39
CA SER C 224 9.13 11.04 -13.13
C SER C 224 10.58 10.71 -12.75
N SER C 225 10.79 10.32 -11.50
CA SER C 225 12.09 9.80 -11.01
C SER C 225 12.55 8.59 -11.83
N GLY C 226 11.62 7.89 -12.49
CA GLY C 226 11.89 6.63 -13.17
C GLY C 226 12.02 5.43 -12.22
N ARG C 227 11.60 5.58 -10.97
CA ARG C 227 11.62 4.47 -10.04
C ARG C 227 10.67 3.38 -10.50
N TYR C 228 9.66 3.73 -11.31
CA TYR C 228 8.64 2.75 -11.67
C TYR C 228 8.37 2.70 -13.18
N CYS C 229 9.43 2.87 -14.00
CA CYS C 229 9.23 2.71 -15.44
C CYS C 229 10.57 2.42 -16.10
N PHE C 230 10.52 2.02 -17.38
CA PHE C 230 11.74 1.91 -18.17
C PHE C 230 12.48 3.24 -18.07
N ASN C 231 13.77 3.18 -17.88
CA ASN C 231 14.62 4.36 -17.86
C ASN C 231 15.19 4.50 -19.24
N GLY C 232 14.43 5.08 -20.16
CA GLY C 232 14.81 5.07 -21.57
C GLY C 232 16.10 5.82 -21.80
N ILE C 233 16.81 5.41 -22.85
CA ILE C 233 18.08 6.06 -23.19
C ILE C 233 17.74 7.48 -23.67
N THR C 234 16.64 7.56 -24.47
CA THR C 234 16.20 8.84 -24.99
C THR C 234 15.87 9.78 -23.83
N ARG C 235 15.08 9.26 -22.85
CA ARG C 235 14.77 10.02 -21.66
C ARG C 235 16.05 10.61 -21.04
N ALA C 236 17.04 9.75 -20.83
CA ALA C 236 18.29 10.12 -20.14
C ALA C 236 18.99 11.19 -20.98
N THR C 237 19.01 11.02 -22.31
CA THR C 237 19.63 11.99 -23.18
C THR C 237 18.97 13.35 -23.06
N VAL C 238 17.63 13.36 -23.05
CA VAL C 238 16.92 14.63 -23.07
C VAL C 238 17.12 15.35 -21.70
N VAL C 239 17.07 14.61 -20.57
CA VAL C 239 17.40 15.16 -19.28
C VAL C 239 18.77 15.86 -19.33
N ARG C 240 19.78 15.15 -19.82
CA ARG C 240 21.17 15.69 -19.86
C ARG C 240 21.23 16.91 -20.77
N LEU C 241 20.62 16.85 -21.94
CA LEU C 241 20.63 17.99 -22.85
C LEU C 241 20.01 19.20 -22.18
N ALA C 242 18.89 18.97 -21.46
CA ALA C 242 18.18 20.04 -20.78
C ALA C 242 19.11 20.74 -19.76
N ARG C 243 19.76 19.94 -18.94
CA ARG C 243 20.64 20.49 -17.89
C ARG C 243 21.83 21.21 -18.55
N GLU C 244 22.38 20.64 -19.61
CA GLU C 244 23.52 21.25 -20.27
C GLU C 244 23.16 22.60 -20.88
N ALA C 245 21.90 22.76 -21.30
CA ALA C 245 21.37 23.99 -21.85
C ALA C 245 20.86 24.93 -20.74
N GLY C 246 21.01 24.55 -19.45
CA GLY C 246 20.49 25.33 -18.30
C GLY C 246 18.96 25.41 -18.28
N ILE C 247 18.25 24.48 -18.95
CA ILE C 247 16.81 24.34 -18.72
C ILE C 247 16.61 23.64 -17.38
N PRO C 248 15.81 24.18 -16.42
CA PRO C 248 15.59 23.47 -15.16
C PRO C 248 14.86 22.14 -15.41
N VAL C 249 15.30 21.12 -14.65
CA VAL C 249 14.72 19.80 -14.75
C VAL C 249 14.20 19.36 -13.39
N HIS C 250 12.90 19.07 -13.36
CA HIS C 250 12.11 18.64 -12.13
C HIS C 250 12.04 17.09 -12.40
N GLU C 251 12.81 16.29 -11.71
CA GLU C 251 12.74 14.84 -11.87
C GLU C 251 12.32 14.34 -10.52
N GLY C 252 11.10 13.81 -10.42
CA GLY C 252 10.49 13.61 -9.13
C GLY C 252 8.97 13.50 -9.28
N ASP C 253 8.26 13.52 -8.14
CA ASP C 253 6.89 13.05 -8.15
C ASP C 253 6.00 14.18 -8.62
N PHE C 254 5.23 13.89 -9.68
CA PHE C 254 4.29 14.90 -10.13
C PHE C 254 2.96 14.24 -10.47
N THR C 255 1.92 15.10 -10.58
CA THR C 255 0.56 14.58 -10.62
C THR C 255 -0.09 14.81 -11.98
N LEU C 256 -1.19 14.09 -12.22
CA LEU C 256 -2.12 14.47 -13.29
C LEU C 256 -2.48 15.97 -13.29
N ALA C 257 -2.75 16.58 -12.11
CA ALA C 257 -3.06 18.01 -12.05
C ALA C 257 -1.92 18.79 -12.71
N GLU C 258 -0.68 18.42 -12.41
CA GLU C 258 0.50 19.15 -12.95
C GLU C 258 0.62 18.91 -14.46
N VAL C 259 0.12 17.77 -14.93
CA VAL C 259 0.10 17.54 -16.37
C VAL C 259 -0.99 18.40 -17.02
N TYR C 260 -2.21 18.36 -16.46
CA TYR C 260 -3.34 19.04 -17.09
C TYR C 260 -3.08 20.55 -17.23
N ALA C 261 -2.26 21.10 -16.31
CA ALA C 261 -1.97 22.52 -16.28
C ALA C 261 -0.59 22.76 -16.95
N ALA C 262 0.02 21.74 -17.56
CA ALA C 262 1.33 21.95 -18.17
C ALA C 262 1.19 22.83 -19.42
N ASP C 263 2.33 23.44 -19.85
CA ASP C 263 2.38 24.24 -21.06
C ASP C 263 2.54 23.31 -22.24
N GLU C 264 3.35 22.24 -22.08
CA GLU C 264 3.62 21.32 -23.16
C GLU C 264 3.77 19.93 -22.59
N ALA C 265 3.71 18.93 -23.43
CA ALA C 265 4.16 17.60 -23.03
C ALA C 265 4.70 16.89 -24.28
N PHE C 266 5.57 15.89 -24.04
CA PHE C 266 6.06 15.07 -25.13
C PHE C 266 6.53 13.75 -24.54
N VAL C 267 6.70 12.75 -25.39
CA VAL C 267 7.19 11.44 -24.99
C VAL C 267 8.50 11.19 -25.73
N THR C 268 9.31 10.29 -25.19
CA THR C 268 10.60 9.95 -25.77
C THR C 268 10.72 8.43 -25.95
N GLY C 269 11.44 8.07 -27.00
CA GLY C 269 11.85 6.70 -27.23
C GLY C 269 12.79 6.63 -28.45
N THR C 270 13.51 5.54 -28.61
CA THR C 270 14.50 5.42 -29.69
C THR C 270 13.85 5.48 -31.07
N LEU C 271 12.59 5.03 -31.19
CA LEU C 271 12.04 4.88 -32.49
C LEU C 271 11.67 6.24 -33.08
N ALA C 272 11.03 7.10 -32.29
CA ALA C 272 10.51 8.37 -32.83
C ALA C 272 11.25 9.61 -32.29
N GLY C 273 12.12 9.46 -31.29
CA GLY C 273 12.75 10.62 -30.68
C GLY C 273 11.79 11.27 -29.68
N LEU C 274 11.57 12.58 -29.83
CA LEU C 274 10.61 13.35 -29.06
C LEU C 274 9.33 13.42 -29.91
N THR C 275 8.24 12.86 -29.34
CA THR C 275 6.96 12.98 -29.99
C THR C 275 6.09 13.93 -29.13
N PRO C 276 5.60 15.06 -29.70
CA PRO C 276 4.73 15.97 -28.95
C PRO C 276 3.41 15.29 -28.54
N VAL C 277 2.86 15.77 -27.43
CA VAL C 277 1.60 15.26 -26.93
C VAL C 277 0.58 16.38 -27.16
N SER C 278 -0.59 16.04 -27.72
CA SER C 278 -1.62 17.06 -27.94
C SER C 278 -2.73 17.01 -26.88
N SER C 279 -2.84 15.94 -26.08
CA SER C 279 -3.76 15.92 -24.97
C SER C 279 -3.48 14.74 -24.04
N VAL C 280 -3.99 14.88 -22.80
CA VAL C 280 -3.89 13.86 -21.78
C VAL C 280 -5.27 13.81 -21.13
N ASP C 281 -5.91 12.63 -21.18
CA ASP C 281 -7.26 12.46 -20.64
C ASP C 281 -8.21 13.50 -21.24
N GLY C 282 -8.06 13.82 -22.52
CA GLY C 282 -8.95 14.80 -23.14
C GLY C 282 -8.58 16.27 -22.84
N ARG C 283 -7.54 16.51 -22.06
CA ARG C 283 -7.13 17.90 -21.74
C ARG C 283 -6.14 18.38 -22.79
N ALA C 284 -6.52 19.39 -23.59
CA ALA C 284 -5.70 19.83 -24.71
C ALA C 284 -4.38 20.42 -24.22
N LEU C 285 -3.30 20.07 -24.95
CA LEU C 285 -2.02 20.75 -24.85
C LEU C 285 -1.60 21.16 -26.25
N VAL C 286 -1.03 22.35 -26.40
CA VAL C 286 -0.57 22.78 -27.72
C VAL C 286 0.60 21.88 -28.10
N PRO C 287 0.50 21.12 -29.23
CA PRO C 287 1.59 20.23 -29.64
C PRO C 287 2.80 21.03 -30.09
N LEU C 288 4.03 20.58 -29.79
CA LEU C 288 5.27 21.17 -30.25
C LEU C 288 5.45 22.58 -29.72
N GLY C 289 5.28 22.77 -28.41
CA GLY C 289 5.57 24.06 -27.79
C GLY C 289 7.06 24.38 -27.86
N PRO C 290 7.44 25.61 -27.42
CA PRO C 290 8.81 26.11 -27.67
C PRO C 290 9.88 25.22 -27.03
N LEU C 291 9.63 24.69 -25.80
CA LEU C 291 10.66 23.92 -25.12
C LEU C 291 10.78 22.52 -25.72
N THR C 292 9.65 21.94 -26.16
CA THR C 292 9.72 20.71 -26.94
C THR C 292 10.62 20.94 -28.18
N GLN C 293 10.42 22.08 -28.89
CA GLN C 293 11.11 22.33 -30.16
C GLN C 293 12.62 22.50 -29.90
N ARG C 294 12.97 23.18 -28.81
CA ARG C 294 14.40 23.42 -28.49
C ARG C 294 15.09 22.09 -28.12
N LEU C 295 14.40 21.21 -27.40
CA LEU C 295 15.01 19.99 -26.95
C LEU C 295 15.08 19.02 -28.11
N ASP C 296 14.08 19.04 -28.97
CA ASP C 296 14.10 18.24 -30.17
C ASP C 296 15.28 18.63 -31.05
N ALA C 297 15.54 19.96 -31.20
CA ALA C 297 16.64 20.40 -32.03
C ALA C 297 17.95 19.93 -31.38
N LEU C 298 18.07 20.05 -30.04
CA LEU C 298 19.24 19.58 -29.32
C LEU C 298 19.41 18.07 -29.50
N TYR C 299 18.32 17.31 -29.47
CA TYR C 299 18.42 15.87 -29.59
C TYR C 299 18.78 15.50 -31.03
N ARG C 300 18.18 16.13 -32.04
CA ARG C 300 18.46 15.80 -33.46
C ARG C 300 19.93 16.11 -33.75
N ALA C 301 20.47 17.22 -33.24
CA ALA C 301 21.88 17.59 -33.34
C ALA C 301 22.75 16.49 -32.70
N TYR C 302 22.38 16.09 -31.48
CA TYR C 302 23.17 15.17 -30.71
C TYR C 302 23.25 13.81 -31.39
N ILE C 303 22.12 13.30 -31.92
CA ILE C 303 22.17 11.95 -32.42
C ILE C 303 22.86 11.92 -33.79
N ALA C 304 22.98 13.06 -34.45
CA ALA C 304 23.64 13.16 -35.75
C ALA C 304 25.12 13.57 -35.60
N SER C 305 25.62 13.79 -34.38
CA SER C 305 26.99 14.26 -34.17
C SER C 305 27.92 13.07 -34.02
N ALA C 306 29.22 13.34 -34.13
CA ALA C 306 30.25 12.32 -33.92
C ALA C 306 30.59 12.20 -32.42
N ASN C 307 29.60 12.31 -31.55
CA ASN C 307 29.72 11.97 -30.15
C ASN C 307 30.26 10.55 -29.92
N GLU C 308 31.06 10.38 -28.86
CA GLU C 308 31.67 9.11 -28.54
C GLU C 308 30.65 8.09 -28.02
N ALA C 309 29.46 8.54 -27.60
CA ALA C 309 28.37 7.67 -27.17
C ALA C 309 27.80 6.87 -28.35
N HIS C 310 28.04 7.30 -29.60
CA HIS C 310 27.49 6.62 -30.78
C HIS C 310 28.56 5.79 -31.45
N GLY C 311 28.22 4.50 -31.70
CA GLY C 311 29.09 3.53 -32.32
C GLY C 311 28.99 3.69 -33.84
N ALA C 312 30.09 4.18 -34.43
CA ALA C 312 30.36 4.26 -35.83
C ALA C 312 30.36 2.82 -36.40
N LEU C 313 29.57 2.64 -37.47
CA LEU C 313 29.65 1.49 -38.36
C LEU C 313 31.04 1.46 -39.01
N PRO C 314 31.67 0.32 -39.37
CA PRO C 314 33.05 0.33 -39.90
C PRO C 314 33.43 1.09 -41.19
N ASP D 18 11.35 -39.86 -22.10
CA ASP D 18 10.65 -40.72 -23.10
C ASP D 18 11.08 -40.34 -24.54
N ALA D 19 11.85 -41.25 -25.14
CA ALA D 19 12.45 -41.17 -26.48
C ALA D 19 11.43 -40.78 -27.55
N ARG D 20 10.13 -41.16 -27.36
CA ARG D 20 9.06 -40.88 -28.32
C ARG D 20 8.82 -39.38 -28.49
N ASN D 21 9.23 -38.59 -27.45
CA ASN D 21 9.04 -37.14 -27.45
C ASN D 21 9.88 -36.42 -28.48
N ASP D 22 11.01 -37.02 -28.83
CA ASP D 22 11.86 -36.50 -29.87
C ASP D 22 11.19 -36.42 -31.25
N ALA D 23 10.21 -37.27 -31.52
CA ALA D 23 9.58 -37.42 -32.83
C ALA D 23 8.14 -36.87 -32.87
N VAL D 24 7.65 -36.23 -31.81
CA VAL D 24 6.25 -35.81 -31.84
C VAL D 24 6.04 -34.74 -32.92
N LEU D 25 4.81 -34.70 -33.43
CA LEU D 25 4.39 -33.64 -34.32
C LEU D 25 3.64 -32.56 -33.53
N VAL D 26 3.99 -31.29 -33.82
CA VAL D 26 3.45 -30.14 -33.14
C VAL D 26 2.50 -29.47 -34.11
N TYR D 27 1.30 -29.10 -33.62
CA TYR D 27 0.37 -28.30 -34.38
C TYR D 27 0.87 -26.86 -34.40
N VAL D 28 1.00 -26.31 -35.61
CA VAL D 28 1.29 -24.90 -35.87
C VAL D 28 0.38 -24.41 -36.98
N ASN D 29 -0.61 -23.60 -36.62
CA ASN D 29 -1.50 -22.95 -37.57
C ASN D 29 -2.12 -23.93 -38.55
N GLY D 30 -2.53 -25.10 -38.07
CA GLY D 30 -3.27 -26.06 -38.86
C GLY D 30 -2.38 -27.16 -39.44
N GLN D 31 -1.05 -27.01 -39.44
CA GLN D 31 -0.07 -27.96 -39.94
C GLN D 31 0.49 -28.72 -38.77
N PHE D 32 0.79 -30.02 -38.98
CA PHE D 32 1.53 -30.85 -38.05
C PHE D 32 2.99 -30.86 -38.48
N VAL D 33 3.85 -30.35 -37.62
CA VAL D 33 5.23 -30.08 -37.95
C VAL D 33 6.10 -30.93 -36.99
N PRO D 34 7.11 -31.67 -37.51
CA PRO D 34 8.04 -32.36 -36.61
C PRO D 34 8.66 -31.35 -35.65
N ARG D 35 8.83 -31.85 -34.43
CA ARG D 35 9.37 -31.16 -33.26
C ARG D 35 10.49 -30.18 -33.61
N HIS D 36 11.54 -30.62 -34.31
CA HIS D 36 12.74 -29.79 -34.52
C HIS D 36 12.47 -28.76 -35.60
N GLN D 37 11.30 -28.81 -36.27
CA GLN D 37 11.00 -27.79 -37.26
C GLN D 37 9.81 -26.93 -36.83
N ALA D 38 9.24 -27.20 -35.63
CA ALA D 38 8.03 -26.51 -35.17
C ALA D 38 8.43 -25.10 -34.74
N VAL D 39 8.04 -24.11 -35.53
CA VAL D 39 8.63 -22.79 -35.45
C VAL D 39 7.52 -21.74 -35.58
N VAL D 40 7.90 -20.52 -35.16
CA VAL D 40 6.98 -19.39 -35.23
C VAL D 40 7.82 -18.20 -35.71
N SER D 41 7.17 -17.25 -36.42
CA SER D 41 7.89 -16.07 -36.90
C SER D 41 8.56 -15.31 -35.75
N VAL D 42 9.76 -14.75 -35.99
CA VAL D 42 10.35 -13.84 -34.99
C VAL D 42 9.48 -12.57 -34.82
N PHE D 43 8.49 -12.38 -35.71
CA PHE D 43 7.61 -11.22 -35.65
C PHE D 43 6.33 -11.58 -34.90
N ASP D 44 6.24 -12.82 -34.40
CA ASP D 44 5.06 -13.23 -33.66
C ASP D 44 4.93 -12.45 -32.34
N ALA D 45 3.69 -12.07 -32.04
CA ALA D 45 3.43 -11.30 -30.82
C ALA D 45 3.84 -12.08 -29.55
N GLY D 46 3.74 -13.40 -29.61
CA GLY D 46 4.12 -14.27 -28.51
C GLY D 46 5.62 -14.18 -28.22
N TYR D 47 6.43 -14.23 -29.28
CA TYR D 47 7.88 -14.16 -29.20
C TYR D 47 8.27 -12.75 -28.81
N VAL D 48 7.68 -11.73 -29.46
CA VAL D 48 8.19 -10.37 -29.27
C VAL D 48 7.85 -9.83 -27.86
N CYS D 49 6.69 -10.25 -27.32
CA CYS D 49 5.96 -9.47 -26.32
C CYS D 49 5.35 -10.39 -25.26
N GLY D 50 5.44 -11.71 -25.40
CA GLY D 50 4.73 -12.57 -24.48
C GLY D 50 3.23 -12.35 -24.57
N ASP D 51 2.76 -12.07 -25.78
CA ASP D 51 1.40 -11.59 -25.97
C ASP D 51 0.51 -12.75 -26.45
N GLY D 52 -0.05 -13.51 -25.51
CA GLY D 52 -0.90 -14.64 -25.82
C GLY D 52 -1.37 -15.34 -24.55
N VAL D 53 -2.27 -16.31 -24.72
CA VAL D 53 -2.75 -17.09 -23.57
C VAL D 53 -2.57 -18.56 -23.92
N TRP D 54 -2.50 -19.41 -22.89
CA TRP D 54 -2.22 -20.82 -23.10
C TRP D 54 -2.98 -21.65 -22.05
N GLU D 55 -3.08 -22.95 -22.32
CA GLU D 55 -3.67 -23.92 -21.41
C GLU D 55 -2.87 -25.18 -21.53
N GLY D 56 -2.61 -25.82 -20.41
CA GLY D 56 -2.02 -27.16 -20.33
C GLY D 56 -3.14 -28.15 -20.02
N VAL D 57 -3.24 -29.24 -20.79
CA VAL D 57 -4.23 -30.27 -20.50
C VAL D 57 -3.55 -31.61 -20.44
N ARG D 58 -4.14 -32.52 -19.63
CA ARG D 58 -3.62 -33.88 -19.43
C ARG D 58 -4.63 -34.85 -20.03
N LEU D 59 -4.09 -35.84 -20.73
CA LEU D 59 -4.85 -36.92 -21.34
C LEU D 59 -4.65 -38.17 -20.47
N VAL D 60 -5.78 -38.67 -19.94
CA VAL D 60 -5.78 -39.88 -19.10
C VAL D 60 -6.85 -40.84 -19.60
N ASP D 61 -6.43 -42.10 -19.95
CA ASP D 61 -7.28 -43.20 -20.42
C ASP D 61 -8.30 -42.71 -21.46
N GLY D 62 -7.78 -42.05 -22.51
CA GLY D 62 -8.56 -41.54 -23.63
C GLY D 62 -9.47 -40.35 -23.33
N ARG D 63 -9.21 -39.67 -22.21
CA ARG D 63 -10.05 -38.49 -21.84
C ARG D 63 -9.18 -37.28 -21.52
N ILE D 64 -9.50 -36.13 -22.11
CA ILE D 64 -8.80 -34.92 -21.80
C ILE D 64 -9.41 -34.40 -20.52
N VAL D 65 -8.57 -34.35 -19.45
CA VAL D 65 -9.04 -34.00 -18.11
C VAL D 65 -9.55 -32.54 -18.03
N SER D 66 -10.83 -32.39 -17.65
CA SER D 66 -11.43 -31.11 -17.32
C SER D 66 -11.31 -30.14 -18.51
N PHE D 67 -11.58 -30.67 -19.71
CA PHE D 67 -11.25 -29.99 -20.94
C PHE D 67 -11.95 -28.63 -21.05
N ASP D 68 -13.30 -28.63 -20.93
CA ASP D 68 -14.09 -27.42 -21.01
C ASP D 68 -13.63 -26.34 -20.02
N ALA D 69 -13.31 -26.77 -18.77
CA ALA D 69 -12.85 -25.82 -17.79
C ALA D 69 -11.60 -25.11 -18.30
N HIS D 70 -10.67 -25.86 -18.92
CA HIS D 70 -9.46 -25.24 -19.44
C HIS D 70 -9.79 -24.25 -20.55
N ILE D 71 -10.72 -24.66 -21.45
CA ILE D 71 -11.01 -23.85 -22.63
C ILE D 71 -11.70 -22.55 -22.21
N ASP D 72 -12.55 -22.65 -21.19
CA ASP D 72 -13.28 -21.54 -20.62
C ASP D 72 -12.29 -20.53 -20.08
N ARG D 73 -11.28 -20.97 -19.33
CA ARG D 73 -10.25 -20.05 -18.83
C ARG D 73 -9.52 -19.39 -20.01
N MET D 74 -9.22 -20.15 -21.06
CA MET D 74 -8.52 -19.57 -22.17
C MET D 74 -9.37 -18.46 -22.83
N TYR D 75 -10.69 -18.70 -22.97
CA TYR D 75 -11.57 -17.75 -23.64
C TYR D 75 -11.70 -16.49 -22.78
N GLU D 76 -11.73 -16.67 -21.47
CA GLU D 76 -11.82 -15.56 -20.53
C GLU D 76 -10.51 -14.76 -20.60
N GLY D 77 -9.37 -15.48 -20.57
CA GLY D 77 -8.09 -14.81 -20.60
C GLY D 77 -7.91 -14.01 -21.90
N ALA D 78 -8.25 -14.66 -23.02
CA ALA D 78 -8.13 -14.04 -24.33
C ALA D 78 -8.98 -12.76 -24.38
N LYS D 79 -10.23 -12.85 -23.89
CA LYS D 79 -11.13 -11.72 -23.86
C LYS D 79 -10.48 -10.60 -23.04
N SER D 80 -9.85 -10.92 -21.89
CA SER D 80 -9.31 -9.85 -21.05
C SER D 80 -8.26 -9.03 -21.80
N ILE D 81 -7.48 -9.68 -22.70
CA ILE D 81 -6.47 -8.94 -23.42
C ILE D 81 -6.86 -8.65 -24.88
N ALA D 82 -8.17 -8.70 -25.17
CA ALA D 82 -8.76 -8.32 -26.45
C ALA D 82 -8.07 -9.15 -27.55
N LEU D 83 -7.70 -10.39 -27.20
CA LEU D 83 -7.08 -11.25 -28.19
C LEU D 83 -8.19 -12.11 -28.81
N ASP D 84 -8.35 -11.98 -30.14
CA ASP D 84 -9.35 -12.79 -30.81
C ASP D 84 -8.72 -14.15 -31.12
N ILE D 85 -9.21 -15.23 -30.51
CA ILE D 85 -8.61 -16.53 -30.80
C ILE D 85 -8.85 -16.93 -32.26
N GLY D 86 -9.91 -16.39 -32.90
CA GLY D 86 -10.22 -16.66 -34.29
C GLY D 86 -10.81 -18.07 -34.50
N MET D 87 -11.29 -18.74 -33.43
CA MET D 87 -11.82 -20.10 -33.45
C MET D 87 -12.98 -20.20 -32.47
N THR D 88 -13.96 -21.03 -32.78
CA THR D 88 -15.00 -21.34 -31.80
C THR D 88 -14.38 -22.28 -30.78
N ARG D 89 -15.05 -22.41 -29.63
CA ARG D 89 -14.65 -23.34 -28.60
C ARG D 89 -14.47 -24.75 -29.16
N ALA D 90 -15.44 -25.20 -29.96
CA ALA D 90 -15.38 -26.53 -30.60
C ALA D 90 -14.10 -26.69 -31.44
N GLN D 91 -13.81 -25.68 -32.27
CA GLN D 91 -12.59 -25.68 -33.08
C GLN D 91 -11.30 -25.74 -32.23
N THR D 92 -11.28 -24.99 -31.14
CA THR D 92 -10.10 -24.94 -30.30
C THR D 92 -9.88 -26.32 -29.69
N LYS D 93 -10.99 -26.92 -29.21
CA LYS D 93 -10.94 -28.25 -28.61
C LYS D 93 -10.37 -29.22 -29.64
N GLN D 94 -10.82 -29.05 -30.88
CA GLN D 94 -10.49 -29.94 -31.98
C GLN D 94 -8.99 -29.90 -32.27
N VAL D 95 -8.36 -28.71 -32.12
CA VAL D 95 -6.91 -28.61 -32.28
C VAL D 95 -6.22 -29.58 -31.31
N VAL D 96 -6.66 -29.58 -30.04
CA VAL D 96 -5.98 -30.40 -29.02
C VAL D 96 -6.21 -31.88 -29.28
N VAL D 97 -7.49 -32.23 -29.53
CA VAL D 97 -7.91 -33.57 -29.92
C VAL D 97 -7.04 -34.05 -31.08
N ASP D 98 -6.97 -33.25 -32.16
CA ASP D 98 -6.24 -33.63 -33.36
C ASP D 98 -4.76 -33.82 -33.06
N THR D 99 -4.18 -32.98 -32.18
CA THR D 99 -2.78 -33.07 -31.80
C THR D 99 -2.52 -34.38 -31.09
N PHE D 100 -3.43 -34.78 -30.17
CA PHE D 100 -3.21 -36.06 -29.51
C PHE D 100 -3.34 -37.24 -30.48
N LEU D 101 -4.39 -37.21 -31.34
CA LEU D 101 -4.68 -38.22 -32.34
C LEU D 101 -3.48 -38.38 -33.31
N ARG D 102 -2.95 -37.26 -33.80
CA ARG D 102 -1.87 -37.30 -34.77
C ARG D 102 -0.62 -37.93 -34.17
N ASN D 103 -0.48 -37.94 -32.84
CA ASN D 103 0.71 -38.46 -32.19
C ASN D 103 0.46 -39.84 -31.64
N GLY D 104 -0.74 -40.40 -31.91
CA GLY D 104 -1.22 -41.67 -31.36
C GLY D 104 -1.16 -41.70 -29.83
N MET D 105 -1.51 -40.58 -29.20
CA MET D 105 -1.54 -40.51 -27.75
C MET D 105 -2.95 -40.83 -27.27
N ARG D 106 -3.02 -41.72 -26.26
CA ARG D 106 -4.30 -42.13 -25.65
C ARG D 106 -4.25 -41.98 -24.14
N ASP D 107 -3.04 -42.01 -23.56
CA ASP D 107 -2.82 -42.00 -22.13
C ASP D 107 -1.42 -41.47 -21.81
N GLY D 108 -1.21 -40.94 -20.60
CA GLY D 108 0.15 -40.60 -20.18
C GLY D 108 0.75 -39.48 -21.02
N ALA D 109 -0.11 -38.53 -21.43
CA ALA D 109 0.35 -37.39 -22.22
C ALA D 109 -0.31 -36.12 -21.74
N HIS D 110 0.27 -35.01 -22.18
CA HIS D 110 -0.13 -33.67 -21.79
C HIS D 110 0.08 -32.77 -23.00
N ALA D 111 -0.71 -31.71 -23.15
CA ALA D 111 -0.50 -30.80 -24.24
C ALA D 111 -0.50 -29.38 -23.70
N ARG D 112 0.32 -28.54 -24.33
CA ARG D 112 0.24 -27.11 -24.13
C ARG D 112 -0.33 -26.44 -25.40
N LEU D 113 -1.53 -25.88 -25.25
CA LEU D 113 -2.14 -25.10 -26.33
C LEU D 113 -1.83 -23.61 -26.12
N MET D 114 -1.17 -23.04 -27.10
CA MET D 114 -0.61 -21.70 -27.05
C MET D 114 -1.20 -20.85 -28.18
N VAL D 115 -1.82 -19.76 -27.83
CA VAL D 115 -2.51 -18.87 -28.77
C VAL D 115 -1.94 -17.48 -28.53
N THR D 116 -1.21 -16.98 -29.52
CA THR D 116 -0.55 -15.68 -29.43
C THR D 116 -1.20 -14.76 -30.44
N ARG D 117 -1.02 -13.44 -30.30
CA ARG D 117 -1.90 -12.51 -30.97
C ARG D 117 -1.70 -12.61 -32.49
N GLY D 118 -0.47 -12.96 -32.92
CA GLY D 118 -0.25 -13.15 -34.34
C GLY D 118 1.03 -12.48 -34.79
N VAL D 119 1.21 -12.42 -36.10
CA VAL D 119 2.44 -11.95 -36.72
C VAL D 119 2.32 -10.45 -36.87
N LYS D 120 3.35 -9.74 -36.44
CA LYS D 120 3.30 -8.28 -36.51
C LYS D 120 3.99 -7.76 -37.78
N LYS D 121 3.58 -6.60 -38.28
CA LYS D 121 4.19 -5.91 -39.40
C LYS D 121 5.59 -5.46 -39.01
N THR D 122 5.81 -5.19 -37.71
CA THR D 122 7.05 -4.69 -37.15
C THR D 122 7.07 -5.12 -35.69
N PRO D 123 8.21 -5.53 -35.09
CA PRO D 123 8.22 -6.02 -33.70
C PRO D 123 8.08 -4.83 -32.75
N ASN D 124 6.92 -4.78 -32.05
CA ASN D 124 6.69 -3.79 -31.00
C ASN D 124 5.51 -4.25 -30.14
N GLN D 125 5.12 -3.47 -29.11
CA GLN D 125 4.08 -3.92 -28.21
C GLN D 125 2.66 -3.68 -28.75
N ASP D 126 2.50 -2.86 -29.77
CA ASP D 126 1.19 -2.34 -30.10
C ASP D 126 0.33 -3.47 -30.68
N PRO D 127 -0.82 -3.86 -30.11
CA PRO D 127 -1.58 -5.02 -30.62
C PRO D 127 -2.30 -4.79 -31.96
N ARG D 128 -2.24 -3.56 -32.49
CA ARG D 128 -3.13 -3.22 -33.58
C ARG D 128 -2.55 -3.67 -34.93
N PHE D 129 -1.24 -3.83 -34.99
CA PHE D 129 -0.72 -4.05 -36.34
C PHE D 129 -0.38 -5.53 -36.60
N ILE D 130 -1.49 -6.33 -36.68
CA ILE D 130 -1.42 -7.78 -36.81
C ILE D 130 -1.75 -8.16 -38.26
N ILE D 131 -0.82 -8.80 -38.99
CA ILE D 131 -1.13 -9.50 -40.24
C ILE D 131 -1.84 -10.81 -39.88
N GLY D 132 -3.05 -11.00 -40.41
CA GLY D 132 -3.78 -12.27 -40.28
C GLY D 132 -4.34 -12.46 -38.87
N GLY D 133 -4.54 -13.72 -38.47
CA GLY D 133 -5.19 -14.07 -37.20
C GLY D 133 -4.17 -14.54 -36.15
N ALA D 134 -4.69 -14.96 -35.01
CA ALA D 134 -3.92 -15.52 -33.93
C ALA D 134 -3.09 -16.70 -34.45
N THR D 135 -1.84 -16.82 -33.93
CA THR D 135 -1.00 -17.99 -34.02
C THR D 135 -1.48 -19.02 -33.00
N VAL D 136 -1.63 -20.27 -33.48
CA VAL D 136 -2.16 -21.36 -32.68
C VAL D 136 -1.14 -22.50 -32.72
N VAL D 137 -0.60 -22.85 -31.55
CA VAL D 137 0.41 -23.90 -31.42
C VAL D 137 -0.05 -24.88 -30.36
N CYS D 138 0.17 -26.16 -30.63
CA CYS D 138 -0.15 -27.19 -29.65
C CYS D 138 0.98 -28.21 -29.61
N VAL D 139 1.65 -28.24 -28.45
CA VAL D 139 2.73 -29.19 -28.22
C VAL D 139 2.23 -30.29 -27.29
N ALA D 140 2.08 -31.50 -27.83
CA ALA D 140 1.75 -32.67 -27.01
C ALA D 140 3.00 -33.51 -26.74
N GLU D 141 3.13 -34.03 -25.52
CA GLU D 141 4.28 -34.80 -25.07
C GLU D 141 3.81 -35.94 -24.16
N HIS D 142 4.50 -37.09 -24.20
CA HIS D 142 4.37 -38.17 -23.24
C HIS D 142 5.02 -37.72 -21.93
N LYS D 143 4.41 -37.95 -20.76
CA LYS D 143 5.12 -37.97 -19.47
C LYS D 143 4.36 -39.00 -18.65
N VAL D 144 5.05 -40.02 -18.12
CA VAL D 144 4.45 -40.81 -17.06
C VAL D 144 4.66 -40.04 -15.73
N VAL D 145 3.52 -39.84 -15.02
CA VAL D 145 3.46 -39.20 -13.71
C VAL D 145 3.59 -40.32 -12.65
N THR D 146 4.74 -40.41 -11.96
CA THR D 146 5.03 -41.54 -11.06
C THR D 146 4.13 -41.46 -9.81
N PRO D 147 3.63 -42.59 -9.19
CA PRO D 147 2.91 -42.56 -7.91
C PRO D 147 3.64 -41.91 -6.69
N ARG D 151 8.84 -37.97 -6.93
CA ARG D 151 7.88 -37.91 -5.79
C ARG D 151 8.63 -37.67 -4.49
N ASN D 152 9.82 -37.07 -4.57
CA ASN D 152 10.56 -36.71 -3.37
C ASN D 152 9.80 -35.71 -2.50
N GLY D 153 8.91 -34.93 -3.15
CA GLY D 153 8.33 -33.77 -2.50
C GLY D 153 9.21 -32.53 -2.68
N LEU D 154 8.53 -31.42 -2.97
CA LEU D 154 9.18 -30.18 -3.34
C LEU D 154 9.66 -29.45 -2.11
N LYS D 155 10.86 -28.85 -2.21
CA LYS D 155 11.25 -27.76 -1.33
C LYS D 155 10.72 -26.46 -1.91
N LEU D 156 10.12 -25.67 -1.02
CA LEU D 156 9.59 -24.36 -1.42
C LEU D 156 10.33 -23.26 -0.66
N PHE D 157 10.68 -22.16 -1.33
CA PHE D 157 11.19 -20.98 -0.61
C PHE D 157 10.26 -19.80 -0.93
N THR D 158 9.95 -19.00 0.12
CA THR D 158 9.02 -17.92 -0.11
C THR D 158 9.82 -16.77 -0.68
N SER D 159 9.60 -16.53 -1.97
CA SER D 159 10.37 -15.53 -2.66
C SER D 159 10.03 -14.15 -2.09
N THR D 160 10.99 -13.21 -2.23
CA THR D 160 10.72 -11.82 -1.92
C THR D 160 9.82 -11.18 -2.95
N LEU D 161 9.70 -11.77 -4.16
CA LEU D 161 8.90 -11.20 -5.24
C LEU D 161 7.45 -11.63 -5.06
N ARG D 162 6.53 -10.68 -5.18
CA ARG D 162 5.14 -10.79 -4.77
C ARG D 162 4.26 -11.07 -5.99
N CYS D 163 3.13 -11.74 -5.74
CA CYS D 163 1.96 -11.66 -6.60
C CYS D 163 1.43 -10.25 -6.69
N SER D 164 1.03 -9.85 -7.88
CA SER D 164 0.53 -8.50 -8.12
C SER D 164 -0.98 -8.49 -7.89
N GLY D 165 -1.51 -7.29 -7.56
CA GLY D 165 -2.94 -7.06 -7.65
C GLY D 165 -3.36 -6.88 -9.11
N PRO D 166 -4.68 -7.03 -9.39
CA PRO D 166 -5.16 -7.04 -10.76
C PRO D 166 -5.10 -5.67 -11.46
N ASP D 167 -4.91 -4.60 -10.73
CA ASP D 167 -4.66 -3.35 -11.47
C ASP D 167 -3.20 -3.22 -11.93
N VAL D 168 -2.31 -4.16 -11.55
CA VAL D 168 -0.95 -4.17 -12.03
C VAL D 168 -0.81 -5.30 -13.07
N PHE D 169 -1.15 -6.52 -12.67
CA PHE D 169 -1.18 -7.63 -13.59
C PHE D 169 -2.02 -8.72 -12.89
N ASP D 170 -3.11 -9.13 -13.53
CA ASP D 170 -4.11 -10.03 -12.98
C ASP D 170 -3.57 -11.47 -13.19
N LEU D 171 -3.24 -12.12 -12.09
CA LEU D 171 -2.62 -13.44 -12.17
C LEU D 171 -3.61 -14.53 -12.48
N ARG D 172 -4.91 -14.20 -12.65
CA ARG D 172 -5.83 -15.17 -13.20
C ARG D 172 -5.48 -15.43 -14.66
N LEU D 173 -4.86 -14.44 -15.34
CA LEU D 173 -4.52 -14.62 -16.75
C LEU D 173 -3.37 -15.65 -16.88
N ASN D 174 -3.59 -16.64 -17.74
CA ASN D 174 -2.61 -17.68 -18.04
C ASN D 174 -1.94 -17.31 -19.37
N SER D 175 -0.90 -16.47 -19.27
CA SER D 175 -0.40 -15.74 -20.44
C SER D 175 1.01 -16.16 -20.77
N HIS D 176 1.48 -15.64 -21.93
CA HIS D 176 2.86 -15.84 -22.38
C HIS D 176 3.79 -14.81 -21.75
N SER D 177 3.27 -13.92 -20.85
CA SER D 177 4.14 -12.96 -20.18
C SER D 177 4.50 -13.50 -18.79
N ARG D 178 5.60 -14.28 -18.65
CA ARG D 178 5.77 -15.11 -17.48
C ARG D 178 6.99 -14.74 -16.64
N LEU D 179 7.73 -13.68 -17.02
CA LEU D 179 8.87 -13.29 -16.19
C LEU D 179 8.45 -12.89 -14.79
N ASN D 180 7.20 -12.44 -14.56
CA ASN D 180 6.81 -12.08 -13.21
C ASN D 180 6.89 -13.35 -12.34
N LEU D 181 6.55 -14.55 -12.87
CA LEU D 181 6.64 -15.79 -12.11
C LEU D 181 8.06 -16.35 -12.07
N ILE D 182 8.75 -16.30 -13.23
CA ILE D 182 10.08 -16.89 -13.37
C ILE D 182 11.04 -16.23 -12.38
N GLN D 183 10.89 -14.92 -12.21
CA GLN D 183 11.78 -14.21 -11.29
C GLN D 183 11.73 -14.74 -9.88
N ALA D 184 10.52 -15.06 -9.38
CA ALA D 184 10.33 -15.66 -8.07
C ALA D 184 11.00 -17.03 -8.03
N LEU D 185 10.78 -17.81 -9.10
CA LEU D 185 11.36 -19.14 -9.17
C LEU D 185 12.89 -19.06 -9.11
N ILE D 186 13.47 -18.08 -9.88
CA ILE D 186 14.92 -17.94 -9.88
C ILE D 186 15.44 -17.76 -8.45
N GLN D 187 14.77 -16.87 -7.67
CA GLN D 187 15.22 -16.63 -6.31
C GLN D 187 15.09 -17.92 -5.48
N ALA D 188 13.99 -18.65 -5.63
CA ALA D 188 13.83 -19.89 -4.88
C ALA D 188 14.91 -20.90 -5.27
N ILE D 189 15.24 -20.99 -6.57
CA ILE D 189 16.23 -21.97 -6.96
C ILE D 189 17.56 -21.61 -6.28
N GLN D 190 17.90 -20.31 -6.22
CA GLN D 190 19.19 -20.00 -5.63
C GLN D 190 19.16 -20.19 -4.11
N ALA D 191 17.99 -20.32 -3.48
CA ALA D 191 17.90 -20.62 -2.05
C ALA D 191 17.97 -22.13 -1.83
N GLY D 192 18.14 -22.92 -2.91
CA GLY D 192 18.25 -24.35 -2.73
C GLY D 192 16.88 -25.01 -2.82
N ALA D 193 15.85 -24.28 -3.30
CA ALA D 193 14.53 -24.89 -3.31
C ALA D 193 14.14 -25.32 -4.73
N ASP D 194 12.95 -25.95 -4.89
CA ASP D 194 12.54 -26.44 -6.20
C ASP D 194 11.53 -25.50 -6.84
N GLU D 195 10.82 -24.70 -6.05
CA GLU D 195 9.62 -23.98 -6.43
C GLU D 195 9.53 -22.78 -5.46
N ALA D 196 9.05 -21.62 -5.94
CA ALA D 196 8.84 -20.44 -5.11
C ALA D 196 7.42 -20.53 -4.57
N LEU D 197 7.29 -20.26 -3.28
CA LEU D 197 6.01 -19.83 -2.74
C LEU D 197 5.97 -18.30 -2.83
N MET D 198 4.77 -17.73 -3.02
CA MET D 198 4.63 -16.29 -3.27
C MET D 198 3.53 -15.74 -2.38
N LEU D 199 3.84 -14.60 -1.73
CA LEU D 199 2.84 -13.89 -0.95
C LEU D 199 2.08 -12.91 -1.86
N ASP D 200 0.87 -12.53 -1.39
CA ASP D 200 0.09 -11.53 -2.09
C ASP D 200 0.55 -10.15 -1.66
N PRO D 201 0.01 -9.02 -2.19
CA PRO D 201 0.49 -7.68 -1.77
C PRO D 201 0.34 -7.42 -0.26
N ASN D 202 -0.50 -8.19 0.42
CA ASN D 202 -0.72 -7.93 1.83
C ASN D 202 0.16 -8.81 2.71
N GLY D 203 0.93 -9.75 2.11
CA GLY D 203 1.82 -10.63 2.85
C GLY D 203 1.19 -11.98 3.19
N PHE D 204 -0.06 -12.26 2.73
CA PHE D 204 -0.66 -13.58 2.95
C PHE D 204 -0.22 -14.54 1.86
N VAL D 205 -0.28 -15.83 2.19
CA VAL D 205 0.16 -16.84 1.24
C VAL D 205 -0.77 -16.83 0.00
N SER D 206 -0.16 -16.85 -1.20
CA SER D 206 -1.01 -16.80 -2.39
C SER D 206 -0.90 -18.11 -3.17
N SER D 207 0.31 -18.41 -3.72
CA SER D 207 0.43 -19.54 -4.62
C SER D 207 1.91 -19.85 -4.83
N CYS D 208 2.20 -20.96 -5.52
CA CYS D 208 3.57 -21.13 -5.98
C CYS D 208 3.75 -20.45 -7.32
N ASN D 209 4.99 -20.46 -7.88
CA ASN D 209 5.22 -19.74 -9.13
C ASN D 209 4.50 -20.44 -10.29
N SER D 210 4.28 -21.78 -10.20
CA SER D 210 3.69 -22.47 -11.34
C SER D 210 2.61 -23.44 -10.88
N THR D 211 2.34 -23.56 -9.57
CA THR D 211 1.35 -24.48 -9.08
C THR D 211 0.60 -23.80 -7.97
N ASN D 212 -0.64 -24.23 -7.69
CA ASN D 212 -1.39 -23.69 -6.57
C ASN D 212 -0.94 -24.38 -5.27
N PHE D 213 -1.06 -23.68 -4.11
CA PHE D 213 -0.48 -24.17 -2.88
C PHE D 213 -1.58 -24.51 -1.90
N PHE D 214 -1.39 -25.69 -1.24
CA PHE D 214 -2.37 -26.06 -0.19
C PHE D 214 -1.63 -26.48 1.07
N ALA D 215 -2.23 -26.14 2.25
CA ALA D 215 -1.73 -26.67 3.51
C ALA D 215 -2.82 -27.49 4.20
N VAL D 216 -2.35 -28.46 4.99
CA VAL D 216 -3.22 -29.29 5.79
C VAL D 216 -2.90 -29.04 7.26
N ARG D 217 -3.91 -28.68 8.01
CA ARG D 217 -3.84 -28.30 9.42
C ARG D 217 -5.09 -28.92 10.00
N ASN D 218 -4.83 -29.87 10.93
CA ASN D 218 -5.91 -30.29 11.78
C ASN D 218 -7.05 -30.92 10.97
N GLY D 219 -6.78 -31.81 10.01
CA GLY D 219 -7.82 -32.43 9.22
C GLY D 219 -8.48 -31.50 8.21
N ALA D 220 -7.95 -30.27 8.06
CA ALA D 220 -8.60 -29.30 7.17
C ALA D 220 -7.60 -28.92 6.08
N LEU D 221 -8.15 -28.61 4.90
CA LEU D 221 -7.41 -28.04 3.81
C LEU D 221 -7.48 -26.55 3.85
N TRP D 222 -6.31 -25.91 3.72
CA TRP D 222 -6.18 -24.45 3.66
C TRP D 222 -5.55 -24.08 2.33
N THR D 223 -6.16 -23.12 1.61
CA THR D 223 -5.63 -22.56 0.39
C THR D 223 -6.00 -21.09 0.30
N SER D 224 -5.26 -20.29 -0.47
CA SER D 224 -5.64 -18.87 -0.63
C SER D 224 -7.01 -18.74 -1.33
N SER D 225 -7.60 -17.55 -1.22
CA SER D 225 -8.84 -17.16 -1.91
C SER D 225 -8.66 -17.25 -3.43
N GLY D 226 -7.42 -17.19 -3.91
CA GLY D 226 -7.17 -17.09 -5.35
C GLY D 226 -7.34 -15.67 -5.90
N ARG D 227 -7.50 -14.63 -5.02
CA ARG D 227 -7.65 -13.26 -5.52
C ARG D 227 -6.36 -12.83 -6.19
N TYR D 228 -5.22 -13.49 -5.82
CA TYR D 228 -3.94 -13.01 -6.35
C TYR D 228 -3.09 -14.10 -6.98
N CYS D 229 -3.72 -15.10 -7.62
CA CYS D 229 -2.92 -16.12 -8.30
C CYS D 229 -3.76 -16.78 -9.40
N PHE D 230 -3.09 -17.55 -10.29
CA PHE D 230 -3.84 -18.39 -11.23
C PHE D 230 -4.86 -19.25 -10.43
N ASN D 231 -6.06 -19.33 -10.95
CA ASN D 231 -7.10 -20.15 -10.34
C ASN D 231 -7.10 -21.51 -11.01
N GLY D 232 -6.20 -22.40 -10.56
CA GLY D 232 -5.92 -23.58 -11.36
C GLY D 232 -7.12 -24.51 -11.38
N ILE D 233 -7.21 -25.30 -12.46
CA ILE D 233 -8.29 -26.25 -12.58
C ILE D 233 -8.08 -27.33 -11.51
N THR D 234 -6.81 -27.74 -11.37
CA THR D 234 -6.48 -28.78 -10.39
C THR D 234 -6.86 -28.30 -8.98
N ARG D 235 -6.53 -27.04 -8.64
CA ARG D 235 -6.89 -26.46 -7.36
C ARG D 235 -8.40 -26.63 -7.14
N ALA D 236 -9.20 -26.24 -8.15
CA ALA D 236 -10.64 -26.25 -8.04
C ALA D 236 -11.10 -27.70 -7.84
N THR D 237 -10.52 -28.65 -8.59
CA THR D 237 -10.88 -30.04 -8.48
C THR D 237 -10.63 -30.55 -7.05
N VAL D 238 -9.46 -30.18 -6.50
CA VAL D 238 -9.04 -30.68 -5.19
C VAL D 238 -9.96 -30.12 -4.10
N VAL D 239 -10.29 -28.81 -4.17
CA VAL D 239 -11.23 -28.23 -3.26
C VAL D 239 -12.54 -29.05 -3.25
N ARG D 240 -13.10 -29.29 -4.45
CA ARG D 240 -14.39 -30.00 -4.56
C ARG D 240 -14.26 -31.42 -4.01
N LEU D 241 -13.20 -32.14 -4.38
CA LEU D 241 -13.05 -33.50 -3.91
C LEU D 241 -12.99 -33.52 -2.38
N ALA D 242 -12.28 -32.55 -1.81
CA ALA D 242 -12.11 -32.47 -0.37
C ALA D 242 -13.47 -32.33 0.32
N ARG D 243 -14.28 -31.41 -0.18
CA ARG D 243 -15.61 -31.16 0.41
C ARG D 243 -16.52 -32.38 0.24
N GLU D 244 -16.42 -33.09 -0.89
CA GLU D 244 -17.29 -34.26 -1.14
C GLU D 244 -16.88 -35.39 -0.20
N ALA D 245 -15.60 -35.44 0.16
CA ALA D 245 -15.09 -36.42 1.10
C ALA D 245 -15.24 -35.95 2.58
N GLY D 246 -15.93 -34.82 2.80
CA GLY D 246 -16.10 -34.26 4.14
C GLY D 246 -14.81 -33.71 4.75
N ILE D 247 -13.71 -33.55 4.03
CA ILE D 247 -12.58 -32.74 4.49
C ILE D 247 -12.96 -31.27 4.30
N PRO D 248 -12.94 -30.41 5.37
CA PRO D 248 -13.29 -28.99 5.19
C PRO D 248 -12.14 -28.33 4.43
N VAL D 249 -12.49 -27.26 3.70
CA VAL D 249 -11.49 -26.43 3.04
C VAL D 249 -11.68 -24.97 3.42
N HIS D 250 -10.62 -24.39 3.97
CA HIS D 250 -10.62 -22.96 4.36
C HIS D 250 -9.89 -22.16 3.29
N GLU D 251 -10.65 -21.55 2.38
CA GLU D 251 -10.09 -20.70 1.31
C GLU D 251 -10.08 -19.29 1.86
N GLY D 252 -8.92 -18.75 2.19
CA GLY D 252 -8.88 -17.44 2.83
C GLY D 252 -7.47 -16.97 3.05
N ASP D 253 -7.29 -15.99 3.94
CA ASP D 253 -5.96 -15.43 4.10
C ASP D 253 -5.27 -16.19 5.20
N PHE D 254 -4.12 -16.74 4.86
CA PHE D 254 -3.34 -17.44 5.88
C PHE D 254 -1.87 -17.07 5.72
N THR D 255 -1.08 -17.38 6.75
CA THR D 255 0.25 -16.79 6.89
C THR D 255 1.33 -17.88 6.76
N LEU D 256 2.56 -17.45 6.51
CA LEU D 256 3.72 -18.29 6.70
C LEU D 256 3.72 -19.06 8.02
N ALA D 257 3.37 -18.39 9.11
CA ALA D 257 3.28 -19.08 10.43
C ALA D 257 2.37 -20.31 10.34
N GLU D 258 1.21 -20.15 9.74
CA GLU D 258 0.25 -21.25 9.63
C GLU D 258 0.78 -22.34 8.69
N VAL D 259 1.62 -21.97 7.72
CA VAL D 259 2.23 -22.98 6.85
C VAL D 259 3.28 -23.74 7.66
N TYR D 260 4.19 -23.01 8.36
CA TYR D 260 5.31 -23.68 9.01
C TYR D 260 4.79 -24.67 10.06
N ALA D 261 3.58 -24.43 10.61
CA ALA D 261 3.01 -25.26 11.67
C ALA D 261 1.99 -26.21 11.05
N ALA D 262 1.87 -26.26 9.71
CA ALA D 262 0.93 -27.20 9.09
C ALA D 262 1.38 -28.65 9.32
N ASP D 263 0.40 -29.58 9.22
CA ASP D 263 0.67 -31.01 9.31
C ASP D 263 1.22 -31.51 7.98
N GLU D 264 0.72 -30.98 6.85
CA GLU D 264 1.16 -31.37 5.53
C GLU D 264 1.00 -30.17 4.58
N ALA D 265 1.63 -30.27 3.40
CA ALA D 265 1.38 -29.30 2.36
C ALA D 265 1.59 -29.99 1.02
N PHE D 266 0.95 -29.44 -0.02
CA PHE D 266 1.16 -29.94 -1.35
C PHE D 266 0.77 -28.85 -2.34
N VAL D 267 1.21 -29.05 -3.59
CA VAL D 267 0.89 -28.12 -4.65
C VAL D 267 0.08 -28.89 -5.70
N THR D 268 -0.66 -28.12 -6.52
CA THR D 268 -1.50 -28.70 -7.55
C THR D 268 -1.20 -28.03 -8.89
N GLY D 269 -1.30 -28.80 -9.95
CA GLY D 269 -1.31 -28.30 -11.30
C GLY D 269 -1.58 -29.46 -12.28
N THR D 270 -1.92 -29.15 -13.52
CA THR D 270 -2.27 -30.18 -14.52
C THR D 270 -1.09 -31.11 -14.78
N LEU D 271 0.13 -30.61 -14.64
CA LEU D 271 1.24 -31.39 -15.07
C LEU D 271 1.49 -32.57 -14.15
N ALA D 272 1.50 -32.30 -12.84
CA ALA D 272 1.91 -33.33 -11.88
C ALA D 272 0.77 -33.80 -10.98
N GLY D 273 -0.40 -33.15 -11.05
CA GLY D 273 -1.45 -33.47 -10.08
C GLY D 273 -1.17 -32.82 -8.74
N LEU D 274 -1.22 -33.65 -7.68
CA LEU D 274 -0.85 -33.28 -6.33
C LEU D 274 0.61 -33.68 -6.12
N THR D 275 1.44 -32.65 -5.85
CA THR D 275 2.82 -32.94 -5.48
C THR D 275 2.98 -32.57 -4.01
N PRO D 276 3.41 -33.50 -3.15
CA PRO D 276 3.73 -33.16 -1.76
C PRO D 276 4.84 -32.11 -1.64
N VAL D 277 4.75 -31.31 -0.58
CA VAL D 277 5.74 -30.31 -0.27
C VAL D 277 6.47 -30.84 0.96
N SER D 278 7.82 -30.89 0.90
CA SER D 278 8.51 -31.46 2.05
C SER D 278 9.10 -30.35 2.94
N SER D 279 9.20 -29.12 2.41
CA SER D 279 9.62 -28.04 3.31
C SER D 279 9.25 -26.69 2.69
N VAL D 280 9.16 -25.69 3.57
CA VAL D 280 8.90 -24.33 3.17
C VAL D 280 9.89 -23.48 3.94
N ASP D 281 10.74 -22.73 3.23
CA ASP D 281 11.75 -21.89 3.85
C ASP D 281 12.61 -22.75 4.78
N GLY D 282 12.89 -24.00 4.42
CA GLY D 282 13.71 -24.84 5.29
C GLY D 282 12.94 -25.49 6.46
N ARG D 283 11.66 -25.19 6.62
CA ARG D 283 10.91 -25.78 7.74
C ARG D 283 10.30 -27.08 7.24
N ALA D 284 10.67 -28.21 7.88
CA ALA D 284 10.27 -29.54 7.42
C ALA D 284 8.78 -29.74 7.59
N LEU D 285 8.17 -30.35 6.58
CA LEU D 285 6.85 -30.99 6.66
C LEU D 285 7.01 -32.45 6.19
N VAL D 286 6.13 -33.28 6.66
CA VAL D 286 5.91 -34.65 6.27
C VAL D 286 6.13 -34.83 4.76
N PRO D 287 7.10 -35.70 4.37
CA PRO D 287 7.24 -36.10 2.97
C PRO D 287 5.97 -36.54 2.21
N LEU D 288 4.99 -37.20 2.82
CA LEU D 288 3.72 -37.40 2.14
C LEU D 288 2.74 -37.70 3.27
N GLY D 289 1.83 -36.78 3.57
CA GLY D 289 1.00 -36.93 4.73
C GLY D 289 -0.30 -37.61 4.37
N PRO D 290 -1.07 -38.08 5.39
CA PRO D 290 -2.20 -38.99 5.11
C PRO D 290 -3.28 -38.31 4.26
N LEU D 291 -3.54 -37.00 4.50
CA LEU D 291 -4.62 -36.33 3.77
C LEU D 291 -4.17 -35.98 2.36
N THR D 292 -2.87 -35.68 2.14
CA THR D 292 -2.34 -35.55 0.80
C THR D 292 -2.58 -36.87 0.05
N GLN D 293 -2.29 -38.01 0.70
CA GLN D 293 -2.36 -39.33 0.06
C GLN D 293 -3.81 -39.62 -0.30
N ARG D 294 -4.77 -39.23 0.57
CA ARG D 294 -6.18 -39.50 0.38
C ARG D 294 -6.66 -38.72 -0.85
N LEU D 295 -6.27 -37.44 -0.91
CA LEU D 295 -6.77 -36.54 -1.92
C LEU D 295 -6.13 -36.89 -3.26
N ASP D 296 -4.85 -37.29 -3.23
CA ASP D 296 -4.19 -37.75 -4.42
C ASP D 296 -4.92 -38.99 -5.00
N ALA D 297 -5.32 -39.94 -4.12
CA ALA D 297 -6.01 -41.12 -4.60
C ALA D 297 -7.37 -40.70 -5.20
N LEU D 298 -8.07 -39.77 -4.53
CA LEU D 298 -9.34 -39.23 -5.02
C LEU D 298 -9.16 -38.53 -6.35
N TYR D 299 -8.06 -37.79 -6.50
CA TYR D 299 -7.82 -37.07 -7.72
C TYR D 299 -7.47 -38.05 -8.85
N ARG D 300 -6.66 -39.07 -8.57
CA ARG D 300 -6.24 -40.03 -9.62
C ARG D 300 -7.48 -40.80 -10.09
N ALA D 301 -8.35 -41.19 -9.16
CA ALA D 301 -9.61 -41.86 -9.47
C ALA D 301 -10.47 -40.95 -10.36
N TYR D 302 -10.58 -39.67 -9.97
CA TYR D 302 -11.42 -38.71 -10.68
C TYR D 302 -10.93 -38.51 -12.12
N ILE D 303 -9.62 -38.39 -12.33
CA ILE D 303 -9.18 -38.02 -13.68
C ILE D 303 -9.23 -39.26 -14.57
N ALA D 304 -9.26 -40.47 -13.97
CA ALA D 304 -9.40 -41.73 -14.69
C ALA D 304 -10.86 -42.16 -14.89
N SER D 305 -11.84 -41.41 -14.39
CA SER D 305 -13.24 -41.78 -14.45
C SER D 305 -13.88 -41.24 -15.73
N ALA D 306 -15.07 -41.77 -16.05
CA ALA D 306 -15.87 -41.34 -17.18
C ALA D 306 -16.70 -40.09 -16.85
N ASN D 307 -16.21 -39.24 -15.95
CA ASN D 307 -16.85 -37.97 -15.63
C ASN D 307 -17.14 -37.10 -16.86
N GLU D 308 -18.26 -36.37 -16.78
CA GLU D 308 -18.70 -35.51 -17.87
C GLU D 308 -17.79 -34.29 -18.06
N ALA D 309 -16.97 -33.93 -17.03
CA ALA D 309 -15.99 -32.84 -17.12
C ALA D 309 -14.89 -33.16 -18.14
N HIS D 310 -14.66 -34.46 -18.46
CA HIS D 310 -13.56 -34.90 -19.32
C HIS D 310 -14.07 -35.19 -20.73
N GLY D 311 -13.38 -34.64 -21.72
CA GLY D 311 -13.68 -34.81 -23.13
C GLY D 311 -13.00 -36.09 -23.61
N ALA D 312 -13.85 -37.09 -23.90
CA ALA D 312 -13.47 -38.37 -24.52
C ALA D 312 -12.91 -38.06 -25.92
N LEU D 313 -11.71 -38.61 -26.17
CA LEU D 313 -11.15 -38.70 -27.50
C LEU D 313 -12.05 -39.59 -28.39
N PRO D 314 -12.16 -39.32 -29.72
CA PRO D 314 -12.72 -40.26 -30.72
C PRO D 314 -12.53 -41.79 -30.71
N ASP E 18 -13.97 41.70 15.99
CA ASP E 18 -13.96 43.09 15.35
C ASP E 18 -15.38 43.41 14.86
N ALA E 19 -16.03 44.33 15.59
CA ALA E 19 -17.41 44.78 15.42
C ALA E 19 -17.69 45.22 13.97
N ARG E 20 -16.66 45.73 13.26
CA ARG E 20 -16.78 46.22 11.89
C ARG E 20 -17.15 45.07 10.93
N ASN E 21 -16.90 43.79 11.33
CA ASN E 21 -17.23 42.64 10.54
C ASN E 21 -18.72 42.45 10.32
N ASP E 22 -19.55 43.00 11.22
CA ASP E 22 -20.99 42.98 11.08
C ASP E 22 -21.48 43.73 9.83
N ALA E 23 -20.73 44.75 9.39
CA ALA E 23 -21.13 45.63 8.30
C ALA E 23 -20.35 45.38 6.99
N VAL E 24 -19.57 44.29 6.89
CA VAL E 24 -18.88 44.06 5.63
C VAL E 24 -19.87 43.76 4.50
N LEU E 25 -19.48 44.11 3.26
CA LEU E 25 -20.16 43.59 2.09
C LEU E 25 -19.37 42.38 1.57
N VAL E 26 -20.07 41.32 1.21
CA VAL E 26 -19.54 40.11 0.58
C VAL E 26 -19.82 40.22 -0.90
N TYR E 27 -18.79 39.89 -1.72
CA TYR E 27 -18.98 39.75 -3.14
C TYR E 27 -19.69 38.42 -3.40
N VAL E 28 -20.85 38.52 -4.10
CA VAL E 28 -21.55 37.34 -4.57
C VAL E 28 -21.99 37.57 -6.01
N ASN E 29 -21.24 36.95 -6.94
CA ASN E 29 -21.54 37.00 -8.36
C ASN E 29 -21.69 38.45 -8.82
N GLY E 30 -20.81 39.33 -8.29
CA GLY E 30 -20.66 40.69 -8.69
C GLY E 30 -21.54 41.68 -7.95
N GLN E 31 -22.46 41.20 -7.07
CA GLN E 31 -23.26 42.01 -6.17
C GLN E 31 -22.55 42.08 -4.81
N PHE E 32 -22.57 43.26 -4.17
CA PHE E 32 -21.99 43.46 -2.85
C PHE E 32 -23.09 43.42 -1.83
N VAL E 33 -23.05 42.44 -0.94
CA VAL E 33 -24.22 42.02 -0.20
C VAL E 33 -23.84 41.95 1.27
N PRO E 34 -24.65 42.47 2.21
CA PRO E 34 -24.38 42.28 3.64
C PRO E 34 -24.25 40.78 3.99
N ARG E 35 -23.43 40.44 4.99
CA ARG E 35 -23.18 39.03 5.37
C ARG E 35 -24.46 38.22 5.57
N HIS E 36 -25.46 38.77 6.26
CA HIS E 36 -26.66 37.99 6.53
C HIS E 36 -27.47 37.74 5.25
N GLN E 37 -27.12 38.40 4.14
CA GLN E 37 -27.83 38.22 2.89
C GLN E 37 -26.93 37.60 1.82
N ALA E 38 -25.66 37.29 2.16
CA ALA E 38 -24.71 36.72 1.23
C ALA E 38 -25.07 35.26 1.04
N VAL E 39 -25.62 34.91 -0.13
CA VAL E 39 -26.28 33.63 -0.29
C VAL E 39 -25.94 33.06 -1.66
N VAL E 40 -26.14 31.75 -1.73
CA VAL E 40 -25.91 31.01 -2.98
C VAL E 40 -27.08 30.02 -3.10
N SER E 41 -27.48 29.70 -4.32
CA SER E 41 -28.55 28.73 -4.59
C SER E 41 -28.27 27.39 -3.89
N VAL E 42 -29.33 26.73 -3.41
CA VAL E 42 -29.20 25.37 -2.88
C VAL E 42 -28.80 24.40 -4.00
N PHE E 43 -28.85 24.86 -5.27
CA PHE E 43 -28.50 24.05 -6.41
C PHE E 43 -27.06 24.27 -6.81
N ASP E 44 -26.34 25.13 -6.02
CA ASP E 44 -24.96 25.42 -6.43
C ASP E 44 -24.08 24.18 -6.24
N ALA E 45 -23.20 23.98 -7.21
CA ALA E 45 -22.26 22.83 -7.14
C ALA E 45 -21.41 22.81 -5.85
N GLY E 46 -21.09 24.02 -5.33
CA GLY E 46 -20.29 24.12 -4.12
C GLY E 46 -21.05 23.55 -2.93
N TYR E 47 -22.35 23.93 -2.78
CA TYR E 47 -23.19 23.47 -1.68
C TYR E 47 -23.49 22.01 -1.90
N VAL E 48 -23.86 21.59 -3.11
CA VAL E 48 -24.35 20.21 -3.25
C VAL E 48 -23.22 19.18 -3.11
N CYS E 49 -22.01 19.54 -3.56
CA CYS E 49 -21.00 18.58 -3.98
C CYS E 49 -19.60 18.96 -3.52
N GLY E 50 -19.42 20.11 -2.90
CA GLY E 50 -18.11 20.56 -2.55
C GLY E 50 -17.27 20.80 -3.80
N ASP E 51 -17.97 21.22 -4.88
CA ASP E 51 -17.37 21.23 -6.21
C ASP E 51 -16.89 22.65 -6.55
N GLY E 52 -15.67 23.00 -6.14
CA GLY E 52 -15.12 24.33 -6.32
C GLY E 52 -13.70 24.38 -5.74
N VAL E 53 -13.00 25.48 -6.00
CA VAL E 53 -11.67 25.72 -5.47
C VAL E 53 -11.71 27.10 -4.86
N TRP E 54 -10.82 27.36 -3.89
CA TRP E 54 -10.81 28.61 -3.16
C TRP E 54 -9.37 29.00 -2.83
N GLU E 55 -9.20 30.25 -2.41
CA GLU E 55 -7.92 30.79 -1.96
C GLU E 55 -8.25 31.75 -0.82
N GLY E 56 -7.42 31.75 0.22
CA GLY E 56 -7.43 32.78 1.22
C GLY E 56 -6.24 33.69 0.99
N VAL E 57 -6.45 35.02 0.97
CA VAL E 57 -5.32 35.94 0.87
C VAL E 57 -5.40 36.96 2.02
N ARG E 58 -4.21 37.47 2.35
CA ARG E 58 -4.08 38.48 3.41
C ARG E 58 -3.70 39.82 2.79
N LEU E 59 -4.23 40.89 3.33
CA LEU E 59 -4.01 42.27 2.89
C LEU E 59 -3.18 42.92 3.97
N VAL E 60 -1.96 43.34 3.63
CA VAL E 60 -1.02 43.98 4.55
C VAL E 60 -0.48 45.26 3.90
N ASP E 61 -0.69 46.42 4.58
CA ASP E 61 -0.21 47.76 4.21
C ASP E 61 -0.51 48.04 2.73
N GLY E 62 -1.75 47.85 2.29
CA GLY E 62 -2.18 48.11 0.94
C GLY E 62 -1.75 47.07 -0.10
N ARG E 63 -1.28 45.89 0.32
CA ARG E 63 -0.80 44.88 -0.62
C ARG E 63 -1.43 43.53 -0.29
N ILE E 64 -1.93 42.86 -1.33
CA ILE E 64 -2.42 41.50 -1.17
C ILE E 64 -1.20 40.57 -1.24
N VAL E 65 -0.93 39.89 -0.14
CA VAL E 65 0.29 39.09 0.04
C VAL E 65 0.32 37.91 -0.92
N SER E 66 1.38 37.84 -1.73
CA SER E 66 1.67 36.69 -2.60
C SER E 66 0.47 36.40 -3.47
N PHE E 67 -0.14 37.46 -4.02
CA PHE E 67 -1.40 37.36 -4.71
C PHE E 67 -1.34 36.38 -5.89
N ASP E 68 -0.40 36.58 -6.80
CA ASP E 68 -0.23 35.75 -7.99
C ASP E 68 0.00 34.28 -7.61
N ALA E 69 0.80 34.00 -6.56
CA ALA E 69 1.01 32.62 -6.13
C ALA E 69 -0.35 32.00 -5.78
N HIS E 70 -1.23 32.76 -5.11
CA HIS E 70 -2.53 32.22 -4.75
C HIS E 70 -3.35 31.96 -6.01
N ILE E 71 -3.31 32.90 -6.96
CA ILE E 71 -4.17 32.84 -8.14
C ILE E 71 -3.72 31.69 -9.02
N ASP E 72 -2.40 31.47 -9.09
CA ASP E 72 -1.78 30.37 -9.81
C ASP E 72 -2.28 29.06 -9.27
N ARG E 73 -2.30 28.86 -7.95
CA ARG E 73 -2.85 27.62 -7.35
C ARG E 73 -4.33 27.49 -7.70
N MET E 74 -5.08 28.60 -7.72
CA MET E 74 -6.47 28.43 -8.01
C MET E 74 -6.67 28.00 -9.46
N TYR E 75 -5.87 28.56 -10.39
CA TYR E 75 -6.04 28.28 -11.82
C TYR E 75 -5.62 26.83 -12.08
N GLU E 76 -4.61 26.36 -11.36
CA GLU E 76 -4.15 25.00 -11.51
C GLU E 76 -5.21 24.06 -10.94
N GLY E 77 -5.75 24.41 -9.75
CA GLY E 77 -6.73 23.53 -9.14
C GLY E 77 -8.00 23.45 -9.99
N ALA E 78 -8.47 24.63 -10.48
CA ALA E 78 -9.67 24.70 -11.31
C ALA E 78 -9.46 23.86 -12.57
N LYS E 79 -8.27 23.98 -13.19
CA LYS E 79 -7.94 23.21 -14.39
C LYS E 79 -8.02 21.73 -14.07
N SER E 80 -7.52 21.33 -12.90
CA SER E 80 -7.45 19.89 -12.63
C SER E 80 -8.88 19.30 -12.57
N ILE E 81 -9.89 20.10 -12.17
CA ILE E 81 -11.24 19.56 -12.08
C ILE E 81 -12.13 20.06 -13.23
N ALA E 82 -11.48 20.52 -14.33
CA ALA E 82 -12.16 20.93 -15.57
C ALA E 82 -13.18 22.01 -15.21
N LEU E 83 -12.85 22.86 -14.22
CA LEU E 83 -13.80 23.91 -13.80
C LEU E 83 -13.38 25.19 -14.53
N ASP E 84 -14.28 25.70 -15.37
CA ASP E 84 -14.01 26.97 -16.06
C ASP E 84 -14.25 28.16 -15.11
N ILE E 85 -13.18 28.89 -14.76
CA ILE E 85 -13.43 29.99 -13.82
C ILE E 85 -14.27 31.10 -14.49
N GLY E 86 -14.21 31.20 -15.83
CA GLY E 86 -14.96 32.19 -16.57
C GLY E 86 -14.33 33.58 -16.49
N MET E 87 -13.08 33.74 -15.99
CA MET E 87 -12.38 35.03 -15.91
C MET E 87 -10.90 34.80 -16.19
N THR E 88 -10.19 35.79 -16.71
CA THR E 88 -8.73 35.75 -16.72
C THR E 88 -8.24 35.93 -15.28
N ARG E 89 -6.98 35.57 -15.05
CA ARG E 89 -6.27 35.83 -13.82
C ARG E 89 -6.48 37.25 -13.32
N ALA E 90 -6.27 38.23 -14.19
CA ALA E 90 -6.34 39.64 -13.83
C ALA E 90 -7.77 39.97 -13.37
N GLN E 91 -8.80 39.47 -14.09
CA GLN E 91 -10.16 39.70 -13.70
C GLN E 91 -10.48 39.10 -12.32
N THR E 92 -9.96 37.89 -12.07
CA THR E 92 -10.21 37.21 -10.81
C THR E 92 -9.57 38.05 -9.68
N LYS E 93 -8.36 38.54 -9.94
CA LYS E 93 -7.64 39.37 -9.00
C LYS E 93 -8.51 40.58 -8.66
N GLN E 94 -9.13 41.15 -9.74
CA GLN E 94 -9.91 42.35 -9.63
C GLN E 94 -11.15 42.10 -8.73
N VAL E 95 -11.72 40.89 -8.73
CA VAL E 95 -12.77 40.53 -7.79
C VAL E 95 -12.31 40.81 -6.35
N VAL E 96 -11.10 40.36 -6.01
CA VAL E 96 -10.62 40.49 -4.64
C VAL E 96 -10.33 41.96 -4.30
N VAL E 97 -9.65 42.64 -5.22
CA VAL E 97 -9.36 44.06 -5.16
C VAL E 97 -10.63 44.84 -4.93
N ASP E 98 -11.64 44.59 -5.77
CA ASP E 98 -12.94 45.25 -5.68
C ASP E 98 -13.61 45.01 -4.31
N THR E 99 -13.52 43.76 -3.81
CA THR E 99 -14.08 43.39 -2.51
C THR E 99 -13.36 44.16 -1.40
N PHE E 100 -12.05 44.29 -1.44
CA PHE E 100 -11.39 45.09 -0.40
C PHE E 100 -11.75 46.57 -0.49
N LEU E 101 -11.78 47.13 -1.71
CA LEU E 101 -12.10 48.54 -1.97
C LEU E 101 -13.52 48.85 -1.48
N ARG E 102 -14.47 47.98 -1.80
CA ARG E 102 -15.85 48.23 -1.39
C ARG E 102 -16.01 48.21 0.13
N ASN E 103 -15.07 47.60 0.86
CA ASN E 103 -15.14 47.49 2.30
C ASN E 103 -14.25 48.54 2.97
N GLY E 104 -13.59 49.36 2.15
CA GLY E 104 -12.57 50.30 2.60
C GLY E 104 -11.42 49.66 3.38
N MET E 105 -11.05 48.41 3.03
CA MET E 105 -9.96 47.75 3.71
C MET E 105 -8.63 48.05 3.02
N ARG E 106 -7.61 48.44 3.80
CA ARG E 106 -6.25 48.65 3.33
C ARG E 106 -5.22 47.79 4.08
N ASP E 107 -5.55 47.37 5.29
CA ASP E 107 -4.60 46.69 6.17
C ASP E 107 -5.37 45.79 7.15
N GLY E 108 -4.73 44.73 7.67
CA GLY E 108 -5.35 43.99 8.73
C GLY E 108 -6.67 43.33 8.29
N ALA E 109 -6.63 42.84 7.03
CA ALA E 109 -7.77 42.13 6.47
C ALA E 109 -7.28 40.88 5.76
N HIS E 110 -8.25 39.99 5.55
CA HIS E 110 -8.05 38.78 4.81
C HIS E 110 -9.29 38.54 3.97
N ALA E 111 -9.15 37.71 2.92
CA ALA E 111 -10.32 37.44 2.12
C ALA E 111 -10.27 35.99 1.67
N ARG E 112 -11.45 35.40 1.53
CA ARG E 112 -11.55 34.02 1.02
C ARG E 112 -12.31 34.06 -0.30
N LEU E 113 -11.61 33.83 -1.39
CA LEU E 113 -12.20 33.78 -2.72
C LEU E 113 -12.60 32.34 -3.02
N MET E 114 -13.90 32.15 -3.24
CA MET E 114 -14.50 30.85 -3.47
C MET E 114 -15.15 30.80 -4.84
N VAL E 115 -14.73 29.80 -5.65
CA VAL E 115 -15.22 29.66 -7.03
C VAL E 115 -15.73 28.24 -7.12
N THR E 116 -17.07 28.13 -7.28
CA THR E 116 -17.72 26.83 -7.38
C THR E 116 -18.23 26.69 -8.81
N ARG E 117 -18.39 25.45 -9.27
CA ARG E 117 -18.69 25.20 -10.71
C ARG E 117 -19.86 26.03 -11.23
N GLY E 118 -20.90 26.19 -10.42
CA GLY E 118 -22.04 26.89 -10.91
C GLY E 118 -23.29 26.27 -10.35
N VAL E 119 -24.41 26.88 -10.73
CA VAL E 119 -25.73 26.46 -10.33
C VAL E 119 -26.15 25.29 -11.22
N LYS E 120 -26.67 24.25 -10.59
CA LYS E 120 -27.01 23.06 -11.32
C LYS E 120 -28.48 23.05 -11.70
N LYS E 121 -28.80 22.35 -12.80
CA LYS E 121 -30.14 22.17 -13.29
C LYS E 121 -30.90 21.31 -12.29
N THR E 122 -30.19 20.43 -11.57
CA THR E 122 -30.73 19.46 -10.62
C THR E 122 -29.56 19.13 -9.67
N PRO E 123 -29.79 18.91 -8.35
CA PRO E 123 -28.67 18.64 -7.44
C PRO E 123 -28.18 17.20 -7.64
N ASN E 124 -26.95 17.05 -8.17
CA ASN E 124 -26.25 15.80 -8.37
C ASN E 124 -24.78 16.12 -8.65
N GLN E 125 -23.93 15.08 -8.77
CA GLN E 125 -22.48 15.31 -8.87
C GLN E 125 -22.06 15.66 -10.31
N ASP E 126 -22.92 15.32 -11.31
CA ASP E 126 -22.40 15.26 -12.66
C ASP E 126 -22.16 16.69 -13.15
N PRO E 127 -20.95 17.11 -13.56
CA PRO E 127 -20.72 18.53 -13.94
C PRO E 127 -21.40 19.01 -15.22
N ARG E 128 -22.00 18.09 -15.96
CA ARG E 128 -22.62 18.42 -17.25
C ARG E 128 -24.00 19.04 -17.09
N PHE E 129 -24.65 18.79 -15.96
CA PHE E 129 -25.91 19.31 -15.45
C PHE E 129 -25.86 20.74 -14.88
N ILE E 130 -24.94 21.61 -15.26
CA ILE E 130 -24.62 22.95 -14.81
C ILE E 130 -25.30 23.91 -15.78
N ILE E 131 -25.85 24.98 -15.28
CA ILE E 131 -26.10 26.18 -16.09
C ILE E 131 -24.74 26.88 -16.10
N GLY E 132 -24.22 27.20 -17.32
CA GLY E 132 -22.90 27.78 -17.42
C GLY E 132 -22.77 29.09 -16.62
N GLY E 133 -21.57 29.35 -16.07
CA GLY E 133 -21.23 30.55 -15.34
C GLY E 133 -20.88 30.06 -13.95
N ALA E 134 -19.60 30.15 -13.58
CA ALA E 134 -19.10 29.83 -12.27
C ALA E 134 -19.81 30.74 -11.23
N THR E 135 -19.98 30.22 -10.00
CA THR E 135 -20.30 31.01 -8.80
C THR E 135 -19.00 31.52 -8.20
N VAL E 136 -18.98 32.83 -7.93
CA VAL E 136 -17.79 33.51 -7.44
C VAL E 136 -18.20 34.30 -6.21
N VAL E 137 -17.56 33.97 -5.07
CA VAL E 137 -17.88 34.59 -3.79
C VAL E 137 -16.55 35.03 -3.18
N CYS E 138 -16.54 36.23 -2.61
CA CYS E 138 -15.38 36.72 -1.90
C CYS E 138 -15.82 37.32 -0.56
N VAL E 139 -15.37 36.67 0.53
CA VAL E 139 -15.66 37.09 1.90
C VAL E 139 -14.42 37.77 2.46
N ALA E 140 -14.51 39.10 2.63
CA ALA E 140 -13.40 39.87 3.18
C ALA E 140 -13.78 40.26 4.60
N GLU E 141 -12.81 40.17 5.51
CA GLU E 141 -13.02 40.41 6.93
C GLU E 141 -11.78 41.08 7.50
N HIS E 142 -11.98 41.94 8.51
CA HIS E 142 -10.93 42.48 9.38
C HIS E 142 -10.44 41.36 10.29
N LYS E 143 -9.11 41.16 10.49
CA LYS E 143 -8.54 40.43 11.67
C LYS E 143 -7.14 40.93 12.09
N VAL E 144 -6.44 40.26 13.06
CA VAL E 144 -5.17 40.70 13.69
C VAL E 144 -4.69 39.69 14.79
N VAL E 145 -3.34 39.44 15.07
CA VAL E 145 -2.81 38.77 16.31
C VAL E 145 -1.28 38.96 16.53
N THR E 146 -0.83 39.64 17.62
CA THR E 146 0.56 40.04 17.84
C THR E 146 1.47 38.82 18.01
N PRO E 147 2.78 38.83 17.61
CA PRO E 147 3.62 37.61 17.49
C PRO E 147 3.83 36.64 18.68
N GLU E 148 3.95 37.22 19.87
CA GLU E 148 4.08 36.42 21.10
C GLU E 148 2.77 36.58 21.87
N ALA E 149 1.68 36.90 21.17
CA ALA E 149 0.36 36.90 21.81
C ALA E 149 -0.21 35.56 21.37
N LYS E 150 0.24 35.09 20.18
CA LYS E 150 -0.08 33.71 19.77
C LYS E 150 0.90 32.90 20.60
N ARG E 151 1.46 33.53 21.63
CA ARG E 151 2.31 32.81 22.58
C ARG E 151 1.70 31.43 22.88
N ASN E 152 0.35 31.33 22.76
CA ASN E 152 -0.39 30.07 22.85
C ASN E 152 -0.06 29.19 21.64
N GLY E 153 0.98 28.36 21.83
CA GLY E 153 1.22 27.26 20.93
C GLY E 153 -0.06 26.45 20.70
N LEU E 154 -0.16 25.85 19.52
CA LEU E 154 -1.15 24.82 19.24
C LEU E 154 -0.72 23.49 19.84
N LYS E 155 -1.71 22.76 20.36
CA LYS E 155 -1.56 21.34 20.62
C LYS E 155 -2.01 20.61 19.34
N LEU E 156 -1.13 19.69 18.95
CA LEU E 156 -1.38 18.86 17.76
C LEU E 156 -1.64 17.43 18.24
N PHE E 157 -2.56 16.75 17.59
CA PHE E 157 -2.69 15.30 17.75
CA PHE E 157 -2.68 15.30 17.74
C PHE E 157 -2.58 14.67 16.37
N THR E 158 -1.79 13.58 16.26
CA THR E 158 -1.66 12.93 14.97
C THR E 158 -2.89 12.05 14.80
N SER E 159 -3.76 12.49 13.91
CA SER E 159 -4.96 11.73 13.64
C SER E 159 -4.61 10.37 13.00
N THR E 160 -5.51 9.42 13.20
CA THR E 160 -5.45 8.14 12.53
C THR E 160 -5.88 8.28 11.06
N LEU E 161 -6.49 9.39 10.66
CA LEU E 161 -7.00 9.56 9.30
C LEU E 161 -5.87 10.15 8.47
N ARG E 162 -5.67 9.56 7.27
CA ARG E 162 -4.49 9.79 6.46
C ARG E 162 -4.71 10.82 5.37
N CYS E 163 -3.58 11.48 5.02
CA CYS E 163 -3.48 12.13 3.70
C CYS E 163 -3.57 11.12 2.59
N SER E 164 -4.24 11.47 1.50
CA SER E 164 -4.41 10.57 0.36
C SER E 164 -3.30 10.74 -0.63
N GLY E 165 -3.00 9.68 -1.40
CA GLY E 165 -2.21 9.87 -2.59
C GLY E 165 -3.04 10.49 -3.72
N PRO E 166 -2.39 11.01 -4.80
CA PRO E 166 -3.11 11.75 -5.85
C PRO E 166 -3.94 10.84 -6.75
N ASP E 167 -3.76 9.52 -6.69
CA ASP E 167 -4.76 8.73 -7.42
C ASP E 167 -6.08 8.54 -6.66
N VAL E 168 -6.16 9.01 -5.41
CA VAL E 168 -7.39 8.98 -4.63
C VAL E 168 -7.95 10.38 -4.54
N PHE E 169 -7.13 11.30 -4.05
CA PHE E 169 -7.54 12.68 -3.93
C PHE E 169 -6.25 13.48 -3.76
N ASP E 170 -5.98 14.36 -4.73
CA ASP E 170 -4.74 15.12 -4.74
C ASP E 170 -4.89 16.30 -3.77
N LEU E 171 -4.20 16.26 -2.66
CA LEU E 171 -4.31 17.28 -1.63
C LEU E 171 -3.61 18.57 -2.02
N ARG E 172 -2.97 18.65 -3.21
CA ARG E 172 -2.57 19.95 -3.74
C ARG E 172 -3.83 20.79 -4.06
N LEU E 173 -4.95 20.13 -4.35
CA LEU E 173 -6.19 20.82 -4.66
C LEU E 173 -6.72 21.56 -3.43
N ASN E 174 -6.97 22.87 -3.57
CA ASN E 174 -7.56 23.66 -2.49
C ASN E 174 -9.06 23.79 -2.78
N SER E 175 -9.84 22.81 -2.35
CA SER E 175 -11.18 22.59 -2.87
C SER E 175 -12.21 22.81 -1.76
N HIS E 176 -13.48 22.82 -2.19
CA HIS E 176 -14.64 22.88 -1.32
C HIS E 176 -15.02 21.49 -0.84
N SER E 177 -14.24 20.45 -1.16
CA SER E 177 -14.52 19.10 -0.65
C SER E 177 -13.59 18.84 0.52
N ARG E 178 -14.04 19.20 1.76
CA ARG E 178 -13.08 19.32 2.83
C ARG E 178 -13.28 18.29 3.94
N LEU E 179 -14.26 17.40 3.81
CA LEU E 179 -14.49 16.38 4.84
C LEU E 179 -13.28 15.50 5.07
N ASN E 180 -12.42 15.31 4.04
CA ASN E 180 -11.24 14.47 4.27
C ASN E 180 -10.35 15.13 5.35
N LEU E 181 -10.27 16.46 5.41
CA LEU E 181 -9.47 17.17 6.39
C LEU E 181 -10.24 17.35 7.71
N ILE E 182 -11.53 17.71 7.62
CA ILE E 182 -12.35 17.99 8.80
C ILE E 182 -12.39 16.76 9.70
N GLN E 183 -12.51 15.57 9.09
CA GLN E 183 -12.57 14.36 9.90
C GLN E 183 -11.33 14.16 10.75
N ALA E 184 -10.13 14.45 10.25
CA ALA E 184 -8.89 14.36 11.04
C ALA E 184 -8.95 15.39 12.18
N LEU E 185 -9.39 16.62 11.86
CA LEU E 185 -9.54 17.66 12.87
C LEU E 185 -10.49 17.22 13.99
N ILE E 186 -11.64 16.60 13.61
CA ILE E 186 -12.60 16.15 14.61
C ILE E 186 -11.92 15.19 15.61
N GLN E 187 -11.15 14.25 15.10
CA GLN E 187 -10.46 13.29 15.95
C GLN E 187 -9.47 14.03 16.86
N ALA E 188 -8.70 14.97 16.29
CA ALA E 188 -7.75 15.70 17.10
C ALA E 188 -8.46 16.51 18.18
N ILE E 189 -9.61 17.11 17.84
CA ILE E 189 -10.33 17.88 18.85
C ILE E 189 -10.69 16.95 20.02
N GLN E 190 -11.17 15.74 19.72
CA GLN E 190 -11.55 14.87 20.84
C GLN E 190 -10.37 14.39 21.67
N ALA E 191 -9.15 14.50 21.13
CA ALA E 191 -7.96 14.14 21.90
C ALA E 191 -7.51 15.33 22.76
N GLY E 192 -8.25 16.47 22.70
CA GLY E 192 -7.92 17.63 23.50
C GLY E 192 -6.89 18.48 22.74
N ALA E 193 -6.76 18.29 21.41
CA ALA E 193 -5.81 19.10 20.65
C ALA E 193 -6.53 20.22 19.91
N ASP E 194 -5.75 21.14 19.32
CA ASP E 194 -6.33 22.24 18.55
C ASP E 194 -6.43 21.91 17.07
N GLU E 195 -5.51 21.09 16.59
CA GLU E 195 -5.38 20.82 15.14
C GLU E 195 -4.83 19.42 14.96
N ALA E 196 -5.14 18.78 13.83
CA ALA E 196 -4.66 17.41 13.54
C ALA E 196 -3.34 17.52 12.77
N LEU E 197 -2.34 16.76 13.19
CA LEU E 197 -1.28 16.40 12.30
C LEU E 197 -1.70 15.13 11.54
N MET E 198 -1.27 15.01 10.26
CA MET E 198 -1.68 13.92 9.38
C MET E 198 -0.45 13.29 8.73
N LEU E 199 -0.43 11.97 8.79
CA LEU E 199 0.61 11.22 8.07
C LEU E 199 0.16 10.97 6.63
N ASP E 200 1.18 10.71 5.80
CA ASP E 200 0.93 10.40 4.41
C ASP E 200 0.66 8.90 4.30
N PRO E 201 0.36 8.32 3.12
CA PRO E 201 0.05 6.89 3.03
C PRO E 201 1.21 6.02 3.47
N ASN E 202 2.41 6.57 3.56
CA ASN E 202 3.54 5.72 3.95
C ASN E 202 3.83 5.82 5.45
N GLY E 203 3.17 6.73 6.16
CA GLY E 203 3.35 6.91 7.60
C GLY E 203 4.31 8.07 7.94
N PHE E 204 4.81 8.82 6.93
CA PHE E 204 5.65 9.98 7.20
C PHE E 204 4.79 11.19 7.47
N VAL E 205 5.35 12.16 8.23
CA VAL E 205 4.61 13.34 8.59
C VAL E 205 4.28 14.12 7.29
N SER E 206 3.00 14.52 7.13
CA SER E 206 2.63 15.21 5.90
C SER E 206 2.32 16.69 6.20
N SER E 207 1.28 16.96 7.02
CA SER E 207 0.78 18.32 7.19
C SER E 207 -0.26 18.32 8.31
N CYS E 208 -0.68 19.51 8.72
CA CYS E 208 -1.84 19.59 9.58
C CYS E 208 -3.10 19.59 8.72
N ASN E 209 -4.28 19.58 9.37
CA ASN E 209 -5.53 19.54 8.59
C ASN E 209 -5.77 20.86 7.84
N SER E 210 -5.25 21.99 8.34
CA SER E 210 -5.54 23.24 7.63
C SER E 210 -4.29 24.09 7.51
N THR E 211 -3.15 23.63 8.06
CA THR E 211 -1.92 24.44 7.99
C THR E 211 -0.81 23.48 7.65
N ASN E 212 0.29 24.01 7.08
CA ASN E 212 1.45 23.16 6.82
C ASN E 212 2.26 23.04 8.08
N PHE E 213 3.01 21.91 8.21
CA PHE E 213 3.71 21.61 9.45
C PHE E 213 5.21 21.70 9.24
N PHE E 214 5.89 22.32 10.22
CA PHE E 214 7.35 22.38 10.18
C PHE E 214 7.91 21.96 11.53
N ALA E 215 9.11 21.32 11.50
CA ALA E 215 9.88 21.06 12.70
C ALA E 215 11.26 21.71 12.60
N VAL E 216 11.84 21.97 13.76
CA VAL E 216 13.18 22.48 13.89
C VAL E 216 13.95 21.47 14.71
N ARG E 217 15.02 21.02 14.08
CA ARG E 217 15.88 20.03 14.73
C ARG E 217 17.32 20.47 14.52
N ASN E 218 17.99 20.94 15.58
CA ASN E 218 19.41 21.18 15.58
C ASN E 218 19.77 22.30 14.59
N GLY E 219 19.07 23.44 14.65
CA GLY E 219 19.30 24.60 13.81
C GLY E 219 18.73 24.41 12.39
N ALA E 220 18.11 23.26 12.08
CA ALA E 220 17.66 23.01 10.72
C ALA E 220 16.12 22.97 10.67
N LEU E 221 15.59 23.46 9.56
CA LEU E 221 14.15 23.45 9.31
C LEU E 221 13.75 22.18 8.52
N TRP E 222 12.77 21.43 9.03
CA TRP E 222 12.27 20.21 8.44
C TRP E 222 10.79 20.39 8.11
N THR E 223 10.38 19.99 6.91
CA THR E 223 9.00 19.95 6.50
C THR E 223 8.83 18.83 5.47
N SER E 224 7.61 18.31 5.27
CA SER E 224 7.42 17.23 4.28
C SER E 224 7.70 17.74 2.86
N SER E 225 7.80 16.80 1.93
CA SER E 225 8.01 17.13 0.50
C SER E 225 6.77 17.80 -0.07
N GLY E 226 5.64 17.71 0.62
CA GLY E 226 4.38 18.19 0.09
C GLY E 226 3.77 17.33 -1.00
N ARG E 227 4.28 16.10 -1.21
CA ARG E 227 3.70 15.20 -2.21
C ARG E 227 2.28 14.84 -1.80
N TYR E 228 1.96 14.94 -0.52
CA TYR E 228 0.68 14.50 0.00
C TYR E 228 0.00 15.53 0.88
N CYS E 229 0.15 16.83 0.56
CA CYS E 229 -0.65 17.83 1.28
C CYS E 229 -0.76 19.09 0.42
N PHE E 230 -1.62 20.03 0.85
CA PHE E 230 -1.66 21.36 0.25
C PHE E 230 -0.23 21.89 0.29
N ASN E 231 0.17 22.49 -0.83
CA ASN E 231 1.46 23.17 -0.87
C ASN E 231 1.23 24.63 -0.60
N GLY E 232 1.16 25.00 0.68
CA GLY E 232 0.74 26.35 1.05
C GLY E 232 1.69 27.41 0.53
N ILE E 233 1.15 28.61 0.26
CA ILE E 233 2.00 29.69 -0.19
C ILE E 233 2.89 30.07 1.01
N THR E 234 2.29 30.08 2.22
CA THR E 234 3.07 30.41 3.41
C THR E 234 4.23 29.41 3.60
N ARG E 235 3.92 28.12 3.46
CA ARG E 235 4.97 27.08 3.50
C ARG E 235 6.12 27.42 2.54
N ALA E 236 5.77 27.73 1.28
CA ALA E 236 6.70 28.00 0.22
C ALA E 236 7.54 29.21 0.62
N THR E 237 6.89 30.26 1.11
CA THR E 237 7.61 31.46 1.46
C THR E 237 8.60 31.16 2.60
N VAL E 238 8.19 30.36 3.60
CA VAL E 238 9.06 30.15 4.76
C VAL E 238 10.28 29.29 4.37
N VAL E 239 10.07 28.30 3.50
CA VAL E 239 11.16 27.52 2.92
C VAL E 239 12.18 28.46 2.28
N ARG E 240 11.70 29.33 1.40
CA ARG E 240 12.57 30.26 0.65
C ARG E 240 13.29 31.19 1.60
N LEU E 241 12.56 31.78 2.56
CA LEU E 241 13.21 32.69 3.50
C LEU E 241 14.33 31.96 4.25
N ALA E 242 14.05 30.71 4.66
CA ALA E 242 15.03 29.93 5.40
C ALA E 242 16.32 29.73 4.58
N ARG E 243 16.18 29.30 3.33
CA ARG E 243 17.36 29.09 2.45
C ARG E 243 18.10 30.40 2.21
N GLU E 244 17.37 31.49 2.00
CA GLU E 244 17.98 32.79 1.75
C GLU E 244 18.76 33.28 2.96
N ALA E 245 18.34 32.89 4.17
CA ALA E 245 18.99 33.22 5.42
C ALA E 245 20.07 32.18 5.77
N GLY E 246 20.36 31.21 4.87
CA GLY E 246 21.33 30.15 5.14
C GLY E 246 20.92 29.20 6.28
N ILE E 247 19.62 29.16 6.68
CA ILE E 247 19.13 28.07 7.53
C ILE E 247 19.04 26.80 6.69
N PRO E 248 19.64 25.66 7.08
CA PRO E 248 19.42 24.40 6.33
C PRO E 248 17.95 23.98 6.37
N VAL E 249 17.44 23.53 5.23
CA VAL E 249 16.07 23.07 5.08
C VAL E 249 16.09 21.63 4.57
N HIS E 250 15.48 20.76 5.39
CA HIS E 250 15.33 19.29 5.13
C HIS E 250 13.85 19.19 4.67
N GLU E 251 13.59 19.07 3.38
CA GLU E 251 12.24 18.91 2.84
C GLU E 251 12.16 17.48 2.30
N GLY E 252 11.41 16.62 2.96
CA GLY E 252 11.54 15.19 2.76
C GLY E 252 10.88 14.38 3.87
N ASP E 253 11.12 13.07 3.89
CA ASP E 253 10.30 12.20 4.71
C ASP E 253 10.88 12.21 6.11
N PHE E 254 10.01 12.58 7.06
CA PHE E 254 10.41 12.51 8.44
C PHE E 254 9.28 11.93 9.28
N THR E 255 9.62 11.51 10.51
CA THR E 255 8.71 10.68 11.27
C THR E 255 8.21 11.44 12.53
N LEU E 256 7.17 10.90 13.15
CA LEU E 256 6.80 11.29 14.49
C LEU E 256 7.97 11.27 15.48
N ALA E 257 8.86 10.26 15.41
CA ALA E 257 10.01 10.23 16.33
C ALA E 257 10.84 11.49 16.16
N GLU E 258 10.98 11.93 14.90
CA GLU E 258 11.80 13.12 14.63
C GLU E 258 11.10 14.37 15.15
N VAL E 259 9.75 14.33 15.17
CA VAL E 259 8.99 15.47 15.70
C VAL E 259 9.11 15.48 17.24
N TYR E 260 8.92 14.31 17.89
CA TYR E 260 8.89 14.29 19.34
C TYR E 260 10.25 14.74 19.90
N ALA E 261 11.32 14.55 19.14
CA ALA E 261 12.67 14.92 19.55
C ALA E 261 13.06 16.26 18.95
N ALA E 262 12.14 16.97 18.31
CA ALA E 262 12.45 18.27 17.69
C ALA E 262 12.78 19.31 18.78
N ASP E 263 13.46 20.39 18.40
CA ASP E 263 13.69 21.53 19.26
C ASP E 263 12.48 22.44 19.24
N GLU E 264 11.84 22.60 18.07
CA GLU E 264 10.70 23.50 17.93
C GLU E 264 9.80 22.93 16.84
N ALA E 265 8.53 23.39 16.82
CA ALA E 265 7.69 23.11 15.68
C ALA E 265 6.74 24.29 15.49
N PHE E 266 6.23 24.44 14.26
CA PHE E 266 5.26 25.48 14.01
C PHE E 266 4.48 25.10 12.75
N VAL E 267 3.36 25.80 12.55
CA VAL E 267 2.52 25.56 11.41
C VAL E 267 2.45 26.89 10.66
N THR E 268 2.11 26.77 9.35
CA THR E 268 2.03 27.95 8.51
C THR E 268 0.69 27.93 7.77
N GLY E 269 0.22 29.14 7.52
CA GLY E 269 -0.91 29.34 6.64
C GLY E 269 -1.19 30.82 6.47
N THR E 270 -2.01 31.17 5.51
CA THR E 270 -2.22 32.61 5.21
C THR E 270 -2.93 33.32 6.35
N LEU E 271 -3.75 32.60 7.12
CA LEU E 271 -4.60 33.37 8.02
C LEU E 271 -3.81 33.84 9.24
N ALA E 272 -2.95 32.99 9.84
CA ALA E 272 -2.23 33.36 11.04
C ALA E 272 -0.69 33.48 10.82
N GLY E 273 -0.15 33.18 9.64
CA GLY E 273 1.31 33.26 9.47
C GLY E 273 1.96 31.99 10.05
N LEU E 274 2.96 32.20 10.90
CA LEU E 274 3.62 31.18 11.68
C LEU E 274 2.97 31.05 13.05
N THR E 275 2.36 29.89 13.32
CA THR E 275 1.87 29.62 14.66
C THR E 275 2.76 28.55 15.34
N PRO E 276 3.36 28.87 16.52
CA PRO E 276 4.15 27.88 17.26
C PRO E 276 3.32 26.69 17.71
N VAL E 277 3.99 25.54 17.82
CA VAL E 277 3.35 24.31 18.28
C VAL E 277 3.89 24.03 19.67
N SER E 278 3.00 23.70 20.62
CA SER E 278 3.50 23.48 21.99
C SER E 278 3.51 22.00 22.35
N SER E 279 2.80 21.16 21.58
CA SER E 279 2.93 19.72 21.78
C SER E 279 2.39 18.97 20.57
N VAL E 280 2.89 17.72 20.41
CA VAL E 280 2.41 16.82 19.38
C VAL E 280 2.18 15.50 20.07
N ASP E 281 0.93 15.03 20.03
CA ASP E 281 0.54 13.80 20.73
C ASP E 281 0.96 13.87 22.20
N GLY E 282 0.83 15.05 22.84
CA GLY E 282 1.17 15.24 24.26
C GLY E 282 2.69 15.29 24.52
N ARG E 283 3.50 15.29 23.46
CA ARG E 283 4.96 15.43 23.65
C ARG E 283 5.29 16.92 23.64
N ALA E 284 5.78 17.48 24.73
CA ALA E 284 5.95 18.94 24.86
C ALA E 284 7.06 19.44 23.92
N LEU E 285 6.80 20.59 23.33
CA LEU E 285 7.84 21.39 22.65
C LEU E 285 7.73 22.81 23.17
N VAL E 286 8.86 23.46 23.38
CA VAL E 286 8.81 24.85 23.85
C VAL E 286 8.20 25.68 22.71
N PRO E 287 7.07 26.40 22.95
CA PRO E 287 6.49 27.28 21.92
C PRO E 287 7.43 28.48 21.64
N LEU E 288 7.55 28.91 20.38
CA LEU E 288 8.31 30.09 19.97
C LEU E 288 9.81 29.96 20.33
N GLY E 289 10.42 28.86 19.91
CA GLY E 289 11.86 28.74 19.94
C GLY E 289 12.57 29.73 19.01
N PRO E 290 13.90 29.78 19.10
CA PRO E 290 14.68 30.83 18.44
C PRO E 290 14.47 30.84 16.92
N LEU E 291 14.42 29.64 16.30
CA LEU E 291 14.34 29.59 14.83
C LEU E 291 12.93 29.93 14.34
N THR E 292 11.90 29.54 15.14
CA THR E 292 10.55 30.03 14.85
C THR E 292 10.54 31.58 14.88
N GLN E 293 11.20 32.18 15.89
CA GLN E 293 11.20 33.62 16.10
C GLN E 293 11.85 34.33 14.91
N ARG E 294 12.97 33.74 14.43
CA ARG E 294 13.76 34.32 13.36
C ARG E 294 12.93 34.31 12.06
N LEU E 295 12.27 33.17 11.80
CA LEU E 295 11.57 32.96 10.55
C LEU E 295 10.30 33.80 10.55
N ASP E 296 9.66 33.89 11.73
CA ASP E 296 8.51 34.76 11.88
C ASP E 296 8.87 36.23 11.58
N ALA E 297 10.01 36.68 12.07
CA ALA E 297 10.45 38.06 11.84
C ALA E 297 10.70 38.24 10.35
N LEU E 298 11.36 37.26 9.71
CA LEU E 298 11.60 37.29 8.27
C LEU E 298 10.29 37.29 7.50
N TYR E 299 9.30 36.52 7.96
CA TYR E 299 8.03 36.47 7.27
C TYR E 299 7.28 37.77 7.44
N ARG E 300 7.26 38.35 8.65
CA ARG E 300 6.55 39.59 8.96
C ARG E 300 7.11 40.73 8.10
N ALA E 301 8.45 40.76 7.98
CA ALA E 301 9.17 41.75 7.17
C ALA E 301 8.77 41.58 5.72
N TYR E 302 8.78 40.32 5.24
CA TYR E 302 8.53 40.03 3.84
C TYR E 302 7.12 40.45 3.45
N ILE E 303 6.13 40.15 4.29
CA ILE E 303 4.76 40.42 3.87
C ILE E 303 4.46 41.91 3.96
N ALA E 304 5.24 42.66 4.74
CA ALA E 304 5.10 44.11 4.89
C ALA E 304 5.95 44.90 3.88
N SER E 305 6.79 44.24 3.06
CA SER E 305 7.71 44.95 2.18
C SER E 305 7.02 45.22 0.84
N ALA E 306 7.62 46.12 0.05
CA ALA E 306 7.15 46.42 -1.29
C ALA E 306 7.65 45.41 -2.34
N ASN E 307 7.86 44.17 -1.94
CA ASN E 307 8.07 43.03 -2.82
C ASN E 307 7.06 42.91 -3.96
N GLU E 308 7.61 42.49 -5.11
CA GLU E 308 6.79 42.44 -6.32
C GLU E 308 5.82 41.25 -6.30
N ALA E 309 6.04 40.26 -5.41
CA ALA E 309 5.12 39.13 -5.23
C ALA E 309 3.75 39.59 -4.67
N HIS E 310 3.69 40.80 -4.05
CA HIS E 310 2.49 41.32 -3.44
C HIS E 310 1.84 42.37 -4.32
N GLY E 311 0.53 42.18 -4.62
CA GLY E 311 -0.21 43.04 -5.51
C GLY E 311 -0.77 44.21 -4.69
N ALA E 312 -0.21 45.39 -4.96
CA ALA E 312 -0.65 46.71 -4.50
C ALA E 312 -2.12 46.91 -4.94
N LEU E 313 -2.89 47.31 -3.91
CA LEU E 313 -4.32 47.59 -4.11
C LEU E 313 -4.38 48.97 -4.74
N PRO E 314 -5.05 49.15 -5.88
CA PRO E 314 -5.18 50.47 -6.45
C PRO E 314 -6.02 51.39 -5.56
N ALA E 315 -5.87 52.69 -5.75
CA ALA E 315 -6.74 53.62 -5.02
C ALA E 315 -8.10 53.59 -5.73
N ALA E 316 -9.16 53.98 -5.04
CA ALA E 316 -10.50 53.86 -5.66
C ALA E 316 -10.72 54.94 -6.73
N ALA E 317 -11.48 54.60 -7.77
CA ALA E 317 -11.79 55.50 -8.90
C ALA E 317 -13.03 56.41 -8.60
N PRO F 17 -37.58 15.20 -18.77
CA PRO F 17 -37.62 16.68 -18.57
C PRO F 17 -39.07 17.19 -18.45
N ASP F 18 -39.34 18.05 -17.44
CA ASP F 18 -40.69 18.30 -16.90
C ASP F 18 -40.80 19.74 -16.40
N ALA F 19 -41.57 20.54 -17.13
CA ALA F 19 -41.77 21.98 -16.95
C ALA F 19 -42.21 22.31 -15.51
N ARG F 20 -42.88 21.35 -14.81
CA ARG F 20 -43.38 21.53 -13.43
C ARG F 20 -42.23 21.78 -12.46
N ASN F 21 -41.02 21.34 -12.86
CA ASN F 21 -39.83 21.42 -12.00
C ASN F 21 -39.35 22.85 -11.83
N ASP F 22 -39.67 23.71 -12.79
CA ASP F 22 -39.34 25.12 -12.71
C ASP F 22 -40.02 25.83 -11.52
N ALA F 23 -41.17 25.32 -11.05
CA ALA F 23 -41.99 25.98 -10.03
C ALA F 23 -41.97 25.24 -8.69
N VAL F 24 -41.14 24.21 -8.51
CA VAL F 24 -41.22 23.47 -7.23
C VAL F 24 -40.79 24.35 -6.06
N LEU F 25 -41.36 24.06 -4.89
CA LEU F 25 -41.00 24.70 -3.63
C LEU F 25 -40.03 23.80 -2.90
N VAL F 26 -38.96 24.42 -2.39
CA VAL F 26 -37.84 23.73 -1.76
C VAL F 26 -37.97 23.99 -0.28
N TYR F 27 -37.79 22.93 0.52
CA TYR F 27 -37.67 23.11 1.95
C TYR F 27 -36.28 23.67 2.28
N VAL F 28 -36.27 24.81 3.01
CA VAL F 28 -35.06 25.37 3.60
C VAL F 28 -35.36 25.81 5.04
N ASN F 29 -34.83 25.03 6.00
CA ASN F 29 -34.90 25.40 7.39
C ASN F 29 -36.34 25.67 7.85
N GLY F 30 -37.25 24.81 7.36
CA GLY F 30 -38.63 24.86 7.84
C GLY F 30 -39.54 25.67 6.92
N GLN F 31 -39.01 26.46 5.99
CA GLN F 31 -39.74 27.31 5.08
C GLN F 31 -39.81 26.61 3.73
N PHE F 32 -40.92 26.81 3.01
CA PHE F 32 -41.02 26.41 1.62
C PHE F 32 -40.74 27.61 0.73
N VAL F 33 -39.70 27.48 -0.08
CA VAL F 33 -39.13 28.58 -0.82
C VAL F 33 -39.22 28.24 -2.30
N PRO F 34 -39.75 29.13 -3.17
CA PRO F 34 -39.72 28.89 -4.62
C PRO F 34 -38.27 28.62 -5.06
N ARG F 35 -38.16 27.67 -6.00
CA ARG F 35 -36.95 27.15 -6.61
C ARG F 35 -35.88 28.24 -6.79
N HIS F 36 -36.21 29.35 -7.49
CA HIS F 36 -35.23 30.33 -7.89
C HIS F 36 -34.76 31.14 -6.68
N GLN F 37 -35.41 30.99 -5.52
CA GLN F 37 -35.04 31.79 -4.37
C GLN F 37 -34.52 30.92 -3.23
N ALA F 38 -34.50 29.58 -3.43
CA ALA F 38 -34.09 28.65 -2.40
C ALA F 38 -32.57 28.75 -2.25
N VAL F 39 -32.13 29.29 -1.11
CA VAL F 39 -30.75 29.70 -0.95
C VAL F 39 -30.24 29.26 0.42
N VAL F 40 -28.93 29.26 0.53
CA VAL F 40 -28.22 28.95 1.75
C VAL F 40 -27.08 29.97 1.83
N SER F 41 -26.71 30.34 3.05
CA SER F 41 -25.63 31.27 3.32
C SER F 41 -24.32 30.81 2.67
N VAL F 42 -23.53 31.78 2.20
CA VAL F 42 -22.17 31.47 1.73
C VAL F 42 -21.30 31.03 2.92
N PHE F 43 -21.79 31.21 4.14
CA PHE F 43 -21.05 30.83 5.35
C PHE F 43 -21.46 29.44 5.81
N ASP F 44 -22.42 28.82 5.08
CA ASP F 44 -22.83 27.49 5.45
C ASP F 44 -21.68 26.49 5.20
N ALA F 45 -21.54 25.58 6.14
CA ALA F 45 -20.51 24.54 6.08
C ALA F 45 -20.62 23.69 4.79
N GLY F 46 -21.83 23.50 4.28
CA GLY F 46 -22.05 22.71 3.07
C GLY F 46 -21.39 23.43 1.88
N TYR F 47 -21.62 24.73 1.76
CA TYR F 47 -21.01 25.49 0.65
C TYR F 47 -19.51 25.66 0.86
N VAL F 48 -19.07 25.94 2.08
CA VAL F 48 -17.67 26.31 2.22
C VAL F 48 -16.77 25.07 2.10
N CYS F 49 -17.29 23.90 2.55
CA CYS F 49 -16.45 22.78 2.97
C CYS F 49 -17.00 21.44 2.48
N GLY F 50 -18.19 21.42 1.87
CA GLY F 50 -18.82 20.16 1.52
C GLY F 50 -19.14 19.36 2.78
N ASP F 51 -19.45 20.10 3.89
CA ASP F 51 -19.53 19.48 5.20
C ASP F 51 -21.00 19.18 5.53
N GLY F 52 -21.48 17.98 5.15
CA GLY F 52 -22.86 17.59 5.37
C GLY F 52 -23.10 16.18 4.79
N VAL F 53 -24.31 15.63 5.04
CA VAL F 53 -24.69 14.33 4.54
C VAL F 53 -26.03 14.52 3.86
N TRP F 54 -26.34 13.65 2.90
CA TRP F 54 -27.58 13.75 2.14
C TRP F 54 -28.14 12.35 1.84
N GLU F 55 -29.40 12.32 1.43
CA GLU F 55 -30.06 11.10 0.97
C GLU F 55 -30.98 11.49 -0.18
N GLY F 56 -31.03 10.64 -1.20
CA GLY F 56 -31.96 10.79 -2.29
C GLY F 56 -33.01 9.70 -2.13
N VAL F 57 -34.30 10.07 -2.23
CA VAL F 57 -35.36 9.08 -2.11
C VAL F 57 -36.29 9.24 -3.29
N ARG F 58 -36.92 8.11 -3.67
CA ARG F 58 -37.86 8.05 -4.78
C ARG F 58 -39.24 7.81 -4.18
N LEU F 59 -40.21 8.55 -4.72
CA LEU F 59 -41.62 8.44 -4.41
C LEU F 59 -42.29 7.65 -5.54
N VAL F 60 -42.86 6.49 -5.18
CA VAL F 60 -43.56 5.62 -6.11
C VAL F 60 -44.94 5.27 -5.54
N ASP F 61 -46.02 5.61 -6.29
CA ASP F 61 -47.42 5.31 -5.98
C ASP F 61 -47.75 5.69 -4.54
N GLY F 62 -47.38 6.91 -4.14
CA GLY F 62 -47.64 7.45 -2.80
C GLY F 62 -46.72 6.92 -1.71
N ARG F 63 -45.65 6.23 -2.09
CA ARG F 63 -44.79 5.62 -1.06
C ARG F 63 -43.32 6.03 -1.26
N ILE F 64 -42.65 6.49 -0.19
CA ILE F 64 -41.25 6.80 -0.24
C ILE F 64 -40.48 5.49 -0.13
N VAL F 65 -39.78 5.12 -1.22
CA VAL F 65 -39.14 3.82 -1.35
C VAL F 65 -37.98 3.67 -0.35
N SER F 66 -38.10 2.63 0.52
CA SER F 66 -37.07 2.22 1.45
C SER F 66 -36.66 3.40 2.33
N PHE F 67 -37.66 4.11 2.86
CA PHE F 67 -37.47 5.40 3.51
C PHE F 67 -36.57 5.27 4.75
N ASP F 68 -36.95 4.39 5.67
CA ASP F 68 -36.18 4.11 6.88
C ASP F 68 -34.72 3.76 6.59
N ALA F 69 -34.49 2.95 5.57
CA ALA F 69 -33.11 2.57 5.19
C ALA F 69 -32.32 3.82 4.82
N HIS F 70 -32.94 4.75 4.10
CA HIS F 70 -32.28 6.00 3.77
C HIS F 70 -31.96 6.81 5.02
N ILE F 71 -32.94 6.88 5.94
CA ILE F 71 -32.81 7.72 7.13
C ILE F 71 -31.70 7.19 8.04
N ASP F 72 -31.62 5.86 8.15
CA ASP F 72 -30.60 5.21 9.00
C ASP F 72 -29.23 5.51 8.42
N ARG F 73 -29.10 5.50 7.09
CA ARG F 73 -27.80 5.81 6.54
C ARG F 73 -27.45 7.26 6.88
N MET F 74 -28.43 8.16 6.79
CA MET F 74 -28.16 9.56 7.08
C MET F 74 -27.71 9.72 8.53
N TYR F 75 -28.39 9.01 9.47
CA TYR F 75 -28.09 9.15 10.89
C TYR F 75 -26.69 8.62 11.18
N GLU F 76 -26.33 7.50 10.56
CA GLU F 76 -24.98 6.93 10.75
C GLU F 76 -23.96 7.85 10.09
N GLY F 77 -24.26 8.37 8.89
CA GLY F 77 -23.25 9.19 8.25
C GLY F 77 -23.01 10.47 9.07
N ALA F 78 -24.13 11.08 9.53
CA ALA F 78 -24.03 12.29 10.33
C ALA F 78 -23.22 12.02 11.60
N LYS F 79 -23.50 10.88 12.27
CA LYS F 79 -22.79 10.46 13.46
C LYS F 79 -21.29 10.37 13.15
N SER F 80 -20.95 9.81 11.98
CA SER F 80 -19.54 9.62 11.69
C SER F 80 -18.77 10.94 11.66
N ILE F 81 -19.41 12.00 11.20
CA ILE F 81 -18.73 13.29 11.15
C ILE F 81 -19.21 14.23 12.29
N ALA F 82 -19.79 13.68 13.38
CA ALA F 82 -20.13 14.40 14.59
C ALA F 82 -21.04 15.57 14.22
N LEU F 83 -21.92 15.32 13.25
CA LEU F 83 -22.84 16.34 12.81
C LEU F 83 -24.15 16.00 13.50
N ASP F 84 -24.63 16.97 14.28
CA ASP F 84 -25.92 16.78 14.95
C ASP F 84 -27.02 17.15 13.97
N ILE F 85 -27.86 16.21 13.54
CA ILE F 85 -28.91 16.63 12.59
C ILE F 85 -29.90 17.62 13.24
N GLY F 86 -30.04 17.56 14.59
CA GLY F 86 -30.88 18.48 15.32
C GLY F 86 -32.37 18.11 15.20
N MET F 87 -32.72 16.89 14.77
CA MET F 87 -34.07 16.40 14.54
C MET F 87 -34.12 14.93 14.93
N THR F 88 -35.26 14.46 15.40
CA THR F 88 -35.50 13.02 15.52
C THR F 88 -35.70 12.45 14.12
N ARG F 89 -35.60 11.13 14.00
CA ARG F 89 -35.87 10.42 12.75
CA ARG F 89 -35.89 10.38 12.78
C ARG F 89 -37.27 10.78 12.25
N ALA F 90 -38.28 10.78 13.14
CA ALA F 90 -39.64 11.13 12.73
C ALA F 90 -39.72 12.55 12.13
N GLN F 91 -39.09 13.53 12.79
CA GLN F 91 -39.03 14.89 12.26
C GLN F 91 -38.36 14.96 10.87
N THR F 92 -37.26 14.20 10.71
CA THR F 92 -36.50 14.21 9.47
C THR F 92 -37.39 13.67 8.35
N LYS F 93 -38.08 12.56 8.67
CA LYS F 93 -38.99 11.92 7.73
C LYS F 93 -40.05 12.94 7.30
N GLN F 94 -40.53 13.67 8.31
CA GLN F 94 -41.60 14.65 8.11
C GLN F 94 -41.19 15.74 7.10
N VAL F 95 -39.90 16.14 7.12
CA VAL F 95 -39.39 17.11 6.19
C VAL F 95 -39.59 16.62 4.76
N VAL F 96 -39.25 15.33 4.50
CA VAL F 96 -39.34 14.83 3.13
C VAL F 96 -40.81 14.72 2.68
N VAL F 97 -41.63 14.13 3.57
CA VAL F 97 -43.06 13.99 3.38
C VAL F 97 -43.65 15.35 3.06
N ASP F 98 -43.35 16.36 3.89
CA ASP F 98 -43.91 17.69 3.74
C ASP F 98 -43.50 18.30 2.40
N THR F 99 -42.23 18.06 1.98
CA THR F 99 -41.73 18.56 0.72
C THR F 99 -42.49 17.95 -0.45
N PHE F 100 -42.78 16.63 -0.39
CA PHE F 100 -43.56 16.06 -1.47
C PHE F 100 -45.00 16.60 -1.49
N LEU F 101 -45.63 16.66 -0.29
CA LEU F 101 -47.00 17.16 -0.09
C LEU F 101 -47.12 18.59 -0.61
N ARG F 102 -46.17 19.47 -0.26
CA ARG F 102 -46.24 20.86 -0.64
C ARG F 102 -46.21 21.02 -2.16
N ASN F 103 -45.65 20.04 -2.88
CA ASN F 103 -45.47 20.13 -4.32
C ASN F 103 -46.55 19.33 -5.06
N GLY F 104 -47.51 18.79 -4.28
CA GLY F 104 -48.55 17.90 -4.77
C GLY F 104 -47.99 16.65 -5.48
N MET F 105 -46.86 16.12 -4.99
CA MET F 105 -46.27 14.95 -5.63
C MET F 105 -46.77 13.69 -4.93
N ARG F 106 -47.20 12.71 -5.73
CA ARG F 106 -47.65 11.41 -5.26
C ARG F 106 -46.87 10.29 -5.97
N ASP F 107 -46.31 10.56 -7.17
CA ASP F 107 -45.66 9.48 -7.96
C ASP F 107 -44.61 10.09 -8.88
N GLY F 108 -43.63 9.33 -9.35
CA GLY F 108 -42.74 9.80 -10.38
C GLY F 108 -41.92 11.00 -9.92
N ALA F 109 -41.54 11.00 -8.63
CA ALA F 109 -40.77 12.09 -8.06
C ALA F 109 -39.65 11.54 -7.19
N HIS F 110 -38.68 12.40 -6.97
CA HIS F 110 -37.41 12.09 -6.32
C HIS F 110 -37.09 13.29 -5.41
N ALA F 111 -36.53 13.06 -4.24
CA ALA F 111 -36.15 14.20 -3.42
C ALA F 111 -34.75 13.98 -2.89
N ARG F 112 -34.02 15.10 -2.76
CA ARG F 112 -32.68 15.07 -2.16
C ARG F 112 -32.72 15.84 -0.84
N LEU F 113 -32.63 15.14 0.28
CA LEU F 113 -32.54 15.74 1.60
C LEU F 113 -31.07 15.97 1.92
N MET F 114 -30.74 17.24 2.13
CA MET F 114 -29.37 17.68 2.40
C MET F 114 -29.30 18.31 3.79
N VAL F 115 -28.39 17.79 4.61
CA VAL F 115 -28.18 18.29 5.97
C VAL F 115 -26.71 18.66 6.09
N THR F 116 -26.44 19.97 6.27
CA THR F 116 -25.08 20.47 6.35
C THR F 116 -24.86 21.01 7.75
N ARG F 117 -23.62 21.12 8.21
CA ARG F 117 -23.35 21.44 9.64
C ARG F 117 -23.99 22.75 10.09
N GLY F 118 -24.05 23.72 9.21
CA GLY F 118 -24.70 24.96 9.58
C GLY F 118 -23.84 26.18 9.19
N VAL F 119 -24.34 27.34 9.60
CA VAL F 119 -23.76 28.62 9.31
C VAL F 119 -22.59 28.90 10.26
N LYS F 120 -21.46 29.28 9.68
CA LYS F 120 -20.25 29.47 10.45
C LYS F 120 -20.09 30.96 10.69
N LYS F 121 -19.39 31.35 11.76
CA LYS F 121 -19.08 32.76 12.07
C LYS F 121 -18.11 33.27 11.00
N THR F 122 -17.28 32.37 10.47
CA THR F 122 -16.21 32.70 9.53
C THR F 122 -16.04 31.51 8.60
N PRO F 123 -15.75 31.68 7.28
CA PRO F 123 -15.69 30.51 6.38
C PRO F 123 -14.36 29.79 6.59
N ASN F 124 -14.41 28.58 7.17
CA ASN F 124 -13.22 27.72 7.34
C ASN F 124 -13.69 26.31 7.67
N GLN F 125 -12.75 25.36 7.82
CA GLN F 125 -13.11 23.96 7.96
C GLN F 125 -13.50 23.61 9.39
N ASP F 126 -13.18 24.45 10.37
CA ASP F 126 -13.28 24.05 11.75
C ASP F 126 -14.75 23.83 12.13
N PRO F 127 -15.22 22.64 12.54
CA PRO F 127 -16.66 22.42 12.78
C PRO F 127 -17.22 23.08 14.05
N ARG F 128 -16.35 23.72 14.86
CA ARG F 128 -16.74 24.00 16.23
C ARG F 128 -17.59 25.27 16.32
N PHE F 129 -17.38 26.19 15.39
CA PHE F 129 -17.90 27.51 15.70
C PHE F 129 -19.13 27.83 14.83
N ILE F 130 -20.22 27.08 15.12
CA ILE F 130 -21.44 27.05 14.30
C ILE F 130 -22.48 27.89 15.03
N ILE F 131 -22.99 28.94 14.38
CA ILE F 131 -24.12 29.69 14.90
C ILE F 131 -25.37 28.87 14.57
N GLY F 132 -26.15 28.49 15.60
CA GLY F 132 -27.45 27.86 15.33
C GLY F 132 -27.26 26.39 14.96
N GLY F 133 -28.22 25.85 14.18
CA GLY F 133 -28.26 24.40 14.04
C GLY F 133 -27.79 23.97 12.65
N ALA F 134 -27.85 22.66 12.41
CA ALA F 134 -27.72 22.10 11.06
C ALA F 134 -28.71 22.82 10.10
N THR F 135 -28.21 23.08 8.87
CA THR F 135 -28.99 23.50 7.73
C THR F 135 -29.63 22.27 7.11
N VAL F 136 -30.95 22.38 6.83
CA VAL F 136 -31.75 21.30 6.33
C VAL F 136 -32.44 21.81 5.06
N VAL F 137 -32.16 21.13 3.93
CA VAL F 137 -32.72 21.47 2.63
C VAL F 137 -33.25 20.22 2.01
N CYS F 138 -34.41 20.35 1.36
CA CYS F 138 -35.03 19.23 0.66
C CYS F 138 -35.55 19.72 -0.70
N VAL F 139 -34.91 19.19 -1.77
CA VAL F 139 -35.27 19.50 -3.14
C VAL F 139 -36.03 18.30 -3.71
N ALA F 140 -37.34 18.47 -3.95
CA ALA F 140 -38.15 17.45 -4.63
C ALA F 140 -38.37 17.87 -6.08
N GLU F 141 -38.35 16.87 -6.97
CA GLU F 141 -38.51 17.13 -8.42
C GLU F 141 -39.18 15.94 -9.12
N HIS F 142 -40.05 16.20 -10.10
CA HIS F 142 -40.64 15.16 -10.96
C HIS F 142 -39.53 14.56 -11.81
N LYS F 143 -39.28 13.26 -11.76
CA LYS F 143 -38.13 12.65 -12.43
C LYS F 143 -38.59 11.27 -12.88
N VAL F 144 -39.31 11.23 -14.00
CA VAL F 144 -39.67 9.97 -14.63
C VAL F 144 -38.44 9.42 -15.39
N VAL F 145 -37.95 8.23 -15.02
CA VAL F 145 -36.85 7.65 -15.81
C VAL F 145 -37.47 6.56 -16.69
N THR F 146 -37.72 6.80 -18.00
CA THR F 146 -38.44 5.84 -18.86
C THR F 146 -37.57 4.60 -19.06
N PRO F 147 -38.11 3.32 -19.12
CA PRO F 147 -37.30 2.16 -19.59
C PRO F 147 -36.68 2.28 -21.00
N GLU F 148 -37.39 3.01 -21.89
CA GLU F 148 -36.95 3.51 -23.20
C GLU F 148 -35.78 4.50 -22.98
N ARG F 151 -32.97 4.35 -21.40
CA ARG F 151 -32.16 3.19 -20.92
C ARG F 151 -31.60 2.40 -22.10
N ASN F 152 -30.89 3.09 -22.99
CA ASN F 152 -30.14 2.47 -24.08
C ASN F 152 -28.84 1.76 -23.59
N GLY F 153 -28.59 1.72 -22.27
CA GLY F 153 -27.37 1.14 -21.71
C GLY F 153 -26.22 2.15 -21.61
N LEU F 154 -25.60 2.26 -20.42
CA LEU F 154 -24.49 3.17 -20.18
C LEU F 154 -23.18 2.58 -20.71
N LYS F 155 -22.35 3.47 -21.24
CA LYS F 155 -20.92 3.22 -21.38
C LYS F 155 -20.19 3.58 -20.09
N LEU F 156 -19.42 2.64 -19.59
CA LEU F 156 -18.54 2.83 -18.44
C LEU F 156 -17.09 2.91 -18.90
N PHE F 157 -16.30 3.77 -18.21
CA PHE F 157 -14.84 3.74 -18.36
C PHE F 157 -14.23 3.59 -16.97
N THR F 158 -13.22 2.69 -16.84
CA THR F 158 -12.63 2.49 -15.53
C THR F 158 -11.62 3.61 -15.34
N SER F 159 -11.98 4.53 -14.47
CA SER F 159 -11.13 5.67 -14.17
C SER F 159 -9.82 5.21 -13.55
N THR F 160 -8.78 6.00 -13.74
CA THR F 160 -7.52 5.82 -13.07
C THR F 160 -7.64 6.25 -11.60
N LEU F 161 -8.68 7.04 -11.24
CA LEU F 161 -8.85 7.50 -9.87
C LEU F 161 -9.56 6.42 -9.07
N ARG F 162 -9.03 6.15 -7.86
CA ARG F 162 -9.41 5.01 -7.05
C ARG F 162 -10.43 5.38 -5.98
N CYS F 163 -11.26 4.41 -5.61
CA CYS F 163 -11.94 4.40 -4.33
C CYS F 163 -10.93 4.36 -3.18
N SER F 164 -11.20 5.17 -2.13
CA SER F 164 -10.25 5.28 -1.00
C SER F 164 -10.56 4.20 0.04
N GLY F 165 -9.57 3.81 0.82
CA GLY F 165 -9.81 3.10 2.07
C GLY F 165 -10.36 4.02 3.15
N PRO F 166 -11.01 3.46 4.21
CA PRO F 166 -11.74 4.26 5.16
C PRO F 166 -10.81 5.07 6.09
N ASP F 167 -9.50 4.76 6.15
CA ASP F 167 -8.67 5.67 6.91
C ASP F 167 -8.29 6.94 6.10
N VAL F 168 -8.68 7.01 4.81
CA VAL F 168 -8.48 8.21 4.02
C VAL F 168 -9.83 8.91 3.87
N PHE F 169 -10.83 8.16 3.36
CA PHE F 169 -12.15 8.72 3.19
C PHE F 169 -13.08 7.53 3.00
N ASP F 170 -14.03 7.41 3.94
CA ASP F 170 -14.93 6.27 4.00
C ASP F 170 -16.05 6.51 2.99
N LEU F 171 -16.07 5.74 1.91
CA LEU F 171 -17.04 5.95 0.86
C LEU F 171 -18.43 5.44 1.23
N ARG F 172 -18.59 4.93 2.44
CA ARG F 172 -19.95 4.60 2.89
C ARG F 172 -20.63 5.92 3.26
N LEU F 173 -19.85 6.97 3.55
CA LEU F 173 -20.45 8.25 3.85
C LEU F 173 -21.08 8.87 2.57
N ASN F 174 -22.34 9.27 2.68
CA ASN F 174 -23.01 9.95 1.59
C ASN F 174 -22.99 11.46 1.86
N SER F 175 -21.88 12.12 1.48
CA SER F 175 -21.54 13.44 1.97
C SER F 175 -21.62 14.48 0.84
N HIS F 176 -21.47 15.74 1.27
CA HIS F 176 -21.41 16.88 0.38
C HIS F 176 -20.00 17.10 -0.14
N SER F 177 -19.03 16.23 0.25
CA SER F 177 -17.66 16.37 -0.24
C SER F 177 -17.48 15.35 -1.39
N ARG F 178 -17.83 15.74 -2.60
CA ARG F 178 -17.90 14.74 -3.68
C ARG F 178 -16.87 14.95 -4.79
N LEU F 179 -15.86 15.79 -4.61
CA LEU F 179 -14.87 15.89 -5.70
C LEU F 179 -14.11 14.57 -5.90
N ASN F 180 -14.05 13.69 -4.87
CA ASN F 180 -13.37 12.43 -5.04
C ASN F 180 -14.11 11.61 -6.07
N LEU F 181 -15.45 11.69 -6.15
CA LEU F 181 -16.19 10.93 -7.15
C LEU F 181 -16.24 11.68 -8.50
N ILE F 182 -16.42 13.02 -8.44
CA ILE F 182 -16.60 13.79 -9.64
C ILE F 182 -15.34 13.67 -10.53
N GLN F 183 -14.19 13.65 -9.89
CA GLN F 183 -12.95 13.57 -10.66
C GLN F 183 -12.87 12.30 -11.50
N ALA F 184 -13.31 11.15 -10.95
CA ALA F 184 -13.37 9.90 -11.73
C ALA F 184 -14.33 10.09 -12.92
N LEU F 185 -15.51 10.66 -12.65
CA LEU F 185 -16.52 10.90 -13.69
C LEU F 185 -15.92 11.77 -14.81
N ILE F 186 -15.21 12.84 -14.44
CA ILE F 186 -14.65 13.73 -15.45
C ILE F 186 -13.77 12.94 -16.42
N GLN F 187 -12.90 12.08 -15.88
CA GLN F 187 -12.01 11.27 -16.73
C GLN F 187 -12.85 10.37 -17.65
N ALA F 188 -13.88 9.72 -17.10
CA ALA F 188 -14.70 8.84 -17.89
C ALA F 188 -15.41 9.66 -18.99
N ILE F 189 -15.88 10.87 -18.68
CA ILE F 189 -16.56 11.68 -19.67
C ILE F 189 -15.60 11.90 -20.84
N GLN F 190 -14.34 12.22 -20.52
CA GLN F 190 -13.45 12.51 -21.64
C GLN F 190 -13.09 11.26 -22.45
N ALA F 191 -13.32 10.08 -21.91
CA ALA F 191 -13.07 8.83 -22.62
C ALA F 191 -14.27 8.48 -23.48
N GLY F 192 -15.33 9.34 -23.48
CA GLY F 192 -16.51 9.02 -24.29
C GLY F 192 -17.46 8.15 -23.50
N ALA F 193 -17.28 7.98 -22.16
CA ALA F 193 -18.20 7.15 -21.41
C ALA F 193 -19.26 7.98 -20.66
N ASP F 194 -20.28 7.32 -20.09
CA ASP F 194 -21.35 8.01 -19.42
C ASP F 194 -21.13 8.10 -17.92
N GLU F 195 -20.35 7.16 -17.42
CA GLU F 195 -20.13 7.03 -15.96
C GLU F 195 -18.77 6.38 -15.75
N ALA F 196 -18.10 6.67 -14.64
CA ALA F 196 -16.84 6.05 -14.29
C ALA F 196 -17.12 4.77 -13.50
N LEU F 197 -16.39 3.72 -13.86
CA LEU F 197 -16.20 2.62 -12.96
C LEU F 197 -14.93 2.91 -12.15
N MET F 198 -14.89 2.47 -10.87
CA MET F 198 -13.77 2.76 -9.99
C MET F 198 -13.30 1.47 -9.31
N LEU F 199 -11.99 1.29 -9.31
CA LEU F 199 -11.37 0.19 -8.58
C LEU F 199 -11.11 0.61 -7.13
N ASP F 200 -11.00 -0.42 -6.26
CA ASP F 200 -10.64 -0.18 -4.88
C ASP F 200 -9.12 -0.10 -4.75
N PRO F 201 -8.50 0.15 -3.59
CA PRO F 201 -7.04 0.34 -3.52
C PRO F 201 -6.29 -0.92 -3.94
N ASN F 202 -6.95 -2.07 -3.98
CA ASN F 202 -6.21 -3.28 -4.35
C ASN F 202 -6.34 -3.58 -5.82
N GLY F 203 -7.20 -2.83 -6.56
CA GLY F 203 -7.40 -2.94 -8.00
C GLY F 203 -8.61 -3.81 -8.34
N PHE F 204 -9.38 -4.29 -7.33
CA PHE F 204 -10.63 -4.99 -7.61
C PHE F 204 -11.76 -4.00 -7.92
N VAL F 205 -12.78 -4.48 -8.64
CA VAL F 205 -13.87 -3.61 -9.02
C VAL F 205 -14.64 -3.15 -7.80
N SER F 206 -14.91 -1.84 -7.67
CA SER F 206 -15.60 -1.36 -6.49
C SER F 206 -17.02 -0.89 -6.82
N SER F 207 -17.14 0.19 -7.63
CA SER F 207 -18.44 0.84 -7.83
C SER F 207 -18.33 1.83 -8.97
N CYS F 208 -19.47 2.36 -9.40
CA CYS F 208 -19.40 3.53 -10.27
C CYS F 208 -19.29 4.82 -9.45
N ASN F 209 -19.16 5.96 -10.12
CA ASN F 209 -18.97 7.22 -9.40
C ASN F 209 -20.27 7.65 -8.68
N SER F 210 -21.44 7.23 -9.18
CA SER F 210 -22.68 7.69 -8.56
C SER F 210 -23.68 6.56 -8.48
N THR F 211 -23.32 5.35 -8.95
CA THR F 211 -24.23 4.21 -8.86
C THR F 211 -23.40 3.01 -8.42
N ASN F 212 -24.03 1.99 -7.85
CA ASN F 212 -23.34 0.75 -7.54
C ASN F 212 -23.28 -0.10 -8.81
N PHE F 213 -22.28 -1.00 -8.89
CA PHE F 213 -22.03 -1.75 -10.10
C PHE F 213 -22.29 -3.24 -9.87
N PHE F 214 -22.96 -3.86 -10.83
CA PHE F 214 -23.17 -5.30 -10.80
C PHE F 214 -22.75 -5.95 -12.13
N ALA F 215 -22.23 -7.18 -12.08
CA ALA F 215 -22.05 -8.00 -13.27
C ALA F 215 -22.82 -9.33 -13.18
N VAL F 216 -23.13 -9.88 -14.35
CA VAL F 216 -23.77 -11.18 -14.45
C VAL F 216 -22.84 -12.10 -15.21
N ARG F 217 -22.52 -13.23 -14.58
CA ARG F 217 -21.62 -14.25 -15.12
C ARG F 217 -22.31 -15.55 -14.83
N ASN F 218 -22.67 -16.22 -15.94
CA ASN F 218 -23.12 -17.60 -15.86
C ASN F 218 -24.31 -17.73 -14.90
N GLY F 219 -25.35 -16.90 -15.09
CA GLY F 219 -26.55 -16.92 -14.29
C GLY F 219 -26.35 -16.44 -12.85
N ALA F 220 -25.17 -15.89 -12.53
CA ALA F 220 -24.90 -15.44 -11.16
C ALA F 220 -24.70 -13.92 -11.17
N LEU F 221 -25.15 -13.31 -10.06
CA LEU F 221 -24.96 -11.89 -9.82
C LEU F 221 -23.68 -11.64 -9.01
N TRP F 222 -22.83 -10.75 -9.55
CA TRP F 222 -21.56 -10.38 -8.93
C TRP F 222 -21.58 -8.90 -8.63
N THR F 223 -21.12 -8.54 -7.42
CA THR F 223 -20.95 -7.13 -7.03
C THR F 223 -19.84 -7.09 -6.00
N SER F 224 -19.18 -5.92 -5.84
CA SER F 224 -18.09 -5.84 -4.84
C SER F 224 -18.64 -6.05 -3.43
N SER F 225 -17.72 -6.33 -2.47
CA SER F 225 -18.04 -6.46 -1.04
C SER F 225 -18.69 -5.16 -0.53
N GLY F 226 -18.44 -4.00 -1.20
CA GLY F 226 -18.83 -2.70 -0.69
C GLY F 226 -17.91 -2.15 0.39
N ARG F 227 -16.75 -2.79 0.65
CA ARG F 227 -15.82 -2.27 1.65
C ARG F 227 -15.31 -0.87 1.23
N TYR F 228 -15.38 -0.55 -0.07
CA TYR F 228 -14.77 0.67 -0.57
C TYR F 228 -15.71 1.47 -1.48
N CYS F 229 -17.01 1.44 -1.18
CA CYS F 229 -17.90 2.30 -1.96
C CYS F 229 -19.16 2.60 -1.15
N PHE F 230 -20.00 3.55 -1.67
CA PHE F 230 -21.32 3.76 -1.08
CA PHE F 230 -21.30 3.77 -1.10
C PHE F 230 -22.03 2.41 -1.06
N ASN F 231 -22.67 2.10 0.09
CA ASN F 231 -23.46 0.88 0.17
C ASN F 231 -24.90 1.24 -0.16
N GLY F 232 -25.22 1.29 -1.45
CA GLY F 232 -26.49 1.90 -1.82
C GLY F 232 -27.67 1.05 -1.34
N ILE F 233 -28.81 1.74 -1.16
CA ILE F 233 -30.02 1.05 -0.73
C ILE F 233 -30.45 0.15 -1.89
N THR F 234 -30.36 0.70 -3.12
CA THR F 234 -30.75 -0.03 -4.30
C THR F 234 -29.92 -1.29 -4.44
N ARG F 235 -28.59 -1.14 -4.26
CA ARG F 235 -27.68 -2.27 -4.26
C ARG F 235 -28.17 -3.37 -3.31
N ALA F 236 -28.46 -2.97 -2.05
CA ALA F 236 -28.88 -3.88 -1.00
C ALA F 236 -30.17 -4.56 -1.44
N THR F 237 -31.10 -3.78 -2.01
CA THR F 237 -32.39 -4.30 -2.40
C THR F 237 -32.21 -5.40 -3.47
N VAL F 238 -31.33 -5.11 -4.43
CA VAL F 238 -31.17 -6.00 -5.58
C VAL F 238 -30.54 -7.33 -5.14
N VAL F 239 -29.51 -7.25 -4.27
CA VAL F 239 -28.90 -8.41 -3.65
C VAL F 239 -29.97 -9.27 -2.97
N ARG F 240 -30.83 -8.65 -2.15
CA ARG F 240 -31.86 -9.32 -1.35
C ARG F 240 -32.84 -10.01 -2.30
N LEU F 241 -33.31 -9.28 -3.34
CA LEU F 241 -34.25 -9.86 -4.28
C LEU F 241 -33.63 -11.07 -5.00
N ALA F 242 -32.34 -10.95 -5.34
CA ALA F 242 -31.65 -12.02 -6.05
C ALA F 242 -31.64 -13.31 -5.22
N ARG F 243 -31.26 -13.19 -3.95
CA ARG F 243 -31.20 -14.35 -3.04
C ARG F 243 -32.60 -14.93 -2.82
N GLU F 244 -33.61 -14.06 -2.68
CA GLU F 244 -34.97 -14.52 -2.47
C GLU F 244 -35.49 -15.29 -3.68
N ALA F 245 -35.00 -14.96 -4.89
CA ALA F 245 -35.35 -15.63 -6.13
C ALA F 245 -34.44 -16.84 -6.41
N GLY F 246 -33.52 -17.17 -5.45
CA GLY F 246 -32.54 -18.24 -5.62
C GLY F 246 -31.51 -17.97 -6.73
N ILE F 247 -31.33 -16.71 -7.18
CA ILE F 247 -30.21 -16.37 -8.04
C ILE F 247 -28.93 -16.32 -7.19
N PRO F 248 -27.84 -17.03 -7.54
CA PRO F 248 -26.61 -16.96 -6.72
C PRO F 248 -26.01 -15.55 -6.84
N VAL F 249 -25.47 -15.11 -5.70
CA VAL F 249 -24.86 -13.81 -5.55
C VAL F 249 -23.46 -14.01 -5.03
N HIS F 250 -22.50 -13.54 -5.83
CA HIS F 250 -21.07 -13.52 -5.44
C HIS F 250 -20.77 -12.09 -5.04
N GLU F 251 -20.65 -11.83 -3.76
CA GLU F 251 -20.39 -10.49 -3.22
C GLU F 251 -18.97 -10.51 -2.70
N GLY F 252 -18.01 -9.90 -3.38
CA GLY F 252 -16.61 -10.21 -3.16
C GLY F 252 -15.72 -9.63 -4.24
N ASP F 253 -14.44 -9.93 -4.20
CA ASP F 253 -13.45 -9.27 -5.04
C ASP F 253 -13.49 -9.88 -6.43
N PHE F 254 -13.72 -9.04 -7.43
CA PHE F 254 -13.66 -9.46 -8.80
C PHE F 254 -12.95 -8.40 -9.66
N THR F 255 -12.59 -8.79 -10.88
CA THR F 255 -11.62 -8.05 -11.67
C THR F 255 -12.24 -7.45 -12.92
N LEU F 256 -11.50 -6.49 -13.53
CA LEU F 256 -11.81 -6.08 -14.88
C LEU F 256 -11.97 -7.27 -15.85
N ALA F 257 -11.06 -8.27 -15.78
CA ALA F 257 -11.19 -9.42 -16.67
C ALA F 257 -12.54 -10.09 -16.50
N GLU F 258 -13.02 -10.17 -15.25
CA GLU F 258 -14.30 -10.82 -14.98
C GLU F 258 -15.46 -10.00 -15.51
N VAL F 259 -15.27 -8.68 -15.57
CA VAL F 259 -16.27 -7.80 -16.13
C VAL F 259 -16.29 -7.96 -17.65
N TYR F 260 -15.09 -7.89 -18.27
CA TYR F 260 -15.03 -7.91 -19.73
C TYR F 260 -15.62 -9.21 -20.30
N ALA F 261 -15.57 -10.31 -19.51
CA ALA F 261 -16.08 -11.60 -19.93
C ALA F 261 -17.47 -11.84 -19.35
N ALA F 262 -18.11 -10.83 -18.74
CA ALA F 262 -19.42 -11.09 -18.13
C ALA F 262 -20.49 -11.31 -19.22
N ASP F 263 -21.64 -11.88 -18.85
CA ASP F 263 -22.80 -11.95 -19.75
C ASP F 263 -23.54 -10.62 -19.79
N GLU F 264 -23.63 -9.94 -18.65
CA GLU F 264 -24.39 -8.71 -18.54
C GLU F 264 -23.73 -7.84 -17.48
N ALA F 265 -24.10 -6.56 -17.42
CA ALA F 265 -23.72 -5.71 -16.30
C ALA F 265 -24.76 -4.59 -16.20
N PHE F 266 -24.92 -4.04 -14.99
CA PHE F 266 -25.88 -2.97 -14.78
C PHE F 266 -25.46 -2.21 -13.52
N VAL F 267 -26.02 -1.01 -13.37
CA VAL F 267 -25.75 -0.19 -12.19
C VAL F 267 -27.06 0.03 -11.44
N THR F 268 -26.95 0.36 -10.16
CA THR F 268 -28.10 0.62 -9.32
C THR F 268 -27.98 1.96 -8.62
N GLY F 269 -29.13 2.63 -8.48
CA GLY F 269 -29.24 3.81 -7.64
C GLY F 269 -30.70 4.22 -7.50
N THR F 270 -30.99 5.08 -6.52
CA THR F 270 -32.35 5.50 -6.23
C THR F 270 -32.98 6.17 -7.44
N LEU F 271 -32.19 6.94 -8.16
CA LEU F 271 -32.71 7.78 -9.21
C LEU F 271 -33.30 6.95 -10.36
N ALA F 272 -32.53 5.98 -10.84
CA ALA F 272 -32.80 5.31 -12.10
C ALA F 272 -33.16 3.83 -11.88
N GLY F 273 -33.08 3.28 -10.65
CA GLY F 273 -33.26 1.85 -10.46
C GLY F 273 -32.09 1.04 -11.00
N LEU F 274 -32.39 0.06 -11.88
CA LEU F 274 -31.38 -0.71 -12.60
C LEU F 274 -31.15 -0.08 -13.95
N THR F 275 -29.91 0.39 -14.21
CA THR F 275 -29.56 0.82 -15.55
C THR F 275 -28.63 -0.19 -16.20
N PRO F 276 -28.99 -0.80 -17.37
CA PRO F 276 -28.08 -1.72 -18.06
C PRO F 276 -26.79 -1.03 -18.51
N VAL F 277 -25.73 -1.81 -18.61
CA VAL F 277 -24.44 -1.32 -19.07
C VAL F 277 -24.22 -1.93 -20.44
N SER F 278 -23.82 -1.12 -21.42
CA SER F 278 -23.59 -1.67 -22.76
C SER F 278 -22.09 -1.85 -23.05
N SER F 279 -21.21 -1.21 -22.27
CA SER F 279 -19.79 -1.48 -22.38
C SER F 279 -19.01 -0.98 -21.17
N VAL F 280 -17.82 -1.58 -20.99
CA VAL F 280 -16.89 -1.17 -19.95
C VAL F 280 -15.54 -1.12 -20.63
N ASP F 281 -14.90 0.06 -20.61
CA ASP F 281 -13.63 0.29 -21.28
C ASP F 281 -13.72 -0.16 -22.75
N GLY F 282 -14.88 0.08 -23.39
CA GLY F 282 -15.04 -0.24 -24.79
C GLY F 282 -15.32 -1.72 -25.03
N ARG F 283 -15.38 -2.56 -23.98
CA ARG F 283 -15.71 -3.95 -24.20
C ARG F 283 -17.22 -4.10 -24.17
N ALA F 284 -17.82 -4.52 -25.34
CA ALA F 284 -19.27 -4.56 -25.47
C ALA F 284 -19.87 -5.62 -24.54
N LEU F 285 -21.01 -5.26 -23.92
CA LEU F 285 -21.91 -6.20 -23.27
C LEU F 285 -23.32 -5.99 -23.83
N VAL F 286 -24.08 -7.07 -24.03
CA VAL F 286 -25.42 -6.91 -24.56
C VAL F 286 -26.25 -6.20 -23.47
N PRO F 287 -26.82 -5.01 -23.75
CA PRO F 287 -27.60 -4.29 -22.72
C PRO F 287 -28.92 -5.00 -22.44
N LEU F 288 -29.38 -5.04 -21.18
CA LEU F 288 -30.65 -5.65 -20.77
C LEU F 288 -30.69 -7.15 -21.06
N GLY F 289 -29.68 -7.87 -20.60
CA GLY F 289 -29.70 -9.32 -20.66
C GLY F 289 -30.80 -9.92 -19.77
N PRO F 290 -30.98 -11.26 -19.84
CA PRO F 290 -32.10 -11.92 -19.17
C PRO F 290 -32.14 -11.68 -17.65
N LEU F 291 -30.97 -11.73 -17.00
CA LEU F 291 -30.94 -11.63 -15.53
C LEU F 291 -31.13 -10.18 -15.08
N THR F 292 -30.63 -9.22 -15.88
CA THR F 292 -30.92 -7.82 -15.65
C THR F 292 -32.46 -7.63 -15.71
N GLN F 293 -33.12 -8.22 -16.75
CA GLN F 293 -34.54 -8.06 -16.97
C GLN F 293 -35.32 -8.63 -15.78
N ARG F 294 -34.90 -9.77 -15.27
CA ARG F 294 -35.64 -10.43 -14.17
C ARG F 294 -35.51 -9.60 -12.91
N LEU F 295 -34.31 -9.09 -12.63
CA LEU F 295 -34.05 -8.35 -11.40
C LEU F 295 -34.77 -7.01 -11.47
N ASP F 296 -34.78 -6.42 -12.66
CA ASP F 296 -35.51 -5.19 -12.91
C ASP F 296 -37.01 -5.38 -12.63
N ALA F 297 -37.59 -6.49 -13.10
CA ALA F 297 -39.00 -6.73 -12.90
C ALA F 297 -39.24 -6.93 -11.39
N LEU F 298 -38.35 -7.70 -10.71
CA LEU F 298 -38.44 -7.88 -9.27
C LEU F 298 -38.34 -6.54 -8.52
N TYR F 299 -37.43 -5.67 -8.98
CA TYR F 299 -37.26 -4.40 -8.32
C TYR F 299 -38.48 -3.49 -8.54
N ARG F 300 -39.00 -3.44 -9.76
CA ARG F 300 -40.13 -2.53 -10.04
C ARG F 300 -41.33 -3.01 -9.23
N ALA F 301 -41.57 -4.31 -9.19
CA ALA F 301 -42.64 -4.89 -8.38
C ALA F 301 -42.49 -4.45 -6.92
N TYR F 302 -41.27 -4.61 -6.40
CA TYR F 302 -41.00 -4.36 -4.99
C TYR F 302 -41.26 -2.89 -4.65
N ILE F 303 -40.80 -1.95 -5.50
CA ILE F 303 -40.89 -0.56 -5.11
C ILE F 303 -42.34 -0.06 -5.25
N ALA F 304 -43.16 -0.77 -6.06
CA ALA F 304 -44.55 -0.42 -6.29
C ALA F 304 -45.49 -1.14 -5.32
N SER F 305 -44.97 -2.02 -4.43
CA SER F 305 -45.78 -2.80 -3.51
C SER F 305 -45.99 -2.01 -2.22
N ALA F 306 -46.97 -2.45 -1.42
CA ALA F 306 -47.24 -1.87 -0.11
C ALA F 306 -46.34 -2.50 0.96
N ASN F 307 -45.09 -2.84 0.60
CA ASN F 307 -44.08 -3.27 1.55
C ASN F 307 -43.90 -2.31 2.74
N GLU F 308 -43.62 -2.87 3.91
CA GLU F 308 -43.45 -2.08 5.14
C GLU F 308 -42.18 -1.23 5.11
N ALA F 309 -41.20 -1.55 4.22
CA ALA F 309 -39.99 -0.75 4.03
C ALA F 309 -40.30 0.65 3.45
N HIS F 310 -41.46 0.82 2.79
CA HIS F 310 -41.82 2.07 2.12
C HIS F 310 -42.82 2.85 2.95
N GLY F 311 -42.50 4.13 3.21
CA GLY F 311 -43.32 5.04 3.98
C GLY F 311 -44.40 5.65 3.08
N ALA F 312 -45.67 5.23 3.33
CA ALA F 312 -46.86 5.79 2.72
C ALA F 312 -46.99 7.27 3.10
N LEU F 313 -47.13 8.13 2.10
CA LEU F 313 -47.57 9.50 2.23
C LEU F 313 -49.00 9.52 2.79
N PRO F 314 -49.45 10.54 3.59
CA PRO F 314 -50.83 10.60 4.11
C PRO F 314 -52.05 10.63 3.16
C1 GOL G . 10.29 -7.72 41.31
O1 GOL G . 11.28 -7.30 42.23
C2 GOL G . 9.06 -6.82 41.41
O2 GOL G . 8.43 -7.04 42.68
C3 GOL G . 8.07 -7.19 40.36
O3 GOL G . 6.95 -6.31 40.24
C1 GOL H . 20.79 -24.73 6.18
O1 GOL H . 21.59 -24.45 5.03
C2 GOL H . 21.39 -24.10 7.43
O2 GOL H . 21.10 -24.95 8.54
C3 GOL H . 22.87 -23.70 7.33
O3 GOL H . 23.09 -22.29 7.07
C5A PLP I . 24.17 -1.08 12.83
O4P PLP I . 24.53 0.34 12.62
P PLP I . 25.70 1.21 13.40
O1P PLP I . 25.03 2.35 13.92
O2P PLP I . 26.81 1.81 12.54
O3P PLP I . 26.39 0.37 14.42
P PO4 J . 21.76 -6.66 16.85
O1 PO4 J . 20.68 -6.79 18.06
O2 PO4 J . 22.10 -8.00 16.33
O3 PO4 J . 23.08 -5.94 17.36
O4 PO4 J . 21.07 -5.92 15.83
C1 GOL K . 25.57 -15.83 30.83
O1 GOL K . 25.93 -16.49 32.04
C2 GOL K . 26.69 -15.55 29.81
O2 GOL K . 27.89 -16.29 30.01
C3 GOL K . 26.29 -15.78 28.36
O3 GOL K . 27.11 -15.05 27.44
C1 PEG L . 28.71 -11.33 12.40
O1 PEG L . 29.32 -10.03 12.33
C2 PEG L . 27.65 -11.61 11.28
O2 PEG L . 27.84 -12.78 10.44
C3 PEG L . 28.27 -14.03 11.03
C4 PEG L . 27.26 -15.22 10.94
O4 PEG L . 27.36 -16.11 9.75
C1 PEG M . 16.75 -22.39 18.66
O1 PEG M . 15.55 -22.44 19.64
C2 PEG M . 16.88 -21.24 17.52
O2 PEG M . 17.19 -21.79 16.17
C3 PEG M . 16.98 -21.04 14.91
C4 PEG M . 18.18 -21.19 13.93
O4 PEG M . 17.99 -20.65 12.54
C1 PEG N . -20.22 7.21 29.84
O1 PEG N . -19.81 6.25 30.79
C2 PEG N . -19.95 6.83 28.31
O2 PEG N . -21.10 6.63 27.45
C3 PEG N . -22.27 7.47 27.70
C4 PEG N . -23.54 7.03 26.99
O4 PEG N . -23.82 7.71 25.71
N1 PLP O . -4.46 -8.87 22.07
C2 PLP O . -3.19 -9.20 22.23
C2A PLP O . -2.15 -8.43 21.50
C3 PLP O . -2.85 -10.22 23.12
O3 PLP O . -1.61 -10.60 23.33
C4 PLP O . -3.84 -10.95 23.78
C4A PLP O . -3.27 -11.95 24.66
O4A PLP O . -2.11 -11.87 25.02
C5 PLP O . -5.16 -10.49 23.65
C6 PLP O . -5.43 -9.50 22.75
C5A PLP O . -6.33 -11.12 24.35
O4P PLP O . -6.35 -12.51 23.88
P PLP O . -6.56 -13.68 24.91
O1P PLP O . -8.01 -13.74 25.10
O2P PLP O . -5.80 -13.33 26.19
O3P PLP O . -6.21 -14.90 24.21
P PO4 P . 0.48 -7.62 27.29
O1 PO4 P . 0.26 -6.29 27.88
O2 PO4 P . 2.01 -7.73 26.91
O3 PO4 P . -0.34 -7.64 26.00
O4 PO4 P . 0.11 -8.70 28.23
C1 GOL Q . 5.99 -9.81 -40.50
O1 GOL Q . 6.65 -8.55 -40.56
C2 GOL Q . 6.20 -10.77 -41.65
O2 GOL Q . 6.83 -10.21 -42.80
C3 GOL Q . 6.83 -12.10 -41.26
O3 GOL Q . 6.90 -12.97 -42.38
C5A PLP R . 12.52 3.03 -23.68
O4P PLP R . 12.88 4.30 -24.43
P PLP R . 14.36 4.36 -25.14
O1P PLP R . 15.36 3.60 -24.37
O2P PLP R . 14.13 3.65 -26.41
O3P PLP R . 14.87 5.73 -25.47
P PO4 S . 7.82 -1.82 -27.56
O1 PO4 S . 8.03 -1.03 -26.22
O2 PO4 S . 6.51 -1.38 -28.31
O3 PO4 S . 9.04 -1.61 -28.52
O4 PO4 S . 7.72 -3.31 -27.09
C1 GOL T . 12.97 -28.24 -30.74
O1 GOL T . 14.17 -28.39 -31.49
C2 GOL T . 12.92 -29.20 -29.55
O2 GOL T . 13.59 -30.45 -29.68
C3 GOL T . 13.43 -28.69 -28.25
O3 GOL T . 12.65 -29.30 -27.24
C5A PLP U . -2.38 -23.53 -12.89
O4P PLP U . -2.92 -24.86 -12.46
P PLP U . -3.85 -25.94 -13.35
O1P PLP U . -4.45 -26.90 -12.43
O2P PLP U . -5.00 -25.30 -14.11
O3P PLP U . -2.81 -26.57 -14.34
P PO4 V . 4.47 -22.86 -16.71
O1 PO4 V . 3.66 -22.31 -15.68
O2 PO4 V . 3.81 -24.08 -17.29
O3 PO4 V . 5.78 -23.31 -16.19
O4 PO4 V . 4.61 -21.63 -17.65
C1 GOL W . -16.30 17.19 17.63
O1 GOL W . -14.88 17.28 17.77
C2 GOL W . -16.95 18.56 17.77
O2 GOL W . -16.31 19.39 16.81
C3 GOL W . -18.44 18.54 17.53
O3 GOL W . -18.75 18.51 16.13
C1 PEG X . -28.33 33.31 -6.15
O1 PEG X . -29.52 33.74 -5.40
C2 PEG X . -26.95 33.71 -5.52
O2 PEG X . -26.56 35.09 -5.72
C3 PEG X . -26.33 35.54 -7.07
C4 PEG X . -26.39 37.07 -7.25
O4 PEG X . -25.45 37.87 -6.44
C1 PEG Y . 17.11 25.71 19.76
O1 PEG Y . 16.40 25.95 18.42
C2 PEG Y . 16.39 26.01 21.17
O2 PEG Y . 15.24 25.17 21.46
C3 PEG Y . 14.32 25.64 22.50
C4 PEG Y . 12.99 26.42 22.05
O4 PEG Y . 11.85 25.68 21.23
C1 GOL Z . -8.16 50.31 8.36
O1 GOL Z . -7.58 51.52 7.92
C2 GOL Z . -8.85 49.77 7.13
O2 GOL Z . -8.03 48.79 6.50
C3 GOL Z . -10.28 49.34 7.38
O3 GOL Z . -11.22 50.36 7.02
C5A PLP AA . -2.47 26.26 2.86
O4P PLP AA . -1.53 27.30 3.36
P PLP AA . -1.49 28.88 2.72
O1P PLP AA . -2.72 29.63 3.29
O2P PLP AA . -1.65 28.80 1.23
O3P PLP AA . -0.13 29.56 3.03
P PO4 BA . -9.80 25.94 5.84
O1 PO4 BA . -10.04 25.65 7.35
O2 PO4 BA . -9.38 27.42 5.80
O3 PO4 BA . -11.01 25.58 5.01
O4 PO4 BA . -8.69 24.98 5.28
C1 GOL CA . -22.69 34.18 9.03
O1 GOL CA . -21.49 34.73 9.60
C2 GOL CA . -23.78 35.20 8.77
O2 GOL CA . -23.38 36.40 9.43
C3 GOL CA . -25.09 34.73 9.36
O3 GOL CA . -26.12 34.58 8.38
C1 GOL DA . -31.66 25.93 -10.42
O1 GOL DA . -31.72 24.73 -11.18
C2 GOL DA . -32.21 27.11 -11.18
O2 GOL DA . -33.60 26.88 -11.36
C3 GOL DA . -32.00 28.40 -10.44
O3 GOL DA . -31.61 28.14 -9.09
C1 PEG EA . -44.37 22.45 7.33
O1 PEG EA . -45.42 22.01 6.44
C2 PEG EA . -43.85 23.84 7.00
O2 PEG EA . -44.89 24.81 7.12
C3 PEG EA . -45.46 25.31 5.91
C4 PEG EA . -45.27 26.79 5.92
O4 PEG EA . -43.89 27.13 6.15
C5A PLP FA . -26.62 5.35 -4.90
O4P PLP FA . -27.19 4.36 -3.98
P PLP FA . -28.77 4.36 -3.58
O1P PLP FA . -28.62 4.34 -2.08
O2P PLP FA . -29.49 3.18 -4.10
O3P PLP FA . -29.44 5.68 -4.09
P PO4 GA . -24.83 12.28 -6.66
O1 PO4 GA . -26.31 12.10 -6.31
O2 PO4 GA . -24.02 11.04 -6.30
O3 PO4 GA . -24.24 13.46 -5.90
O4 PO4 GA . -24.77 12.52 -8.09
#